data_3FDL
# 
_entry.id   3FDL 
# 
_audit_conform.dict_name       mmcif_pdbx.dic 
_audit_conform.dict_version    5.380 
_audit_conform.dict_location   http://mmcif.pdb.org/dictionaries/ascii/mmcif_pdbx.dic 
# 
loop_
_database_2.database_id 
_database_2.database_code 
_database_2.pdbx_database_accession 
_database_2.pdbx_DOI 
PDB   3FDL         pdb_00003fdl 10.2210/pdb3fdl/pdb 
RCSB  RCSB050457   ?            ?                   
WWPDB D_1000050457 ?            ?                   
# 
_pdbx_database_related.db_name        PDB 
_pdbx_database_related.db_id          3FDM 
_pdbx_database_related.details        'alpha/beta foldamer in complex with Bcl-xL' 
_pdbx_database_related.content_type   unspecified 
# 
_pdbx_database_status.status_code                     REL 
_pdbx_database_status.entry_id                        3FDL 
_pdbx_database_status.recvd_initial_deposition_date   2008-11-26 
_pdbx_database_status.deposit_site                    RCSB 
_pdbx_database_status.process_site                    PDBJ 
_pdbx_database_status.status_code_sf                  REL 
_pdbx_database_status.status_code_mr                  ? 
_pdbx_database_status.SG_entry                        ? 
_pdbx_database_status.pdb_format_compatible           Y 
_pdbx_database_status.status_code_cs                  ? 
_pdbx_database_status.methods_development_category    ? 
_pdbx_database_status.status_code_nmr_data            ? 
# 
loop_
_audit_author.name 
_audit_author.pdbx_ordinal 
'Fairlie, W.D.'  1 
'Lee, E.F.'      2 
'Smith, B.J.'    3 
'Czabotar, P.E.' 4 
'Colman, P.M.'   5 
# 
_citation.id                        primary 
_citation.title                     
'High-Resolution Structural Characterization of a Helical alpha/beta-Peptide Foldamer Bound to the Anti-Apoptotic Protein Bcl-x(L)' 
_citation.journal_abbrev            Angew.Chem.Int.Ed.Engl. 
_citation.journal_volume            48 
_citation.page_first                4318 
_citation.page_last                 4322 
_citation.year                      2009 
_citation.journal_id_ASTM           ? 
_citation.country                   GE 
_citation.journal_id_ISSN           1433-7851 
_citation.journal_id_CSD            9999 
_citation.book_publisher            ? 
_citation.pdbx_database_id_PubMed   19229915 
_citation.pdbx_database_id_DOI      10.1002/anie.200805761 
# 
loop_
_citation_author.citation_id 
_citation_author.name 
_citation_author.ordinal 
_citation_author.identifier_ORCID 
primary 'Lee, E.F.'              1 ? 
primary 'Sadowsky, J.D.'         2 ? 
primary 'Smith, B.J.'            3 ? 
primary 'Czabotar, P.E.'         4 ? 
primary 'Peterson-Kaufman, K.J.' 5 ? 
primary 'Colman, P.M.'           6 ? 
primary 'Gellman, S.H.'          7 ? 
primary 'Fairlie, W.D.'          8 ? 
# 
_cell.entry_id           3FDL 
_cell.length_a           74.111 
_cell.length_b           35.684 
_cell.length_c           62.760 
_cell.angle_alpha        90.00 
_cell.angle_beta         111.54 
_cell.angle_gamma        90.00 
_cell.Z_PDB              4 
_cell.pdbx_unique_axis   ? 
_cell.length_a_esd       ? 
_cell.length_b_esd       ? 
_cell.length_c_esd       ? 
_cell.angle_alpha_esd    ? 
_cell.angle_beta_esd     ? 
_cell.angle_gamma_esd    ? 
# 
_symmetry.entry_id                         3FDL 
_symmetry.space_group_name_H-M             'C 1 2 1' 
_symmetry.pdbx_full_space_group_name_H-M   ? 
_symmetry.cell_setting                     ? 
_symmetry.Int_Tables_number                5 
_symmetry.space_group_name_Hall            ? 
# 
loop_
_entity.id 
_entity.type 
_entity.src_method 
_entity.pdbx_description 
_entity.formula_weight 
_entity.pdbx_number_of_molecules 
_entity.pdbx_ec 
_entity.pdbx_mutation 
_entity.pdbx_fragment 
_entity.details 
1 polymer man 'Apoptosis regulator Bcl-X' 17917.959 1   ? ? 'residue 1-209, Deletion of amino acids 27 to 82' ? 
2 polymer syn 'Bcl-2-like protein 11'     3274.691  1   ? ? 'BH3 domain, UNP residues 141-166'                ? 
3 water   nat water                       18.015    209 ? ? ?                                                 ? 
# 
loop_
_entity_name_com.entity_id 
_entity_name_com.name 
1 'Bcl-xL, Bcl-2-like 1 protein'            
2 'Bcl2-interacting mediator of cell death' 
# 
loop_
_entity_poly.entity_id 
_entity_poly.type 
_entity_poly.nstd_linkage 
_entity_poly.nstd_monomer 
_entity_poly.pdbx_seq_one_letter_code 
_entity_poly.pdbx_seq_one_letter_code_can 
_entity_poly.pdbx_strand_id 
_entity_poly.pdbx_target_identifier 
1 'polypeptide(L)' no no 
;GPLGSMSQSNRELVVDFLSYKLSQKGYSWSQMAAVKQALREAGDEFELRYRRAFSDLTSQLHITPGTAYQSFEQVVNELF
RDGVNWGRIVAFFSFGGALCVESVDKEMQVLVSRIAAWMATYLNDHLEPWIQENGGWDTFVELYGNNAAAESRKGQER
;
;GPLGSMSQSNRELVVDFLSYKLSQKGYSWSQMAAVKQALREAGDEFELRYRRAFSDLTSQLHITPGTAYQSFEQVVNELF
RDGVNWGRIVAFFSFGGALCVESVDKEMQVLVSRIAAWMATYLNDHLEPWIQENGGWDTFVELYGNNAAAESRKGQER
;
A ? 
2 'polypeptide(L)' no no DMRPEIWIAQELRRIGDEFNAYYARR DMRPEIWIAQELRRIGDEFNAYYARR B ? 
# 
loop_
_entity_poly_seq.entity_id 
_entity_poly_seq.num 
_entity_poly_seq.mon_id 
_entity_poly_seq.hetero 
1 1   GLY n 
1 2   PRO n 
1 3   LEU n 
1 4   GLY n 
1 5   SER n 
1 6   MET n 
1 7   SER n 
1 8   GLN n 
1 9   SER n 
1 10  ASN n 
1 11  ARG n 
1 12  GLU n 
1 13  LEU n 
1 14  VAL n 
1 15  VAL n 
1 16  ASP n 
1 17  PHE n 
1 18  LEU n 
1 19  SER n 
1 20  TYR n 
1 21  LYS n 
1 22  LEU n 
1 23  SER n 
1 24  GLN n 
1 25  LYS n 
1 26  GLY n 
1 27  TYR n 
1 28  SER n 
1 29  TRP n 
1 30  SER n 
1 31  GLN n 
1 32  MET n 
1 33  ALA n 
1 34  ALA n 
1 35  VAL n 
1 36  LYS n 
1 37  GLN n 
1 38  ALA n 
1 39  LEU n 
1 40  ARG n 
1 41  GLU n 
1 42  ALA n 
1 43  GLY n 
1 44  ASP n 
1 45  GLU n 
1 46  PHE n 
1 47  GLU n 
1 48  LEU n 
1 49  ARG n 
1 50  TYR n 
1 51  ARG n 
1 52  ARG n 
1 53  ALA n 
1 54  PHE n 
1 55  SER n 
1 56  ASP n 
1 57  LEU n 
1 58  THR n 
1 59  SER n 
1 60  GLN n 
1 61  LEU n 
1 62  HIS n 
1 63  ILE n 
1 64  THR n 
1 65  PRO n 
1 66  GLY n 
1 67  THR n 
1 68  ALA n 
1 69  TYR n 
1 70  GLN n 
1 71  SER n 
1 72  PHE n 
1 73  GLU n 
1 74  GLN n 
1 75  VAL n 
1 76  VAL n 
1 77  ASN n 
1 78  GLU n 
1 79  LEU n 
1 80  PHE n 
1 81  ARG n 
1 82  ASP n 
1 83  GLY n 
1 84  VAL n 
1 85  ASN n 
1 86  TRP n 
1 87  GLY n 
1 88  ARG n 
1 89  ILE n 
1 90  VAL n 
1 91  ALA n 
1 92  PHE n 
1 93  PHE n 
1 94  SER n 
1 95  PHE n 
1 96  GLY n 
1 97  GLY n 
1 98  ALA n 
1 99  LEU n 
1 100 CYS n 
1 101 VAL n 
1 102 GLU n 
1 103 SER n 
1 104 VAL n 
1 105 ASP n 
1 106 LYS n 
1 107 GLU n 
1 108 MET n 
1 109 GLN n 
1 110 VAL n 
1 111 LEU n 
1 112 VAL n 
1 113 SER n 
1 114 ARG n 
1 115 ILE n 
1 116 ALA n 
1 117 ALA n 
1 118 TRP n 
1 119 MET n 
1 120 ALA n 
1 121 THR n 
1 122 TYR n 
1 123 LEU n 
1 124 ASN n 
1 125 ASP n 
1 126 HIS n 
1 127 LEU n 
1 128 GLU n 
1 129 PRO n 
1 130 TRP n 
1 131 ILE n 
1 132 GLN n 
1 133 GLU n 
1 134 ASN n 
1 135 GLY n 
1 136 GLY n 
1 137 TRP n 
1 138 ASP n 
1 139 THR n 
1 140 PHE n 
1 141 VAL n 
1 142 GLU n 
1 143 LEU n 
1 144 TYR n 
1 145 GLY n 
1 146 ASN n 
1 147 ASN n 
1 148 ALA n 
1 149 ALA n 
1 150 ALA n 
1 151 GLU n 
1 152 SER n 
1 153 ARG n 
1 154 LYS n 
1 155 GLY n 
1 156 GLN n 
1 157 GLU n 
1 158 ARG n 
2 1   ASP n 
2 2   MET n 
2 3   ARG n 
2 4   PRO n 
2 5   GLU n 
2 6   ILE n 
2 7   TRP n 
2 8   ILE n 
2 9   ALA n 
2 10  GLN n 
2 11  GLU n 
2 12  LEU n 
2 13  ARG n 
2 14  ARG n 
2 15  ILE n 
2 16  GLY n 
2 17  ASP n 
2 18  GLU n 
2 19  PHE n 
2 20  ASN n 
2 21  ALA n 
2 22  TYR n 
2 23  TYR n 
2 24  ALA n 
2 25  ARG n 
2 26  ARG n 
# 
loop_
_entity_src_gen.entity_id 
_entity_src_gen.pdbx_src_id 
_entity_src_gen.pdbx_alt_source_flag 
_entity_src_gen.pdbx_seq_type 
_entity_src_gen.pdbx_beg_seq_num 
_entity_src_gen.pdbx_end_seq_num 
_entity_src_gen.gene_src_common_name 
_entity_src_gen.gene_src_genus 
_entity_src_gen.pdbx_gene_src_gene 
_entity_src_gen.gene_src_species 
_entity_src_gen.gene_src_strain 
_entity_src_gen.gene_src_tissue 
_entity_src_gen.gene_src_tissue_fraction 
_entity_src_gen.gene_src_details 
_entity_src_gen.pdbx_gene_src_fragment 
_entity_src_gen.pdbx_gene_src_scientific_name 
_entity_src_gen.pdbx_gene_src_ncbi_taxonomy_id 
_entity_src_gen.pdbx_gene_src_variant 
_entity_src_gen.pdbx_gene_src_cell_line 
_entity_src_gen.pdbx_gene_src_atcc 
_entity_src_gen.pdbx_gene_src_organ 
_entity_src_gen.pdbx_gene_src_organelle 
_entity_src_gen.pdbx_gene_src_cell 
_entity_src_gen.pdbx_gene_src_cellular_location 
_entity_src_gen.host_org_common_name 
_entity_src_gen.pdbx_host_org_scientific_name 
_entity_src_gen.pdbx_host_org_ncbi_taxonomy_id 
_entity_src_gen.host_org_genus 
_entity_src_gen.pdbx_host_org_gene 
_entity_src_gen.pdbx_host_org_organ 
_entity_src_gen.host_org_species 
_entity_src_gen.pdbx_host_org_tissue 
_entity_src_gen.pdbx_host_org_tissue_fraction 
_entity_src_gen.pdbx_host_org_strain 
_entity_src_gen.pdbx_host_org_variant 
_entity_src_gen.pdbx_host_org_cell_line 
_entity_src_gen.pdbx_host_org_atcc 
_entity_src_gen.pdbx_host_org_culture_collection 
_entity_src_gen.pdbx_host_org_cell 
_entity_src_gen.pdbx_host_org_organelle 
_entity_src_gen.pdbx_host_org_cellular_location 
_entity_src_gen.pdbx_host_org_vector_type 
_entity_src_gen.pdbx_host_org_vector 
_entity_src_gen.host_org_details 
_entity_src_gen.expression_system_id 
_entity_src_gen.plasmid_name 
_entity_src_gen.plasmid_details 
_entity_src_gen.pdbx_description 
1 1 sample ? 6  31  Human ? Bcl-x ? ? ? ? ? ? 'Homo sapiens' 9606 ? ? ? ? ? ? ? ? 'Escherichia coli' 469008 ? ? ? ? ? ? 
'BL21 (DE3)' ? ? ? ? ? ? ? plasmid ? ? ? pGEX-6p3 ? ? 
1 2 sample ? 32 158 Human ? Bcl-x ? ? ? ? ? ? 'Homo sapiens' 9606 ? ? ? ? ? ? ? ? 'Escherichia coli' 469008 ? ? ? ? ? ? 
'BL21 (DE3)' ? ? ? ? ? ? ? plasmid ? ? ? pGEX-6p3 ? ? 
# 
_pdbx_entity_src_syn.entity_id              2 
_pdbx_entity_src_syn.pdbx_src_id            1 
_pdbx_entity_src_syn.pdbx_alt_source_flag   sample 
_pdbx_entity_src_syn.pdbx_beg_seq_num       ? 
_pdbx_entity_src_syn.pdbx_end_seq_num       ? 
_pdbx_entity_src_syn.organism_scientific    'synthetic construct' 
_pdbx_entity_src_syn.organism_common_name   ? 
_pdbx_entity_src_syn.ncbi_taxonomy_id       32630 
_pdbx_entity_src_syn.details                'Chemically synthesized' 
# 
loop_
_struct_ref.id 
_struct_ref.db_name 
_struct_ref.db_code 
_struct_ref.pdbx_db_accession 
_struct_ref.entity_id 
_struct_ref.pdbx_seq_one_letter_code 
_struct_ref.pdbx_align_begin 
_struct_ref.pdbx_db_isoform 
1 UNP BCLX_HUMAN Q07817 1 MSQSNRELVVDFLSYKLSQKGYSWSQ 1   ? 
2 UNP BCLX_HUMAN Q07817 1 
;MAAVKQALREAGDEFELRYRRAFSDLTSQLHITPGTAYQSFEQVVNELFRDGVNWGRIVAFFSFGGALCVESVDKEMQVL
VSRIAAWMATYLNDHLEPWIQENGGWDTFVELYGNNAAAESRKGQER
;
83  ? 
3 UNP BIM_HUMAN  O43521 2 DMRPEIWIAQELRRIGDEFNAYYARR 141 ? 
# 
loop_
_struct_ref_seq.align_id 
_struct_ref_seq.ref_id 
_struct_ref_seq.pdbx_PDB_id_code 
_struct_ref_seq.pdbx_strand_id 
_struct_ref_seq.seq_align_beg 
_struct_ref_seq.pdbx_seq_align_beg_ins_code 
_struct_ref_seq.seq_align_end 
_struct_ref_seq.pdbx_seq_align_end_ins_code 
_struct_ref_seq.pdbx_db_accession 
_struct_ref_seq.db_align_beg 
_struct_ref_seq.pdbx_db_align_beg_ins_code 
_struct_ref_seq.db_align_end 
_struct_ref_seq.pdbx_db_align_end_ins_code 
_struct_ref_seq.pdbx_auth_seq_align_beg 
_struct_ref_seq.pdbx_auth_seq_align_end 
1 1 3FDL A 6  ? 31  ? Q07817 1   ? 26  ? 1  26  
2 2 3FDL A 32 ? 158 ? Q07817 83  ? 209 ? 83 209 
3 3 3FDL B 1  ? 26  ? O43521 141 ? 166 ? 83 108 
# 
loop_
_struct_ref_seq_dif.align_id 
_struct_ref_seq_dif.pdbx_pdb_id_code 
_struct_ref_seq_dif.mon_id 
_struct_ref_seq_dif.pdbx_pdb_strand_id 
_struct_ref_seq_dif.seq_num 
_struct_ref_seq_dif.pdbx_pdb_ins_code 
_struct_ref_seq_dif.pdbx_seq_db_name 
_struct_ref_seq_dif.pdbx_seq_db_accession_code 
_struct_ref_seq_dif.db_mon_id 
_struct_ref_seq_dif.pdbx_seq_db_seq_num 
_struct_ref_seq_dif.details 
_struct_ref_seq_dif.pdbx_auth_seq_num 
_struct_ref_seq_dif.pdbx_ordinal 
1 3FDL GLY A 1 ? UNP Q07817 ? ? 'expression tag' -5 1 
1 3FDL PRO A 2 ? UNP Q07817 ? ? 'expression tag' -4 2 
1 3FDL LEU A 3 ? UNP Q07817 ? ? 'expression tag' -3 3 
1 3FDL GLY A 4 ? UNP Q07817 ? ? 'expression tag' -2 4 
1 3FDL SER A 5 ? UNP Q07817 ? ? 'expression tag' -1 5 
# 
loop_
_chem_comp.id 
_chem_comp.type 
_chem_comp.mon_nstd_flag 
_chem_comp.name 
_chem_comp.pdbx_synonyms 
_chem_comp.formula 
_chem_comp.formula_weight 
ALA 'L-peptide linking' y ALANINE         ? 'C3 H7 N O2'     89.093  
ARG 'L-peptide linking' y ARGININE        ? 'C6 H15 N4 O2 1' 175.209 
ASN 'L-peptide linking' y ASPARAGINE      ? 'C4 H8 N2 O3'    132.118 
ASP 'L-peptide linking' y 'ASPARTIC ACID' ? 'C4 H7 N O4'     133.103 
CYS 'L-peptide linking' y CYSTEINE        ? 'C3 H7 N O2 S'   121.158 
GLN 'L-peptide linking' y GLUTAMINE       ? 'C5 H10 N2 O3'   146.144 
GLU 'L-peptide linking' y 'GLUTAMIC ACID' ? 'C5 H9 N O4'     147.129 
GLY 'peptide linking'   y GLYCINE         ? 'C2 H5 N O2'     75.067  
HIS 'L-peptide linking' y HISTIDINE       ? 'C6 H10 N3 O2 1' 156.162 
HOH non-polymer         . WATER           ? 'H2 O'           18.015  
ILE 'L-peptide linking' y ISOLEUCINE      ? 'C6 H13 N O2'    131.173 
LEU 'L-peptide linking' y LEUCINE         ? 'C6 H13 N O2'    131.173 
LYS 'L-peptide linking' y LYSINE          ? 'C6 H15 N2 O2 1' 147.195 
MET 'L-peptide linking' y METHIONINE      ? 'C5 H11 N O2 S'  149.211 
PHE 'L-peptide linking' y PHENYLALANINE   ? 'C9 H11 N O2'    165.189 
PRO 'L-peptide linking' y PROLINE         ? 'C5 H9 N O2'     115.130 
SER 'L-peptide linking' y SERINE          ? 'C3 H7 N O3'     105.093 
THR 'L-peptide linking' y THREONINE       ? 'C4 H9 N O3'     119.119 
TRP 'L-peptide linking' y TRYPTOPHAN      ? 'C11 H12 N2 O2'  204.225 
TYR 'L-peptide linking' y TYROSINE        ? 'C9 H11 N O3'    181.189 
VAL 'L-peptide linking' y VALINE          ? 'C5 H11 N O2'    117.146 
# 
_exptl.entry_id          3FDL 
_exptl.method            'X-RAY DIFFRACTION' 
_exptl.crystals_number   1 
# 
_exptl_crystal.id                    1 
_exptl_crystal.density_meas          ? 
_exptl_crystal.density_Matthews      1.82 
_exptl_crystal.density_percent_sol   32.46 
_exptl_crystal.description           ? 
_exptl_crystal.F_000                 ? 
_exptl_crystal.preparation           ? 
# 
_exptl_crystal_grow.crystal_id      1 
_exptl_crystal_grow.method          'VAPOR DIFFUSION, SITTING DROP' 
_exptl_crystal_grow.temp            293 
_exptl_crystal_grow.temp_details    ? 
_exptl_crystal_grow.pH              6.5 
_exptl_crystal_grow.pdbx_details    
'1M Sodium citrate, 0.1M Sodium cacodylate, pH 6.5, VAPOR DIFFUSION, SITTING DROP, temperature 293K' 
_exptl_crystal_grow.pdbx_pH_range   . 
# 
_diffrn.id                     1 
_diffrn.ambient_temp           100 
_diffrn.ambient_temp_details   ? 
_diffrn.crystal_id             1 
# 
_diffrn_detector.diffrn_id              1 
_diffrn_detector.detector               'IMAGE PLATE' 
_diffrn_detector.type                   'RIGAKU RAXIS IV++' 
_diffrn_detector.pdbx_collection_date   2007-12-03 
_diffrn_detector.details                'AXCO capillary optic' 
# 
_diffrn_radiation.diffrn_id                        1 
_diffrn_radiation.wavelength_id                    1 
_diffrn_radiation.pdbx_monochromatic_or_laue_m_l   M 
_diffrn_radiation.monochromator                    'Ni filter' 
_diffrn_radiation.pdbx_diffrn_protocol             'SINGLE WAVELENGTH' 
_diffrn_radiation.pdbx_scattering_type             x-ray 
# 
_diffrn_radiation_wavelength.id           1 
_diffrn_radiation_wavelength.wavelength   1.54 
_diffrn_radiation_wavelength.wt           1.0 
# 
_diffrn_source.diffrn_id                   1 
_diffrn_source.source                      'ROTATING ANODE' 
_diffrn_source.type                        'RIGAKU MICROMAX-007' 
_diffrn_source.pdbx_synchrotron_site       ? 
_diffrn_source.pdbx_synchrotron_beamline   ? 
_diffrn_source.pdbx_wavelength             ? 
_diffrn_source.pdbx_wavelength_list        1.54 
# 
_reflns.entry_id                     3FDL 
_reflns.observed_criterion_sigma_I   0 
_reflns.observed_criterion_sigma_F   0 
_reflns.d_resolution_low             50.00 
_reflns.d_resolution_high            1.78 
_reflns.number_obs                   14264 
_reflns.number_all                   14858 
_reflns.percent_possible_obs         96.0 
_reflns.pdbx_Rmerge_I_obs            0.046 
_reflns.pdbx_Rsym_value              ? 
_reflns.pdbx_netI_over_sigmaI        ? 
_reflns.B_iso_Wilson_estimate        ? 
_reflns.pdbx_redundancy              5.7 
_reflns.R_free_details               ? 
_reflns.limit_h_max                  ? 
_reflns.limit_h_min                  ? 
_reflns.limit_k_max                  ? 
_reflns.limit_k_min                  ? 
_reflns.limit_l_max                  ? 
_reflns.limit_l_min                  ? 
_reflns.observed_criterion_F_max     ? 
_reflns.observed_criterion_F_min     ? 
_reflns.pdbx_chi_squared             ? 
_reflns.pdbx_scaling_rejects         ? 
_reflns.pdbx_diffrn_id               1 
_reflns.pdbx_ordinal                 1 
# 
_reflns_shell.d_res_high             1.78 
_reflns_shell.d_res_low              1.84 
_reflns_shell.percent_possible_all   94.9 
_reflns_shell.Rmerge_I_obs           0.163 
_reflns_shell.pdbx_Rsym_value        ? 
_reflns_shell.meanI_over_sigI_obs    11.1 
_reflns_shell.pdbx_redundancy        5.8 
_reflns_shell.percent_possible_obs   ? 
_reflns_shell.number_unique_all      1463 
_reflns_shell.number_measured_all    ? 
_reflns_shell.number_measured_obs    ? 
_reflns_shell.number_unique_obs      ? 
_reflns_shell.pdbx_chi_squared       ? 
_reflns_shell.pdbx_diffrn_id         ? 
_reflns_shell.pdbx_ordinal           1 
# 
_refine.entry_id                                 3FDL 
_refine.ls_number_reflns_obs                     13529 
_refine.ls_number_reflns_all                     14140 
_refine.pdbx_ls_sigma_I                          ? 
_refine.pdbx_ls_sigma_F                          0 
_refine.pdbx_data_cutoff_high_absF               ? 
_refine.pdbx_data_cutoff_low_absF                ? 
_refine.pdbx_data_cutoff_high_rms_absF           ? 
_refine.ls_d_res_low                             29.19 
_refine.ls_d_res_high                            1.78 
_refine.ls_percent_reflns_obs                    95.68 
_refine.ls_R_factor_obs                          0.16295 
_refine.ls_R_factor_all                          0.16295 
_refine.ls_R_factor_R_work                       0.16045 
_refine.ls_R_factor_R_free                       0.20769 
_refine.ls_R_factor_R_free_error                 ? 
_refine.ls_R_factor_R_free_error_details         ? 
_refine.ls_percent_reflns_R_free                 5.1 
_refine.ls_number_reflns_R_free                  728 
_refine.ls_number_parameters                     ? 
_refine.ls_number_restraints                     ? 
_refine.occupancy_min                            ? 
_refine.occupancy_max                            ? 
_refine.correlation_coeff_Fo_to_Fc               0.961 
_refine.correlation_coeff_Fo_to_Fc_free          0.952 
_refine.B_iso_mean                               16.516 
_refine.aniso_B[1][1]                            -0.55 
_refine.aniso_B[2][2]                            -0.49 
_refine.aniso_B[3][3]                            0.74 
_refine.aniso_B[1][2]                            0.00 
_refine.aniso_B[1][3]                            -0.41 
_refine.aniso_B[2][3]                            0.00 
_refine.solvent_model_details                    MASK 
_refine.solvent_model_param_ksol                 ? 
_refine.solvent_model_param_bsol                 ? 
_refine.pdbx_solvent_vdw_probe_radii             1.20 
_refine.pdbx_solvent_ion_probe_radii             0.80 
_refine.pdbx_solvent_shrinkage_radii             0.80 
_refine.pdbx_ls_cross_valid_method               THROUGHOUT 
_refine.details                                  'HYDROGENS HAVE BEEN ADDED IN THE RIDING POSITIONS' 
_refine.pdbx_starting_model                      'PDB ENTRY 2P1L without Beclin BH3 ligand' 
_refine.pdbx_method_to_determine_struct          'MOLECULAR REPLACEMENT' 
_refine.pdbx_isotropic_thermal_model             ? 
_refine.pdbx_stereochemistry_target_values       'MAXIMUM LIKELIHOOD' 
_refine.pdbx_stereochem_target_val_spec_case     ? 
_refine.pdbx_R_Free_selection_details            RANDOM 
_refine.pdbx_overall_ESU_R                       0.139 
_refine.pdbx_overall_ESU_R_Free                  0.131 
_refine.overall_SU_ML                            0.084 
_refine.overall_SU_B                             2.610 
_refine.ls_redundancy_reflns_obs                 ? 
_refine.B_iso_min                                ? 
_refine.B_iso_max                                ? 
_refine.overall_SU_R_Cruickshank_DPI             ? 
_refine.overall_SU_R_free                        ? 
_refine.ls_wR_factor_R_free                      ? 
_refine.ls_wR_factor_R_work                      ? 
_refine.overall_FOM_free_R_set                   ? 
_refine.overall_FOM_work_R_set                   ? 
_refine.pdbx_refine_id                           'X-RAY DIFFRACTION' 
_refine.pdbx_overall_phase_error                 ? 
_refine.pdbx_diffrn_id                           1 
_refine.pdbx_TLS_residual_ADP_flag               ? 
_refine.pdbx_overall_SU_R_free_Cruickshank_DPI   ? 
_refine.pdbx_overall_SU_R_Blow_DPI               ? 
_refine.pdbx_overall_SU_R_free_Blow_DPI          ? 
# 
_refine_hist.pdbx_refine_id                   'X-RAY DIFFRACTION' 
_refine_hist.cycle_id                         LAST 
_refine_hist.pdbx_number_atoms_protein        1385 
_refine_hist.pdbx_number_atoms_nucleic_acid   0 
_refine_hist.pdbx_number_atoms_ligand         0 
_refine_hist.number_atoms_solvent             209 
_refine_hist.number_atoms_total               1594 
_refine_hist.d_res_high                       1.78 
_refine_hist.d_res_low                        29.19 
# 
loop_
_refine_ls_restr.type 
_refine_ls_restr.dev_ideal 
_refine_ls_restr.dev_ideal_target 
_refine_ls_restr.weight 
_refine_ls_restr.number 
_refine_ls_restr.pdbx_refine_id 
_refine_ls_restr.pdbx_restraint_function 
r_bond_refined_d       0.015  0.022  ? 1421 'X-RAY DIFFRACTION' ? 
r_angle_refined_deg    1.452  1.924  ? 1923 'X-RAY DIFFRACTION' ? 
r_dihedral_angle_1_deg 4.752  5.000  ? 170  'X-RAY DIFFRACTION' ? 
r_dihedral_angle_2_deg 31.935 23.377 ? 77   'X-RAY DIFFRACTION' ? 
r_dihedral_angle_3_deg 14.603 15.000 ? 236  'X-RAY DIFFRACTION' ? 
r_dihedral_angle_4_deg 18.680 15.000 ? 13   'X-RAY DIFFRACTION' ? 
r_chiral_restr         0.265  0.200  ? 197  'X-RAY DIFFRACTION' ? 
r_gen_planes_refined   0.008  0.020  ? 1115 'X-RAY DIFFRACTION' ? 
r_mcbond_it            1.186  2.000  ? 842  'X-RAY DIFFRACTION' ? 
r_mcangle_it           2.055  3.000  ? 1347 'X-RAY DIFFRACTION' ? 
r_scbond_it            3.339  4.000  ? 579  'X-RAY DIFFRACTION' ? 
r_scangle_it           4.920  6.000  ? 576  'X-RAY DIFFRACTION' ? 
# 
_refine_ls_shell.pdbx_total_number_of_bins_used   20 
_refine_ls_shell.d_res_high                       1.779 
_refine_ls_shell.d_res_low                        1.825 
_refine_ls_shell.number_reflns_R_work             946 
_refine_ls_shell.R_factor_R_work                  0.239 
_refine_ls_shell.percent_reflns_obs               91.54 
_refine_ls_shell.R_factor_R_free                  0.300 
_refine_ls_shell.R_factor_R_free_error            ? 
_refine_ls_shell.percent_reflns_R_free            ? 
_refine_ls_shell.number_reflns_R_free             50 
_refine_ls_shell.number_reflns_all                ? 
_refine_ls_shell.R_factor_all                     ? 
_refine_ls_shell.number_reflns_obs                ? 
_refine_ls_shell.redundancy_reflns_obs            ? 
_refine_ls_shell.pdbx_refine_id                   'X-RAY DIFFRACTION' 
# 
_struct.entry_id                  3FDL 
_struct.title                     'Bim BH3 peptide in complex with Bcl-xL' 
_struct.pdbx_model_details        ? 
_struct.pdbx_CASP_flag            ? 
_struct.pdbx_model_type_details   ? 
# 
_struct_keywords.entry_id        3FDL 
_struct_keywords.pdbx_keywords   APOPTOSIS 
_struct_keywords.text            
;helical bundle, peptide-protein complex, apoptosis, Alternative splicing, Membrane, Mitochondrion, Nucleus, Transmembrane, Phosphoprotein
;
# 
loop_
_struct_asym.id 
_struct_asym.pdbx_blank_PDB_chainid_flag 
_struct_asym.pdbx_modified 
_struct_asym.entity_id 
_struct_asym.details 
A N N 1 ? 
B N N 2 ? 
C N N 3 ? 
D N N 3 ? 
# 
loop_
_struct_conf.conf_type_id 
_struct_conf.id 
_struct_conf.pdbx_PDB_helix_id 
_struct_conf.beg_label_comp_id 
_struct_conf.beg_label_asym_id 
_struct_conf.beg_label_seq_id 
_struct_conf.pdbx_beg_PDB_ins_code 
_struct_conf.end_label_comp_id 
_struct_conf.end_label_asym_id 
_struct_conf.end_label_seq_id 
_struct_conf.pdbx_end_PDB_ins_code 
_struct_conf.beg_auth_comp_id 
_struct_conf.beg_auth_asym_id 
_struct_conf.beg_auth_seq_id 
_struct_conf.end_auth_comp_id 
_struct_conf.end_auth_asym_id 
_struct_conf.end_auth_seq_id 
_struct_conf.pdbx_PDB_helix_class 
_struct_conf.details 
_struct_conf.pdbx_PDB_helix_length 
HELX_P HELX_P1 1 GLY A 1   ? LYS A 25  ? GLY A -5  LYS A 20  1 ? 25 
HELX_P HELX_P2 2 SER A 30  ? TYR A 50  ? SER A 25  TYR A 101 1 ? 21 
HELX_P HELX_P3 3 TYR A 50  ? GLN A 60  ? TYR A 101 GLN A 111 1 ? 11 
HELX_P HELX_P4 4 THR A 67  ? PHE A 80  ? THR A 118 PHE A 131 1 ? 14 
HELX_P HELX_P5 5 ASN A 85  ? LYS A 106 ? ASN A 136 LYS A 157 1 ? 22 
HELX_P HELX_P6 6 VAL A 110 ? HIS A 126 ? VAL A 161 HIS A 177 1 ? 17 
HELX_P HELX_P7 7 LEU A 127 ? ASN A 134 ? LEU A 178 ASN A 185 1 ? 8  
HELX_P HELX_P8 8 GLY A 135 ? LEU A 143 ? GLY A 186 LEU A 194 1 ? 9  
HELX_P HELX_P9 9 PRO B 4   ? ALA B 24  ? PRO B 86  ALA B 106 1 ? 21 
# 
_struct_conf_type.id          HELX_P 
_struct_conf_type.criteria    ? 
_struct_conf_type.reference   ? 
# 
_atom_sites.entry_id                    3FDL 
_atom_sites.fract_transf_matrix[1][1]   0.01391602 
_atom_sites.fract_transf_matrix[1][2]   0.00155056 
_atom_sites.fract_transf_matrix[1][3]   -0.00379184 
_atom_sites.fract_transf_matrix[2][1]   -0.00174072 
_atom_sites.fract_transf_matrix[2][2]   -0.02306573 
_atom_sites.fract_transf_matrix[2][3]   -0.01582045 
_atom_sites.fract_transf_matrix[3][1]   0.00164502 
_atom_sites.fract_transf_matrix[3][2]   0.00955977 
_atom_sites.fract_transf_matrix[3][3]   -0.01411884 
_atom_sites.fract_transf_vector[1]      -0.101105 
_atom_sites.fract_transf_vector[2]      0.461195 
_atom_sites.fract_transf_vector[3]      0.270215 
# 
loop_
_atom_type.symbol 
C 
N 
O 
S 
# 
loop_
_atom_site.group_PDB 
_atom_site.id 
_atom_site.type_symbol 
_atom_site.label_atom_id 
_atom_site.label_alt_id 
_atom_site.label_comp_id 
_atom_site.label_asym_id 
_atom_site.label_entity_id 
_atom_site.label_seq_id 
_atom_site.pdbx_PDB_ins_code 
_atom_site.Cartn_x 
_atom_site.Cartn_y 
_atom_site.Cartn_z 
_atom_site.occupancy 
_atom_site.B_iso_or_equiv 
_atom_site.pdbx_formal_charge 
_atom_site.auth_seq_id 
_atom_site.auth_comp_id 
_atom_site.auth_asym_id 
_atom_site.auth_atom_id 
_atom_site.pdbx_PDB_model_num 
ATOM   1    N N   . GLY A 1 1   ? -1.370  31.204  -5.382  1.00 14.98 ? -5  GLY A N   1 
ATOM   2    C CA  . GLY A 1 1   ? -2.459  31.827  -6.188  1.00 16.07 ? -5  GLY A CA  1 
ATOM   3    C C   . GLY A 1 1   ? -2.546  31.072  -7.499  1.00 15.44 ? -5  GLY A C   1 
ATOM   4    O O   . GLY A 1 1   ? -1.716  30.161  -7.759  1.00 15.38 ? -5  GLY A O   1 
ATOM   5    N N   . PRO A 1 2   ? -3.532  31.440  -8.328  1.00 15.74 ? -4  PRO A N   1 
ATOM   6    C CA  . PRO A 1 2   ? -3.796  30.629  -9.495  1.00 16.35 ? -4  PRO A CA  1 
ATOM   7    C C   . PRO A 1 2   ? -2.650  30.716  -10.495 1.00 16.57 ? -4  PRO A C   1 
ATOM   8    O O   . PRO A 1 2   ? -2.396  29.772  -11.221 1.00 16.46 ? -4  PRO A O   1 
ATOM   9    C CB  . PRO A 1 2   ? -5.120  31.192  -10.062 1.00 16.56 ? -4  PRO A CB  1 
ATOM   10   C CG  . PRO A 1 2   ? -5.347  32.502  -9.385  1.00 16.78 ? -4  PRO A CG  1 
ATOM   11   C CD  . PRO A 1 2   ? -4.579  32.450  -8.074  1.00 15.41 ? -4  PRO A CD  1 
ATOM   12   N N   . LEU A 1 3   ? -1.942  31.834  -10.509 1.00 15.82 ? -3  LEU A N   1 
ATOM   13   C CA  . LEU A 1 3   ? -0.847  32.000  -11.475 1.00 15.05 ? -3  LEU A CA  1 
ATOM   14   C C   . LEU A 1 3   ? 0.340   31.095  -11.102 1.00 16.33 ? -3  LEU A C   1 
ATOM   15   O O   . LEU A 1 3   ? 0.897   30.368  -11.954 1.00 16.52 ? -3  LEU A O   1 
ATOM   16   C CB  . LEU A 1 3   ? -0.411  33.448  -11.483 1.00 15.61 ? -3  LEU A CB  1 
ATOM   17   C CG  . LEU A 1 3   ? 0.608   33.849  -12.549 1.00 16.21 ? -3  LEU A CG  1 
ATOM   18   C CD1 . LEU A 1 3   ? 0.268   33.361  -13.959 1.00 15.52 ? -3  LEU A CD1 1 
ATOM   19   C CD2 . LEU A 1 3   ? 0.870   35.378  -12.511 1.00 14.26 ? -3  LEU A CD2 1 
ATOM   20   N N   . GLY A 1 4   ? 0.715   31.153  -9.825  1.00 13.86 ? -2  GLY A N   1 
ATOM   21   C CA  . GLY A 1 4   ? 1.745   30.322  -9.282  1.00 15.04 ? -2  GLY A CA  1 
ATOM   22   C C   . GLY A 1 4   ? 1.371   28.864  -9.416  1.00 15.87 ? -2  GLY A C   1 
ATOM   23   O O   . GLY A 1 4   ? 2.224   28.042  -9.718  1.00 17.26 ? -2  GLY A O   1 
ATOM   24   N N   . SER A 1 5   ? 0.100   28.544  -9.173  1.00 17.79 ? -1  SER A N   1 
ATOM   25   C CA  . SER A 1 5   ? -0.338  27.144  -9.206  1.00 19.08 ? -1  SER A CA  1 
ATOM   26   C C   . SER A 1 5   ? -0.174  26.526  -10.605 1.00 18.80 ? -1  SER A C   1 
ATOM   27   O O   . SER A 1 5   ? 0.182   25.357  -10.743 1.00 20.03 ? -1  SER A O   1 
ATOM   28   C CB  . SER A 1 5   ? -1.784  27.038  -8.734  1.00 19.69 ? -1  SER A CB  1 
ATOM   29   O OG  . SER A 1 5   ? -2.290  25.736  -9.008  1.00 29.24 ? -1  SER A OG  1 
ATOM   30   N N   . MET A 1 6   ? -0.444  27.285  -11.657 1.00 18.61 ? 1   MET A N   1 
ATOM   31   C CA  . MET A 1 6   ? -0.202  26.737  -12.998 1.00 19.74 ? 1   MET A CA  1 
ATOM   32   C C   . MET A 1 6   ? 1.262   26.452  -13.219 1.00 18.56 ? 1   MET A C   1 
ATOM   33   O O   . MET A 1 6   ? 1.591   25.434  -13.821 1.00 18.23 ? 1   MET A O   1 
ATOM   34   C CB  . MET A 1 6   ? -0.689  27.645  -14.105 1.00 21.86 ? 1   MET A CB  1 
ATOM   35   C CG  . MET A 1 6   ? 0.365   28.602  -14.611 1.00 29.30 ? 1   MET A CG  1 
ATOM   36   S SD  . MET A 1 6   ? 1.359   28.089  -16.051 1.00 32.88 ? 1   MET A SD  1 
ATOM   37   C CE  . MET A 1 6   ? 1.836   29.716  -16.613 1.00 36.68 ? 1   MET A CE  1 
ATOM   38   N N   . SER A 1 7   ? 2.141   27.317  -12.711 1.00 16.55 ? 2   SER A N   1 
ATOM   39   C CA  . SER A 1 7   ? 3.573   27.056  -12.783 1.00 16.96 ? 2   SER A CA  1 
ATOM   40   C C   . SER A 1 7   ? 3.959   25.782  -12.008 1.00 15.75 ? 2   SER A C   1 
ATOM   41   O O   . SER A 1 7   ? 4.681   24.916  -12.519 1.00 14.57 ? 2   SER A O   1 
ATOM   42   C CB  . SER A 1 7   ? 4.399   28.228  -12.302 1.00 15.64 ? 2   SER A CB  1 
ATOM   43   O OG  . SER A 1 7   ? 5.768   27.926  -12.562 1.00 19.03 ? 2   SER A OG  1 
ATOM   44   N N   . GLN A 1 8   ? 3.430   25.647  -10.799 1.00 14.65 ? 3   GLN A N   1 
ATOM   45   C CA  . GLN A 1 8   ? 3.713   24.481  -9.978  1.00 16.44 ? 3   GLN A CA  1 
ATOM   46   C C   . GLN A 1 8   ? 3.182   23.206  -10.633 1.00 15.84 ? 3   GLN A C   1 
ATOM   47   O O   . GLN A 1 8   ? 3.840   22.164  -10.589 1.00 13.45 ? 3   GLN A O   1 
ATOM   48   C CB  . GLN A 1 8   ? 3.028   24.612  -8.598  1.00 17.42 ? 3   GLN A CB  1 
ATOM   49   C CG  . GLN A 1 8   ? 3.675   25.573  -7.651  1.00 22.98 ? 3   GLN A CG  1 
ATOM   50   C CD  . GLN A 1 8   ? 3.041   25.521  -6.246  0.50 25.75 ? 3   GLN A CD  1 
ATOM   51   O OE1 . GLN A 1 8   ? 1.871   25.163  -6.090  0.50 25.92 ? 3   GLN A OE1 1 
ATOM   52   N NE2 . GLN A 1 8   ? 3.817   25.885  -5.229  0.50 26.02 ? 3   GLN A NE2 1 
ATOM   53   N N   . SER A 1 9   ? 1.985   23.277  -11.210 1.00 16.19 ? 4   SER A N   1 
ATOM   54   C CA  . SER A 1 9   ? 1.404   22.102  -11.851 1.00 16.88 ? 4   SER A CA  1 
ATOM   55   C C   . SER A 1 9   ? 2.179   21.646  -13.052 1.00 16.65 ? 4   SER A C   1 
ATOM   56   O O   . SER A 1 9   ? 2.323   20.444  -13.263 1.00 14.51 ? 4   SER A O   1 
ATOM   57   C CB  . SER A 1 9   ? -0.044  22.329  -12.250 1.00 19.46 ? 4   SER A CB  1 
ATOM   58   O OG  . SER A 1 9   ? -0.819  22.350  -11.072 1.00 23.46 ? 4   SER A OG  1 
ATOM   59   N N   . ASN A 1 10  ? 2.641   22.605  -13.854 1.00 14.37 ? 5   ASN A N   1 
ATOM   60   C CA  . ASN A 1 10  ? 3.541   22.280  -14.969 1.00 14.60 ? 5   ASN A CA  1 
ATOM   61   C C   . ASN A 1 10  ? 4.805   21.584  -14.533 1.00 12.31 ? 5   ASN A C   1 
ATOM   62   O O   . ASN A 1 10  ? 5.224   20.614  -15.161 1.00 12.04 ? 5   ASN A O   1 
ATOM   63   C CB  . ASN A 1 10  ? 3.853   23.531  -15.781 1.00 12.80 ? 5   ASN A CB  1 
ATOM   64   C CG  . ASN A 1 10  ? 2.676   23.952  -16.602 1.00 14.29 ? 5   ASN A CG  1 
ATOM   65   O OD1 . ASN A 1 10  ? 1.799   23.135  -16.870 1.00 19.37 ? 5   ASN A OD1 1 
ATOM   66   N ND2 . ASN A 1 10  ? 2.636   25.221  -17.012 1.00 15.16 ? 5   ASN A ND2 1 
ATOM   67   N N   . ARG A 1 11  ? 5.423   22.084  -13.469 1.00 13.24 ? 6   ARG A N   1 
ATOM   68   C CA  . ARG A 1 11  ? 6.644   21.498  -12.938 1.00 12.76 ? 6   ARG A CA  1 
ATOM   69   C C   . ARG A 1 11  ? 6.361   20.083  -12.424 1.00 14.00 ? 6   ARG A C   1 
ATOM   70   O O   . ARG A 1 11  ? 7.123   19.152  -12.681 1.00 11.08 ? 6   ARG A O   1 
ATOM   71   C CB  . ARG A 1 11  ? 7.143   22.364  -11.793 1.00 14.56 ? 6   ARG A CB  1 
ATOM   72   C CG  . ARG A 1 11  ? 8.211   21.746  -10.977 1.00 18.99 ? 6   ARG A CG  1 
ATOM   73   C CD  . ARG A 1 11  ? 9.498   21.709  -11.671 1.00 22.22 ? 6   ARG A CD  1 
ATOM   74   N NE  . ARG A 1 11  ? 10.509  21.114  -10.793 1.00 25.87 ? 6   ARG A NE  1 
ATOM   75   C CZ  . ARG A 1 11  ? 11.793  20.984  -11.118 1.00 26.68 ? 6   ARG A CZ  1 
ATOM   76   N NH1 . ARG A 1 11  ? 12.212  21.446  -12.295 1.00 24.30 ? 6   ARG A NH1 1 
ATOM   77   N NH2 . ARG A 1 11  ? 12.647  20.400  -10.263 1.00 23.18 ? 6   ARG A NH2 1 
ATOM   78   N N   . GLU A 1 12  ? 5.255   19.924  -11.705 1.00 11.86 ? 7   GLU A N   1 
ATOM   79   C CA  . GLU A 1 12  ? 4.890   18.580  -11.197 1.00 14.87 ? 7   GLU A CA  1 
ATOM   80   C C   . GLU A 1 12  ? 4.648   17.582  -12.341 1.00 12.08 ? 7   GLU A C   1 
ATOM   81   O O   . GLU A 1 12  ? 5.009   16.406  -12.231 1.00 12.49 ? 7   GLU A O   1 
ATOM   82   C CB  . GLU A 1 12  ? 3.664   18.630  -10.275 1.00 16.51 ? 7   GLU A CB  1 
ATOM   83   C CG  . GLU A 1 12  ? 3.985   18.989  -8.843  1.00 25.21 ? 7   GLU A CG  1 
ATOM   84   C CD  . GLU A 1 12  ? 2.809   19.651  -8.119  1.00 36.98 ? 7   GLU A CD  1 
ATOM   85   O OE1 . GLU A 1 12  ? 1.638   19.472  -8.569  1.00 37.94 ? 7   GLU A OE1 1 
ATOM   86   O OE2 . GLU A 1 12  ? 3.075   20.367  -7.110  1.00 39.50 ? 7   GLU A OE2 1 
ATOM   87   N N   . LEU A 1 13  ? 4.067   18.046  -13.432 1.00 12.80 ? 8   LEU A N   1 
ATOM   88   C CA  . LEU A 1 13  ? 3.753   17.147  -14.542 1.00 10.77 ? 8   LEU A CA  1 
ATOM   89   C C   . LEU A 1 13  ? 5.088   16.663  -15.161 1.00 10.11 ? 8   LEU A C   1 
ATOM   90   O O   . LEU A 1 13  ? 5.279   15.471  -15.445 1.00 8.73  ? 8   LEU A O   1 
ATOM   91   C CB  . LEU A 1 13  ? 2.910   17.912  -15.571 1.00 12.63 ? 8   LEU A CB  1 
ATOM   92   C CG  . LEU A 1 13  ? 2.316   17.094  -16.697 1.00 15.96 ? 8   LEU A CG  1 
ATOM   93   C CD1 . LEU A 1 13  ? 1.686   15.828  -16.117 1.00 17.14 ? 8   LEU A CD1 1 
ATOM   94   C CD2 . LEU A 1 13  ? 1.274   17.954  -17.500 1.00 12.95 ? 8   LEU A CD2 1 
ATOM   95   N N   . VAL A 1 14  ? 6.020   17.601  -15.326 1.00 9.46  ? 9   VAL A N   1 
ATOM   96   C CA  . VAL A 1 14  ? 7.331   17.293  -15.907 1.00 10.12 ? 9   VAL A CA  1 
ATOM   97   C C   . VAL A 1 14  ? 8.060   16.304  -15.027 1.00 10.85 ? 9   VAL A C   1 
ATOM   98   O O   . VAL A 1 14  ? 8.548   15.272  -15.495 1.00 11.12 ? 9   VAL A O   1 
ATOM   99   C CB  . VAL A 1 14  ? 8.153   18.606  -16.062 1.00 9.02  ? 9   VAL A CB  1 
ATOM   100  C CG1 . VAL A 1 14  ? 9.659   18.316  -16.226 1.00 10.76 ? 9   VAL A CG1 1 
ATOM   101  C CG2 . VAL A 1 14  ? 7.592   19.374  -17.241 1.00 10.63 ? 9   VAL A CG2 1 
ATOM   102  N N   . VAL A 1 15  ? 8.119   16.599  -13.735 1.00 12.30 ? 10  VAL A N   1 
ATOM   103  C CA  . VAL A 1 15  ? 8.860   15.743  -12.827 1.00 11.23 ? 10  VAL A CA  1 
ATOM   104  C C   . VAL A 1 15  ? 8.227   14.349  -12.832 1.00 11.93 ? 10  VAL A C   1 
ATOM   105  O O   . VAL A 1 15  ? 8.910   13.357  -12.832 1.00 10.19 ? 10  VAL A O   1 
ATOM   106  C CB  . VAL A 1 15  ? 8.905   16.317  -11.400 1.00 11.82 ? 10  VAL A CB  1 
ATOM   107  C CG1 . VAL A 1 15  ? 9.481   15.277  -10.402 1.00 15.11 ? 10  VAL A CG1 1 
ATOM   108  C CG2 . VAL A 1 15  ? 9.712   17.610  -11.416 1.00 14.36 ? 10  VAL A CG2 1 
ATOM   109  N N   . ASP A 1 16  ? 6.911   14.293  -12.891 1.00 10.15 ? 11  ASP A N   1 
ATOM   110  C CA  . ASP A 1 16  ? 6.232   13.003  -12.850 1.00 11.89 ? 11  ASP A CA  1 
ATOM   111  C C   . ASP A 1 16  ? 6.599   12.181  -14.086 1.00 11.17 ? 11  ASP A C   1 
ATOM   112  O O   . ASP A 1 16  ? 6.886   10.976  -13.998 1.00 10.67 ? 11  ASP A O   1 
ATOM   113  C CB  . ASP A 1 16  ? 4.702   13.186  -12.826 1.00 9.94  ? 11  ASP A CB  1 
ATOM   114  C CG  . ASP A 1 16  ? 3.970   11.838  -12.829 1.00 14.95 ? 11  ASP A CG  1 
ATOM   115  O OD1 . ASP A 1 16  ? 3.845   11.224  -11.730 1.00 17.82 ? 11  ASP A OD1 1 
ATOM   116  O OD2 . ASP A 1 16  ? 3.612   11.357  -13.938 1.00 12.67 ? 11  ASP A OD2 1 
ATOM   117  N N   . PHE A 1 17  ? 6.538   12.838  -15.246 1.00 12.83 ? 12  PHE A N   1 
ATOM   118  C CA  . PHE A 1 17  ? 6.832   12.146  -16.509 1.00 12.68 ? 12  PHE A CA  1 
ATOM   119  C C   . PHE A 1 17  ? 8.292   11.686  -16.616 1.00 11.02 ? 12  PHE A C   1 
ATOM   120  O O   . PHE A 1 17  ? 8.578   10.528  -16.928 1.00 11.60 ? 12  PHE A O   1 
ATOM   121  C CB  . PHE A 1 17  ? 6.468   12.997  -17.697 1.00 10.98 ? 12  PHE A CB  1 
ATOM   122  C CG  . PHE A 1 17  ? 6.494   12.233  -18.995 1.00 10.94 ? 12  PHE A CG  1 
ATOM   123  C CD1 . PHE A 1 17  ? 7.689   12.117  -19.731 1.00 11.99 ? 12  PHE A CD1 1 
ATOM   124  C CD2 . PHE A 1 17  ? 5.340   11.637  -19.477 1.00 10.02 ? 12  PHE A CD2 1 
ATOM   125  C CE1 . PHE A 1 17  ? 7.718   11.426  -20.928 1.00 10.96 ? 12  PHE A CE1 1 
ATOM   126  C CE2 . PHE A 1 17  ? 5.355   10.942  -20.697 1.00 12.61 ? 12  PHE A CE2 1 
ATOM   127  C CZ  . PHE A 1 17  ? 6.536   10.820  -21.408 1.00 13.37 ? 12  PHE A CZ  1 
ATOM   128  N N   . LEU A 1 18  ? 9.211   12.576  -16.268 1.00 10.63 ? 13  LEU A N   1 
ATOM   129  C CA  . LEU A 1 18  ? 10.625  12.233  -16.294 1.00 11.04 ? 13  LEU A CA  1 
ATOM   130  C C   . LEU A 1 18  ? 10.960  11.133  -15.291 1.00 12.12 ? 13  LEU A C   1 
ATOM   131  O O   . LEU A 1 18  ? 11.781  10.260  -15.584 1.00 13.00 ? 13  LEU A O   1 
ATOM   132  C CB  . LEU A 1 18  ? 11.496  13.485  -16.061 1.00 10.17 ? 13  LEU A CB  1 
ATOM   133  C CG  . LEU A 1 18  ? 11.337  14.579  -17.107 1.00 10.11 ? 13  LEU A CG  1 
ATOM   134  C CD1 . LEU A 1 18  ? 12.250  15.792  -16.753 1.00 9.69  ? 13  LEU A CD1 1 
ATOM   135  C CD2 . LEU A 1 18  ? 11.626  14.056  -18.579 1.00 9.33  ? 13  LEU A CD2 1 
ATOM   136  N N   . SER A 1 19  ? 10.341  11.192  -14.107 1.00 10.34 ? 14  SER A N   1 
ATOM   137  C CA  . SER A 1 19  ? 10.538  10.171  -13.103 1.00 12.99 ? 14  SER A CA  1 
ATOM   138  C C   . SER A 1 19  ? 10.134  8.833   -13.667 1.00 11.42 ? 14  SER A C   1 
ATOM   139  O O   . SER A 1 19  ? 10.885  7.864   -13.536 1.00 11.27 ? 14  SER A O   1 
ATOM   140  C CB  . SER A 1 19  ? 9.753   10.475  -11.816 1.00 13.34 ? 14  SER A CB  1 
ATOM   141  O OG  . SER A 1 19  ? 10.313  11.610  -11.172 1.00 18.83 ? 14  SER A OG  1 
ATOM   142  N N   . TYR A 1 20  ? 8.964   8.785   -14.301 1.00 10.74 ? 15  TYR A N   1 
ATOM   143  C CA  . TYR A 1 20  ? 8.477   7.551   -14.902 1.00 12.25 ? 15  TYR A CA  1 
ATOM   144  C C   . TYR A 1 20  ? 9.433   6.973   -15.958 1.00 12.43 ? 15  TYR A C   1 
ATOM   145  O O   . TYR A 1 20  ? 9.870   5.803   -15.856 1.00 12.29 ? 15  TYR A O   1 
ATOM   146  C CB  . TYR A 1 20  ? 7.083   7.783   -15.490 1.00 11.25 ? 15  TYR A CB  1 
ATOM   147  C CG  . TYR A 1 20  ? 6.449   6.560   -16.104 1.00 12.52 ? 15  TYR A CG  1 
ATOM   148  C CD1 . TYR A 1 20  ? 6.313   5.373   -15.362 1.00 13.62 ? 15  TYR A CD1 1 
ATOM   149  C CD2 . TYR A 1 20  ? 5.936   6.607   -17.400 1.00 13.21 ? 15  TYR A CD2 1 
ATOM   150  C CE1 . TYR A 1 20  ? 5.674   4.266   -15.916 1.00 14.00 ? 15  TYR A CE1 1 
ATOM   151  C CE2 . TYR A 1 20  ? 5.319   5.485   -17.981 1.00 15.27 ? 15  TYR A CE2 1 
ATOM   152  C CZ  . TYR A 1 20  ? 5.200   4.329   -17.223 1.00 15.06 ? 15  TYR A CZ  1 
ATOM   153  O OH  . TYR A 1 20  ? 4.582   3.237   -17.779 1.00 17.40 ? 15  TYR A OH  1 
ATOM   154  N N   . LYS A 1 21  ? 9.832   7.815   -16.911 1.00 12.43 ? 16  LYS A N   1 
ATOM   155  C CA  . LYS A 1 21  ? 10.733  7.390   -17.997 1.00 11.81 ? 16  LYS A CA  1 
ATOM   156  C C   . LYS A 1 21  ? 12.084  6.934   -17.479 1.00 10.59 ? 16  LYS A C   1 
ATOM   157  O O   . LYS A 1 21  ? 12.653  5.964   -17.994 1.00 9.65  ? 16  LYS A O   1 
ATOM   158  C CB  . LYS A 1 21  ? 10.891  8.529   -19.046 1.00 11.87 ? 16  LYS A CB  1 
ATOM   159  C CG  . LYS A 1 21  ? 9.613   8.776   -19.773 1.00 17.57 ? 16  LYS A CG  1 
ATOM   160  C CD  . LYS A 1 21  ? 9.342   7.562   -20.671 1.00 20.60 ? 16  LYS A CD  1 
ATOM   161  C CE  . LYS A 1 21  ? 7.877   7.305   -20.781 1.00 24.72 ? 16  LYS A CE  1 
ATOM   162  N NZ  . LYS A 1 21  ? 7.630   6.098   -21.578 1.00 16.69 ? 16  LYS A NZ  1 
ATOM   163  N N   . LEU A 1 22  ? 12.591  7.608   -16.445 1.00 11.12 ? 17  LEU A N   1 
ATOM   164  C CA  . LEU A 1 22  ? 13.862  7.180   -15.853 1.00 11.24 ? 17  LEU A CA  1 
ATOM   165  C C   . LEU A 1 22  ? 13.704  5.749   -15.289 1.00 11.38 ? 17  LEU A C   1 
ATOM   166  O O   . LEU A 1 22  ? 14.533  4.866   -15.531 1.00 11.46 ? 17  LEU A O   1 
ATOM   167  C CB  . LEU A 1 22  ? 14.355  8.197   -14.816 1.00 10.80 ? 17  LEU A CB  1 
ATOM   168  C CG  . LEU A 1 22  ? 14.969  9.492   -15.402 1.00 11.37 ? 17  LEU A CG  1 
ATOM   169  C CD1 . LEU A 1 22  ? 15.153  10.554  -14.266 1.00 13.43 ? 17  LEU A CD1 1 
ATOM   170  C CD2 . LEU A 1 22  ? 16.291  9.213   -16.164 1.00 15.04 ? 17  LEU A CD2 1 
ATOM   171  N N   . SER A 1 23  ? 12.596  5.533   -14.588 1.00 12.09 ? 18  SER A N   1 
ATOM   172  C CA  . SER A 1 23  ? 12.326  4.296   -13.878 1.00 13.21 ? 18  SER A CA  1 
ATOM   173  C C   . SER A 1 23  ? 12.235  3.127   -14.847 1.00 13.09 ? 18  SER A C   1 
ATOM   174  O O   . SER A 1 23  ? 12.629  2.004   -14.504 1.00 12.56 ? 18  SER A O   1 
ATOM   175  C CB  . SER A 1 23  ? 11.039  4.430   -13.059 1.00 12.44 ? 18  SER A CB  1 
ATOM   176  O OG  . SER A 1 23  ? 9.882   4.247   -13.851 1.00 14.81 ? 18  SER A OG  1 
ATOM   177  N N   . GLN A 1 24  ? 11.730  3.390   -16.050 1.00 10.75 ? 19  GLN A N   1 
ATOM   178  C CA  . GLN A 1 24  ? 11.592  2.348   -17.077 1.00 13.23 ? 19  GLN A CA  1 
ATOM   179  C C   . GLN A 1 24  ? 12.944  1.816   -17.552 1.00 14.09 ? 19  GLN A C   1 
ATOM   180  O O   . GLN A 1 24  ? 13.019  0.715   -18.132 1.00 15.04 ? 19  GLN A O   1 
ATOM   181  C CB  . GLN A 1 24  ? 10.784  2.879   -18.254 1.00 12.87 ? 19  GLN A CB  1 
ATOM   182  C CG  . GLN A 1 24  ? 9.317   3.009   -17.938 1.00 13.34 ? 19  GLN A CG  1 
ATOM   183  C CD  . GLN A 1 24  ? 8.501   3.592   -19.096 1.00 17.83 ? 19  GLN A CD  1 
ATOM   184  O OE1 . GLN A 1 24  ? 8.935   4.534   -19.777 1.00 17.87 ? 19  GLN A OE1 1 
ATOM   185  N NE2 . GLN A 1 24  ? 7.292   3.076   -19.277 1.00 17.58 ? 19  GLN A NE2 1 
ATOM   186  N N   . LYS A 1 25  ? 13.991  2.589   -17.301 1.00 14.92 ? 20  LYS A N   1 
ATOM   187  C CA  . LYS A 1 25  ? 15.355  2.214   -17.680 1.00 17.94 ? 20  LYS A CA  1 
ATOM   188  C C   . LYS A 1 25  ? 16.216  1.840   -16.482 1.00 17.72 ? 20  LYS A C   1 
ATOM   189  O O   . LYS A 1 25  ? 17.442  1.785   -16.579 1.00 19.17 ? 20  LYS A O   1 
ATOM   190  C CB  . LYS A 1 25  ? 16.028  3.349   -18.449 1.00 18.50 ? 20  LYS A CB  1 
ATOM   191  C CG  . LYS A 1 25  ? 15.307  3.759   -19.689 1.00 25.32 ? 20  LYS A CG  1 
ATOM   192  C CD  . LYS A 1 25  ? 15.431  2.711   -20.766 1.00 27.33 ? 20  LYS A CD  1 
ATOM   193  C CE  . LYS A 1 25  ? 14.676  3.170   -21.992 1.00 30.02 ? 20  LYS A CE  1 
ATOM   194  N NZ  . LYS A 1 25  ? 14.199  2.052   -22.854 1.00 34.73 ? 20  LYS A NZ  1 
ATOM   195  N N   . GLY A 1 26  ? 15.582  1.601   -15.354 1.00 17.51 ? 21  GLY A N   1 
ATOM   196  C CA  . GLY A 1 26  ? 16.306  1.217   -14.131 1.00 19.32 ? 21  GLY A CA  1 
ATOM   197  C C   . GLY A 1 26  ? 16.961  2.400   -13.432 1.00 19.05 ? 21  GLY A C   1 
ATOM   198  O O   . GLY A 1 26  ? 17.726  2.219   -12.483 1.00 18.92 ? 21  GLY A O   1 
ATOM   199  N N   . TYR A 1 27  ? 16.666  3.618   -13.882 1.00 17.74 ? 22  TYR A N   1 
ATOM   200  C CA  . TYR A 1 27  ? 17.201  4.814   -13.241 1.00 16.86 ? 22  TYR A CA  1 
ATOM   201  C C   . TYR A 1 27  ? 16.142  5.465   -12.345 1.00 16.72 ? 22  TYR A C   1 
ATOM   202  O O   . TYR A 1 27  ? 15.004  5.010   -12.310 1.00 17.54 ? 22  TYR A O   1 
ATOM   203  C CB  . TYR A 1 27  ? 17.658  5.829   -14.280 1.00 15.60 ? 22  TYR A CB  1 
ATOM   204  C CG  . TYR A 1 27  ? 18.679  5.339   -15.272 1.00 14.81 ? 22  TYR A CG  1 
ATOM   205  C CD1 . TYR A 1 27  ? 19.719  4.501   -14.889 1.00 21.20 ? 22  TYR A CD1 1 
ATOM   206  C CD2 . TYR A 1 27  ? 18.623  5.751   -16.585 1.00 17.10 ? 22  TYR A CD2 1 
ATOM   207  C CE1 . TYR A 1 27  ? 20.653  4.061   -15.813 1.00 22.20 ? 22  TYR A CE1 1 
ATOM   208  C CE2 . TYR A 1 27  ? 19.546  5.321   -17.510 1.00 20.45 ? 22  TYR A CE2 1 
ATOM   209  C CZ  . TYR A 1 27  ? 20.564  4.485   -17.117 1.00 23.06 ? 22  TYR A CZ  1 
ATOM   210  O OH  . TYR A 1 27  ? 21.494  4.070   -18.033 1.00 22.65 ? 22  TYR A OH  1 
ATOM   211  N N   . SER A 1 28  ? 16.504  6.526   -11.633 1.00 16.32 ? 23  SER A N   1 
ATOM   212  C CA  . SER A 1 28  ? 15.519  7.246   -10.825 1.00 17.56 ? 23  SER A CA  1 
ATOM   213  C C   . SER A 1 28  ? 15.787  8.755   -10.744 1.00 17.43 ? 23  SER A C   1 
ATOM   214  O O   . SER A 1 28  ? 16.932  9.209   -10.819 1.00 17.78 ? 23  SER A O   1 
ATOM   215  C CB  . SER A 1 28  ? 15.350  6.645   -9.416  1.00 19.69 ? 23  SER A CB  1 
ATOM   216  O OG  . SER A 1 28  ? 16.506  6.834   -8.628  1.00 21.71 ? 23  SER A OG  1 
ATOM   217  N N   . TRP A 1 29  ? 14.700  9.498   -10.591 1.00 16.51 ? 24  TRP A N   1 
ATOM   218  C CA  . TRP A 1 29  ? 14.706  10.953  -10.452 1.00 16.03 ? 24  TRP A CA  1 
ATOM   219  C C   . TRP A 1 29  ? 15.314  11.350  -9.101  1.00 16.27 ? 24  TRP A C   1 
ATOM   220  O O   . TRP A 1 29  ? 16.036  12.365  -8.980  1.00 16.19 ? 24  TRP A O   1 
ATOM   221  C CB  . TRP A 1 29  ? 13.257  11.468  -10.530 1.00 14.37 ? 24  TRP A CB  1 
ATOM   222  C CG  . TRP A 1 29  ? 13.117  12.906  -10.112 1.00 15.54 ? 24  TRP A CG  1 
ATOM   223  C CD1 . TRP A 1 29  ? 12.710  13.385  -8.886  1.00 13.76 ? 24  TRP A CD1 1 
ATOM   224  C CD2 . TRP A 1 29  ? 13.400  14.058  -10.918 1.00 10.69 ? 24  TRP A CD2 1 
ATOM   225  N NE1 . TRP A 1 29  ? 12.732  14.759  -8.889  1.00 12.48 ? 24  TRP A NE1 1 
ATOM   226  C CE2 . TRP A 1 29  ? 13.155  15.199  -10.115 1.00 13.92 ? 24  TRP A CE2 1 
ATOM   227  C CE3 . TRP A 1 29  ? 13.845  14.235  -12.236 1.00 13.64 ? 24  TRP A CE3 1 
ATOM   228  C CZ2 . TRP A 1 29  ? 13.330  16.514  -10.595 1.00 13.32 ? 24  TRP A CZ2 1 
ATOM   229  C CZ3 . TRP A 1 29  ? 14.019  15.544  -12.716 1.00 12.25 ? 24  TRP A CZ3 1 
ATOM   230  C CH2 . TRP A 1 29  ? 13.766  16.656  -11.895 1.00 11.07 ? 24  TRP A CH2 1 
ATOM   231  N N   . SER A 1 30  ? 15.006  10.553  -8.075  1.00 14.25 ? 25  SER A N   1 
ATOM   232  C CA  . SER A 1 30  ? 15.326  10.876  -6.694  1.00 14.98 ? 25  SER A CA  1 
ATOM   233  C C   . SER A 1 30  ? 15.114  9.625   -5.825  1.00 15.50 ? 25  SER A C   1 
ATOM   234  O O   . SER A 1 30  ? 14.539  8.635   -6.285  1.00 13.38 ? 25  SER A O   1 
ATOM   235  C CB  . SER A 1 30  ? 14.430  12.014  -6.190  1.00 14.65 ? 25  SER A CB  1 
ATOM   236  O OG  . SER A 1 30  ? 13.109  11.544  -5.923  1.00 14.37 ? 25  SER A OG  1 
ATOM   237  N N   . GLN A 1 31  ? 15.574  9.675   -4.586  1.00 15.35 ? 26  GLN A N   1 
ATOM   238  C CA  . GLN A 1 31  ? 15.410  8.547   -3.671  1.00 16.30 ? 26  GLN A CA  1 
ATOM   239  C C   . GLN A 1 31  ? 13.924  8.257   -3.438  1.00 16.04 ? 26  GLN A C   1 
ATOM   240  O O   . GLN A 1 31  ? 13.494  7.115   -3.538  1.00 14.26 ? 26  GLN A O   1 
ATOM   241  C CB  . GLN A 1 31  ? 16.093  8.827   -2.329  1.00 17.35 ? 26  GLN A CB  1 
ATOM   242  C CG  . GLN A 1 31  ? 17.614  8.882   -2.406  0.01 16.70 ? 26  GLN A CG  1 
ATOM   243  C CD  . GLN A 1 31  ? 18.264  9.240   -1.080  0.01 16.76 ? 26  GLN A CD  1 
ATOM   244  O OE1 . GLN A 1 31  ? 17.955  8.656   -0.040  0.01 16.72 ? 26  GLN A OE1 1 
ATOM   245  N NE2 . GLN A 1 31  ? 19.180  10.201  -1.113  0.01 16.77 ? 26  GLN A NE2 1 
ATOM   246  N N   . MET A 1 32  ? 13.146  9.299   -3.154  1.00 15.21 ? 83  MET A N   1 
ATOM   247  C CA  . MET A 1 32  ? 11.696  9.153   -2.953  1.00 16.26 ? 83  MET A CA  1 
ATOM   248  C C   . MET A 1 32  ? 11.023  8.567   -4.212  1.00 15.02 ? 83  MET A C   1 
ATOM   249  O O   . MET A 1 32  ? 10.136  7.701   -4.125  1.00 13.36 ? 83  MET A O   1 
ATOM   250  C CB  . MET A 1 32  ? 11.067  10.506  -2.569  1.00 15.08 ? 83  MET A CB  1 
ATOM   251  C CG  . MET A 1 32  ? 9.600   10.438  -2.194  1.00 25.77 ? 83  MET A CG  1 
ATOM   252  S SD  . MET A 1 32  ? 9.305   9.292   -0.804  1.00 35.54 ? 83  MET A SD  1 
ATOM   253  C CE  . MET A 1 32  ? 10.926  9.114   -0.085  1.00 34.11 ? 83  MET A CE  1 
ATOM   254  N N   . ALA A 1 33  ? 11.456  9.018   -5.378  1.00 13.31 ? 84  ALA A N   1 
ATOM   255  C CA  . ALA A 1 33  ? 10.949  8.450   -6.636  1.00 13.88 ? 84  ALA A CA  1 
ATOM   256  C C   . ALA A 1 33  ? 11.217  6.946   -6.781  1.00 13.96 ? 84  ALA A C   1 
ATOM   257  O O   . ALA A 1 33  ? 10.341  6.184   -7.275  1.00 13.16 ? 84  ALA A O   1 
ATOM   258  C CB  . ALA A 1 33  ? 11.489  9.209   -7.862  1.00 13.51 ? 84  ALA A CB  1 
ATOM   259  N N   . ALA A 1 34  ? 12.401  6.525   -6.350  1.00 11.99 ? 85  ALA A N   1 
ATOM   260  C CA  . ALA A 1 34  ? 12.767  5.114   -6.374  1.00 12.77 ? 85  ALA A CA  1 
ATOM   261  C C   . ALA A 1 34  ? 11.904  4.309   -5.405  1.00 13.03 ? 85  ALA A C   1 
ATOM   262  O O   . ALA A 1 34  ? 11.478  3.192   -5.743  1.00 11.81 ? 85  ALA A O   1 
ATOM   263  C CB  . ALA A 1 34  ? 14.229  4.941   -6.031  1.00 13.17 ? 85  ALA A CB  1 
ATOM   264  N N   . VAL A 1 35  ? 11.647  4.876   -4.228  1.00 11.58 ? 86  VAL A N   1 
ATOM   265  C CA  . VAL A 1 35  ? 10.792  4.195   -3.240  1.00 11.16 ? 86  VAL A CA  1 
ATOM   266  C C   . VAL A 1 35  ? 9.360   4.017   -3.792  1.00 11.95 ? 86  VAL A C   1 
ATOM   267  O O   . VAL A 1 35  ? 8.760   2.926   -3.660  1.00 10.79 ? 86  VAL A O   1 
ATOM   268  C CB  . VAL A 1 35  ? 10.722  4.965   -1.865  1.00 12.19 ? 86  VAL A CB  1 
ATOM   269  C CG1 . VAL A 1 35  ? 9.697   4.277   -0.909  1.00 11.28 ? 86  VAL A CG1 1 
ATOM   270  C CG2 . VAL A 1 35  ? 12.098  5.005   -1.206  1.00 8.66  ? 86  VAL A CG2 1 
ATOM   271  N N   . LYS A 1 36  ? 8.808   5.105   -4.346  1.00 11.98 ? 87  LYS A N   1 
ATOM   272  C CA  . LYS A 1 36  ? 7.450   5.081   -4.872  1.00 13.29 ? 87  LYS A CA  1 
ATOM   273  C C   . LYS A 1 36  ? 7.362   3.990   -5.947  1.00 13.72 ? 87  LYS A C   1 
ATOM   274  O O   . LYS A 1 36  ? 6.455   3.160   -5.972  1.00 12.12 ? 87  LYS A O   1 
ATOM   275  C CB  . LYS A 1 36  ? 7.068   6.443   -5.461  1.00 13.64 ? 87  LYS A CB  1 
ATOM   276  C CG  . LYS A 1 36  ? 6.767   7.548   -4.406  1.00 14.13 ? 87  LYS A CG  1 
ATOM   277  C CD  . LYS A 1 36  ? 6.767   8.914   -5.121  1.00 16.17 ? 87  LYS A CD  1 
ATOM   278  C CE  . LYS A 1 36  ? 6.244   10.031  -4.218  1.00 21.97 ? 87  LYS A CE  1 
ATOM   279  N NZ  . LYS A 1 36  ? 5.979   11.258  -5.042  1.00 22.96 ? 87  LYS A NZ  1 
ATOM   280  N N   A GLN A 1 37  ? 8.303   3.920   -6.840  0.50 13.75 ? 88  GLN A N   1 
ATOM   281  N N   B GLN A 1 37  ? 8.351   3.974   -6.839  0.50 12.28 ? 88  GLN A N   1 
ATOM   282  C CA  A GLN A 1 37  ? 7.976   2.890   -7.753  0.50 15.77 ? 88  GLN A CA  1 
ATOM   283  C CA  B GLN A 1 37  ? 8.331   2.998   -7.918  0.50 13.05 ? 88  GLN A CA  1 
ATOM   284  C C   A GLN A 1 37  ? 8.478   1.476   -7.429  0.50 14.63 ? 88  GLN A C   1 
ATOM   285  C C   B GLN A 1 37  ? 8.464   1.554   -7.403  0.50 12.85 ? 88  GLN A C   1 
ATOM   286  O O   A GLN A 1 37  ? 8.013   0.531   -8.028  0.50 15.85 ? 88  GLN A O   1 
ATOM   287  O O   B GLN A 1 37  ? 7.712   0.690   -7.824  0.50 13.41 ? 88  GLN A O   1 
ATOM   288  C CB  A GLN A 1 37  ? 8.179   3.344   -9.171  0.50 16.93 ? 88  GLN A CB  1 
ATOM   289  C CB  B GLN A 1 37  ? 9.371   3.327   -9.000  0.50 13.22 ? 88  GLN A CB  1 
ATOM   290  C CG  A GLN A 1 37  ? 8.239   2.194   -10.177 0.50 22.56 ? 88  GLN A CG  1 
ATOM   291  C CG  B GLN A 1 37  ? 8.996   2.724   -10.376 0.50 15.06 ? 88  GLN A CG  1 
ATOM   292  C CD  A GLN A 1 37  ? 7.609   2.527   -11.518 0.50 27.21 ? 88  GLN A CD  1 
ATOM   293  C CD  B GLN A 1 37  ? 7.525   2.976   -10.790 0.50 17.82 ? 88  GLN A CD  1 
ATOM   294  O OE1 A GLN A 1 37  ? 7.081   3.625   -11.722 0.50 27.62 ? 88  GLN A OE1 1 
ATOM   295  O OE1 B GLN A 1 37  ? 7.096   4.117   -10.987 0.50 20.19 ? 88  GLN A OE1 1 
ATOM   296  N NE2 A GLN A 1 37  ? 7.654   1.562   -12.443 0.50 27.42 ? 88  GLN A NE2 1 
ATOM   297  N NE2 B GLN A 1 37  ? 6.767   1.897   -10.950 0.50 22.79 ? 88  GLN A NE2 1 
ATOM   298  N N   . ALA A 1 38  ? 9.373   1.324   -6.459  1.00 13.95 ? 89  ALA A N   1 
ATOM   299  C CA  . ALA A 1 38  ? 9.598   -0.015  -5.895  1.00 14.48 ? 89  ALA A CA  1 
ATOM   300  C C   . ALA A 1 38  ? 8.296   -0.475  -5.229  1.00 14.19 ? 89  ALA A C   1 
ATOM   301  O O   . ALA A 1 38  ? 7.936   -1.648  -5.283  1.00 13.90 ? 89  ALA A O   1 
ATOM   302  C CB  . ALA A 1 38  ? 10.699  0.018   -4.876  1.00 16.56 ? 89  ALA A CB  1 
ATOM   303  N N   . LEU A 1 39  ? 7.614   0.444   -4.544  1.00 12.46 ? 90  LEU A N   1 
ATOM   304  C CA  . LEU A 1 39  ? 6.366   0.055   -3.881  1.00 11.84 ? 90  LEU A CA  1 
ATOM   305  C C   . LEU A 1 39  ? 5.267   -0.308  -4.885  1.00 13.81 ? 90  LEU A C   1 
ATOM   306  O O   . LEU A 1 39  ? 4.604   -1.340  -4.728  1.00 13.46 ? 90  LEU A O   1 
ATOM   307  C CB  . LEU A 1 39  ? 5.904   1.169   -2.928  1.00 11.32 ? 90  LEU A CB  1 
ATOM   308  C CG  . LEU A 1 39  ? 4.797   0.786   -1.945  1.00 15.60 ? 90  LEU A CG  1 
ATOM   309  C CD1 . LEU A 1 39  ? 5.099   -0.491  -1.167  1.00 12.08 ? 90  LEU A CD1 1 
ATOM   310  C CD2 . LEU A 1 39  ? 4.601   1.963   -0.978  1.00 15.51 ? 90  LEU A CD2 1 
ATOM   311  N N   . ARG A 1 40  ? 5.073   0.521   -5.918  1.00 10.73 ? 91  ARG A N   1 
ATOM   312  C CA  . ARG A 1 40  ? 4.122   0.210   -6.991  1.00 11.77 ? 91  ARG A CA  1 
ATOM   313  C C   . ARG A 1 40  ? 4.402   -1.150  -7.587  1.00 11.25 ? 91  ARG A C   1 
ATOM   314  O O   . ARG A 1 40  ? 3.498   -1.969  -7.755  1.00 11.06 ? 91  ARG A O   1 
ATOM   315  C CB  . ARG A 1 40  ? 4.189   1.252   -8.119  1.00 10.61 ? 91  ARG A CB  1 
ATOM   316  C CG  . ARG A 1 40  ? 3.620   2.616   -7.700  1.00 12.08 ? 91  ARG A CG  1 
ATOM   317  C CD  . ARG A 1 40  ? 3.651   3.570   -8.901  1.00 15.68 ? 91  ARG A CD  1 
ATOM   318  N NE  . ARG A 1 40  ? 3.010   4.857   -8.612  1.00 14.88 ? 91  ARG A NE  1 
ATOM   319  C CZ  . ARG A 1 40  ? 2.443   5.629   -9.541  1.00 14.14 ? 91  ARG A CZ  1 
ATOM   320  N NH1 . ARG A 1 40  ? 2.454   5.258   -10.820 1.00 12.81 ? 91  ARG A NH1 1 
ATOM   321  N NH2 . ARG A 1 40  ? 1.857   6.766   -9.207  1.00 19.83 ? 91  ARG A NH2 1 
ATOM   322  N N   . GLU A 1 41  ? 5.661   -1.369  -7.947  1.00 11.60 ? 92  GLU A N   1 
ATOM   323  C CA  . GLU A 1 41  ? 6.043   -2.670  -8.531  1.00 12.23 ? 92  GLU A CA  1 
ATOM   324  C C   . GLU A 1 41  ? 5.795   -3.843  -7.573  1.00 11.40 ? 92  GLU A C   1 
ATOM   325  O O   . GLU A 1 41  ? 5.259   -4.870  -8.001  1.00 11.45 ? 92  GLU A O   1 
ATOM   326  C CB  . GLU A 1 41  ? 7.496   -2.652  -9.006  1.00 13.59 ? 92  GLU A CB  1 
ATOM   327  C CG  . GLU A 1 41  ? 7.695   -1.763  -10.222 1.00 17.17 ? 92  GLU A CG  1 
ATOM   328  C CD  . GLU A 1 41  ? 9.161   -1.520  -10.530 1.00 24.41 ? 92  GLU A CD  1 
ATOM   329  O OE1 . GLU A 1 41  ? 9.443   -0.744  -11.462 1.00 28.75 ? 92  GLU A OE1 1 
ATOM   330  O OE2 . GLU A 1 41  ? 10.035  -2.077  -9.823  1.00 28.93 ? 92  GLU A OE2 1 
ATOM   331  N N   . ALA A 1 42  ? 6.237   -3.714  -6.321  1.00 11.27 ? 93  ALA A N   1 
ATOM   332  C CA  . ALA A 1 42  ? 6.055   -4.753  -5.312  1.00 11.35 ? 93  ALA A CA  1 
ATOM   333  C C   . ALA A 1 42  ? 4.561   -5.034  -5.164  1.00 11.57 ? 93  ALA A C   1 
ATOM   334  O O   . ALA A 1 42  ? 4.127   -6.195  -5.171  1.00 10.50 ? 93  ALA A O   1 
ATOM   335  C CB  . ALA A 1 42  ? 6.653   -4.317  -3.955  1.00 10.37 ? 93  ALA A CB  1 
ATOM   336  N N   . GLY A 1 43  ? 3.741   -3.980  -5.040  1.00 11.04 ? 94  GLY A N   1 
ATOM   337  C CA  . GLY A 1 43  ? 2.285   -4.236  -4.954  1.00 10.64 ? 94  GLY A CA  1 
ATOM   338  C C   . GLY A 1 43  ? 1.710   -4.987  -6.163  1.00 11.46 ? 94  GLY A C   1 
ATOM   339  O O   . GLY A 1 43  ? 0.913   -5.919  -6.011  1.00 10.30 ? 94  GLY A O   1 
ATOM   340  N N   . ASP A 1 44  ? 2.098   -4.576  -7.370  1.00 10.31 ? 95  ASP A N   1 
ATOM   341  C CA  . ASP A 1 44  ? 1.695   -5.277  -8.579  1.00 10.25 ? 95  ASP A CA  1 
ATOM   342  C C   . ASP A 1 44  ? 2.127   -6.747  -8.539  1.00 9.93  ? 95  ASP A C   1 
ATOM   343  O O   . ASP A 1 44  ? 1.368   -7.640  -8.898  1.00 8.32  ? 95  ASP A O   1 
ATOM   344  C CB  . ASP A 1 44  ? 2.345   -4.609  -9.806  1.00 9.15  ? 95  ASP A CB  1 
ATOM   345  C CG  . ASP A 1 44  ? 1.610   -3.390  -10.291 1.00 13.12 ? 95  ASP A CG  1 
ATOM   346  O OD1 . ASP A 1 44  ? 0.496   -3.084  -9.807  1.00 16.67 ? 95  ASP A OD1 1 
ATOM   347  O OD2 . ASP A 1 44  ? 2.171   -2.705  -11.164 1.00 16.19 ? 95  ASP A OD2 1 
ATOM   348  N N   . GLU A 1 45  ? 3.362   -7.004  -8.116  1.00 10.61 ? 96  GLU A N   1 
ATOM   349  C CA  . GLU A 1 45  ? 3.854   -8.374  -8.126  1.00 10.18 ? 96  GLU A CA  1 
ATOM   350  C C   . GLU A 1 45  ? 3.113   -9.236  -7.099  1.00 9.94  ? 96  GLU A C   1 
ATOM   351  O O   . GLU A 1 45  ? 2.723   -10.368 -7.357  1.00 9.77  ? 96  GLU A O   1 
ATOM   352  C CB  . GLU A 1 45  ? 5.354   -8.406  -7.835  1.00 10.48 ? 96  GLU A CB  1 
ATOM   353  C CG  . GLU A 1 45  ? 5.921   -9.798  -8.117  1.00 12.61 ? 96  GLU A CG  1 
ATOM   354  C CD  . GLU A 1 45  ? 7.393   -9.920  -7.785  1.00 14.98 ? 96  GLU A CD  1 
ATOM   355  O OE1 . GLU A 1 45  ? 7.899   -9.061  -7.053  1.00 16.81 ? 96  GLU A OE1 1 
ATOM   356  O OE2 . GLU A 1 45  ? 8.035   -10.867 -8.296  1.00 11.86 ? 96  GLU A OE2 1 
ATOM   357  N N   . PHE A 1 46  ? 2.901   -8.650  -5.927  1.00 9.57  ? 97  PHE A N   1 
ATOM   358  C CA  . PHE A 1 46  ? 2.141   -9.306  -4.862  1.00 10.31 ? 97  PHE A CA  1 
ATOM   359  C C   . PHE A 1 46  ? 0.729   -9.664  -5.400  1.00 10.34 ? 97  PHE A C   1 
ATOM   360  O O   . PHE A 1 46  ? 0.274   -10.809 -5.236  1.00 10.24 ? 97  PHE A O   1 
ATOM   361  C CB  . PHE A 1 46  ? 2.074   -8.327  -3.683  1.00 10.97 ? 97  PHE A CB  1 
ATOM   362  C CG  . PHE A 1 46  ? 1.229   -8.791  -2.547  1.00 8.93  ? 97  PHE A CG  1 
ATOM   363  C CD1 . PHE A 1 46  ? 0.053   -8.080  -2.248  1.00 13.51 ? 97  PHE A CD1 1 
ATOM   364  C CD2 . PHE A 1 46  ? 1.595   -9.886  -1.772  1.00 9.35  ? 97  PHE A CD2 1 
ATOM   365  C CE1 . PHE A 1 46  ? -0.759  -8.475  -1.196  1.00 12.48 ? 97  PHE A CE1 1 
ATOM   366  C CE2 . PHE A 1 46  ? 0.785   -10.288 -0.678  1.00 9.48  ? 97  PHE A CE2 1 
ATOM   367  C CZ  . PHE A 1 46  ? -0.400  -9.541  -0.404  1.00 11.57 ? 97  PHE A CZ  1 
ATOM   368  N N   . GLU A 1 47  ? 0.047   -8.687  -5.983  1.00 10.83 ? 98  GLU A N   1 
ATOM   369  C CA  . GLU A 1 47  ? -1.311  -8.895  -6.514  1.00 12.33 ? 98  GLU A CA  1 
ATOM   370  C C   . GLU A 1 47  ? -1.332  -9.872  -7.682  1.00 13.02 ? 98  GLU A C   1 
ATOM   371  O O   . GLU A 1 47  ? -2.358  -10.538 -7.918  1.00 14.46 ? 98  GLU A O   1 
ATOM   372  C CB  . GLU A 1 47  ? -2.004  -7.573  -6.877  1.00 13.47 ? 98  GLU A CB  1 
ATOM   373  C CG  . GLU A 1 47  ? -2.284  -6.691  -5.660  1.00 14.29 ? 98  GLU A CG  1 
ATOM   374  C CD  . GLU A 1 47  ? -2.441  -5.239  -6.012  1.00 18.86 ? 98  GLU A CD  1 
ATOM   375  O OE1 . GLU A 1 47  ? -2.738  -4.981  -7.187  1.00 18.36 ? 98  GLU A OE1 1 
ATOM   376  O OE2 . GLU A 1 47  ? -2.273  -4.359  -5.124  1.00 17.99 ? 98  GLU A OE2 1 
ATOM   377  N N   . LEU A 1 48  ? -0.220  -9.939  -8.428  1.00 12.10 ? 99  LEU A N   1 
ATOM   378  C CA  . LEU A 1 48  ? -0.118  -10.869 -9.579  1.00 13.29 ? 99  LEU A CA  1 
ATOM   379  C C   . LEU A 1 48  ? 0.181   -12.314 -9.161  1.00 12.67 ? 99  LEU A C   1 
ATOM   380  O O   . LEU A 1 48  ? -0.543  -13.244 -9.539  1.00 13.48 ? 99  LEU A O   1 
ATOM   381  C CB  . LEU A 1 48  ? 0.945   -10.378 -10.579 1.00 14.24 ? 99  LEU A CB  1 
ATOM   382  C CG  . LEU A 1 48  ? 1.285   -11.324 -11.734 1.00 15.36 ? 99  LEU A CG  1 
ATOM   383  C CD1 . LEU A 1 48  ? 0.074   -11.456 -12.657 1.00 20.38 ? 99  LEU A CD1 1 
ATOM   384  C CD2 . LEU A 1 48  ? 2.481   -10.747 -12.519 1.00 20.70 ? 99  LEU A CD2 1 
ATOM   385  N N   . ARG A 1 49  ? 1.209   -12.521 -8.337  1.00 11.23 ? 100 ARG A N   1 
ATOM   386  C CA  . ARG A 1 49  ? 1.545   -13.838 -7.896  1.00 9.46  ? 100 ARG A CA  1 
ATOM   387  C C   . ARG A 1 49  ? 0.369   -14.400 -7.045  1.00 12.08 ? 100 ARG A C   1 
ATOM   388  O O   . ARG A 1 49  ? -0.013  -15.546 -7.215  1.00 12.58 ? 100 ARG A O   1 
ATOM   389  C CB  . ARG A 1 49  ? 2.849   -13.829 -7.087  1.00 9.74  ? 100 ARG A CB  1 
ATOM   390  C CG  . ARG A 1 49  ? 3.094   -15.082 -6.247  1.00 13.96 ? 100 ARG A CG  1 
ATOM   391  C CD  . ARG A 1 49  ? 3.191   -16.345 -7.126  1.00 13.67 ? 100 ARG A CD  1 
ATOM   392  N NE  . ARG A 1 49  ? 3.349   -17.543 -6.299  1.00 14.55 ? 100 ARG A NE  1 
ATOM   393  C CZ  . ARG A 1 49  ? 2.372   -18.342 -5.844  1.00 16.71 ? 100 ARG A CZ  1 
ATOM   394  N NH1 . ARG A 1 49  ? 1.093   -18.104 -6.130  1.00 13.19 ? 100 ARG A NH1 1 
ATOM   395  N NH2 . ARG A 1 49  ? 2.686   -19.406 -5.094  1.00 14.61 ? 100 ARG A NH2 1 
ATOM   396  N N   . TYR A 1 50  ? -0.218  -13.573 -6.175  1.00 11.60 ? 101 TYR A N   1 
ATOM   397  C CA  . TYR A 1 50  ? -1.301  -14.035 -5.262  1.00 12.03 ? 101 TYR A CA  1 
ATOM   398  C C   . TYR A 1 50  ? -2.684  -13.563 -5.746  1.00 14.25 ? 101 TYR A C   1 
ATOM   399  O O   . TYR A 1 50  ? -3.590  -13.314 -4.963  1.00 14.71 ? 101 TYR A O   1 
ATOM   400  C CB  . TYR A 1 50  ? -0.994  -13.622 -3.802  1.00 11.99 ? 101 TYR A CB  1 
ATOM   401  C CG  . TYR A 1 50  ? 0.372   -14.175 -3.378  1.00 12.21 ? 101 TYR A CG  1 
ATOM   402  C CD1 . TYR A 1 50  ? 0.562   -15.539 -3.172  1.00 10.87 ? 101 TYR A CD1 1 
ATOM   403  C CD2 . TYR A 1 50  ? 1.463   -13.338 -3.236  1.00 11.74 ? 101 TYR A CD2 1 
ATOM   404  C CE1 . TYR A 1 50  ? 1.823   -16.059 -2.834  1.00 12.65 ? 101 TYR A CE1 1 
ATOM   405  C CE2 . TYR A 1 50  ? 2.711   -13.841 -2.893  1.00 12.65 ? 101 TYR A CE2 1 
ATOM   406  C CZ  . TYR A 1 50  ? 2.884   -15.192 -2.697  1.00 13.87 ? 101 TYR A CZ  1 
ATOM   407  O OH  . TYR A 1 50  ? 4.154   -15.640 -2.376  1.00 18.69 ? 101 TYR A OH  1 
ATOM   408  N N   . ARG A 1 51  ? -2.839  -13.468 -7.058  1.00 15.22 ? 102 ARG A N   1 
ATOM   409  C CA  . ARG A 1 51  ? -4.094  -12.976 -7.627  1.00 15.15 ? 102 ARG A CA  1 
ATOM   410  C C   . ARG A 1 51  ? -5.297  -13.778 -7.071  1.00 14.10 ? 102 ARG A C   1 
ATOM   411  O O   . ARG A 1 51  ? -6.300  -13.190 -6.646  1.00 14.80 ? 102 ARG A O   1 
ATOM   412  C CB  . ARG A 1 51  ? -4.017  -13.040 -9.133  1.00 17.56 ? 102 ARG A CB  1 
ATOM   413  C CG  . ARG A 1 51  ? -3.112  -11.963 -9.716  0.01 16.13 ? 102 ARG A CG  1 
ATOM   414  C CD  . ARG A 1 51  ? -3.135  -11.976 -11.235 0.01 16.42 ? 102 ARG A CD  1 
ATOM   415  N NE  . ARG A 1 51  ? -4.441  -11.611 -11.780 0.01 16.29 ? 102 ARG A NE  1 
ATOM   416  C CZ  . ARG A 1 51  ? -4.769  -11.722 -13.063 0.01 16.32 ? 102 ARG A CZ  1 
ATOM   417  N NH1 . ARG A 1 51  ? -5.980  -11.367 -13.472 0.01 16.20 ? 102 ARG A NH1 1 
ATOM   418  N NH2 . ARG A 1 51  ? -3.889  -12.191 -13.938 0.01 16.16 ? 102 ARG A NH2 1 
ATOM   419  N N   . ARG A 1 52  ? -5.171  -15.100 -7.041  1.00 12.55 ? 103 ARG A N   1 
ATOM   420  C CA  . ARG A 1 52  ? -6.293  -15.939 -6.579  1.00 13.68 ? 103 ARG A CA  1 
ATOM   421  C C   . ARG A 1 52  ? -6.689  -15.606 -5.117  1.00 13.08 ? 103 ARG A C   1 
ATOM   422  O O   . ARG A 1 52  ? -7.859  -15.306 -4.796  1.00 12.74 ? 103 ARG A O   1 
ATOM   423  C CB  . ARG A 1 52  ? -5.954  -17.428 -6.718  1.00 15.53 ? 103 ARG A CB  1 
ATOM   424  C CG  . ARG A 1 52  ? -7.078  -18.334 -6.202  1.00 17.22 ? 103 ARG A CG  1 
ATOM   425  C CD  . ARG A 1 52  ? -6.692  -19.060 -4.862  1.00 19.68 ? 103 ARG A CD  1 
ATOM   426  N NE  . ARG A 1 52  ? -7.606  -20.177 -4.583  1.00 20.19 ? 103 ARG A NE  1 
ATOM   427  C CZ  . ARG A 1 52  ? -7.616  -20.918 -3.471  1.00 20.13 ? 103 ARG A CZ  1 
ATOM   428  N NH1 . ARG A 1 52  ? -6.738  -20.685 -2.494  1.00 18.38 ? 103 ARG A NH1 1 
ATOM   429  N NH2 . ARG A 1 52  ? -8.515  -21.915 -3.335  1.00 19.48 ? 103 ARG A NH2 1 
ATOM   430  N N   . ALA A 1 53  ? -5.695  -15.637 -4.235  1.00 11.90 ? 104 ALA A N   1 
ATOM   431  C CA  . ALA A 1 53  ? -5.928  -15.363 -2.804  1.00 10.94 ? 104 ALA A CA  1 
ATOM   432  C C   . ALA A 1 53  ? -6.284  -13.897 -2.532  1.00 12.12 ? 104 ALA A C   1 
ATOM   433  O O   . ALA A 1 53  ? -7.100  -13.603 -1.632  1.00 11.34 ? 104 ALA A O   1 
ATOM   434  C CB  . ALA A 1 53  ? -4.697  -15.795 -1.967  1.00 11.56 ? 104 ALA A CB  1 
ATOM   435  N N   . PHE A 1 54  ? -5.674  -12.971 -3.292  1.00 11.74 ? 105 PHE A N   1 
ATOM   436  C CA  . PHE A 1 54  ? -5.902  -11.544 -3.043  1.00 12.04 ? 105 PHE A CA  1 
ATOM   437  C C   . PHE A 1 54  ? -7.279  -11.111 -3.564  1.00 11.46 ? 105 PHE A C   1 
ATOM   438  O O   . PHE A 1 54  ? -8.016  -10.416 -2.876  1.00 11.22 ? 105 PHE A O   1 
ATOM   439  C CB  . PHE A 1 54  ? -4.806  -10.675 -3.682  1.00 12.17 ? 105 PHE A CB  1 
ATOM   440  C CG  . PHE A 1 54  ? -4.914  -9.211  -3.322  1.00 13.24 ? 105 PHE A CG  1 
ATOM   441  C CD1 . PHE A 1 54  ? -5.417  -8.289  -4.237  1.00 10.49 ? 105 PHE A CD1 1 
ATOM   442  C CD2 . PHE A 1 54  ? -4.561  -8.768  -2.047  1.00 12.58 ? 105 PHE A CD2 1 
ATOM   443  C CE1 . PHE A 1 54  ? -5.525  -6.936  -3.898  1.00 10.40 ? 105 PHE A CE1 1 
ATOM   444  C CE2 . PHE A 1 54  ? -4.662  -7.439  -1.689  1.00 14.36 ? 105 PHE A CE2 1 
ATOM   445  C CZ  . PHE A 1 54  ? -5.147  -6.503  -2.629  1.00 11.64 ? 105 PHE A CZ  1 
ATOM   446  N N   A SER A 1 55  ? -7.601  -11.543 -4.775  0.60 11.70 ? 106 SER A N   1 
ATOM   447  N N   B SER A 1 55  ? -7.614  -11.544 -4.766  0.40 11.84 ? 106 SER A N   1 
ATOM   448  C CA  A SER A 1 55  ? -8.949  -11.381 -5.330  0.60 13.12 ? 106 SER A CA  1 
ATOM   449  C CA  B SER A 1 55  ? -8.955  -11.342 -5.295  0.40 12.92 ? 106 SER A CA  1 
ATOM   450  C C   A SER A 1 55  ? -9.983  -11.908 -4.335  0.60 13.61 ? 106 SER A C   1 
ATOM   451  C C   B SER A 1 55  ? -9.989  -11.903 -4.319  0.40 13.31 ? 106 SER A C   1 
ATOM   452  O O   A SER A 1 55  ? -10.963 -11.233 -4.008  0.60 12.90 ? 106 SER A O   1 
ATOM   453  O O   B SER A 1 55  ? -10.973 -11.241 -3.983  0.40 12.78 ? 106 SER A O   1 
ATOM   454  C CB  A SER A 1 55  ? -9.090  -12.165 -6.633  0.60 14.46 ? 106 SER A CB  1 
ATOM   455  C CB  B SER A 1 55  ? -9.065  -12.040 -6.639  0.40 14.02 ? 106 SER A CB  1 
ATOM   456  O OG  A SER A 1 55  ? -10.393 -11.957 -7.174  0.60 17.64 ? 106 SER A OG  1 
ATOM   457  O OG  B SER A 1 55  ? -8.144  -11.462 -7.547  0.40 15.83 ? 106 SER A OG  1 
ATOM   458  N N   . ASP A 1 56  ? -9.768  -13.132 -3.867  1.00 12.84 ? 107 ASP A N   1 
ATOM   459  C CA  . ASP A 1 56  ? -10.738 -13.774 -2.943  1.00 13.37 ? 107 ASP A CA  1 
ATOM   460  C C   . ASP A 1 56  ? -10.973 -12.924 -1.711  1.00 13.04 ? 107 ASP A C   1 
ATOM   461  O O   . ASP A 1 56  ? -12.119 -12.678 -1.336  1.00 13.00 ? 107 ASP A O   1 
ATOM   462  C CB  . ASP A 1 56  ? -10.306 -15.171 -2.509  1.00 13.39 ? 107 ASP A CB  1 
ATOM   463  C CG  . ASP A 1 56  ? -10.711 -16.233 -3.501  1.00 21.32 ? 107 ASP A CG  1 
ATOM   464  O OD1 . ASP A 1 56  ? -11.372 -15.884 -4.512  1.00 21.77 ? 107 ASP A OD1 1 
ATOM   465  O OD2 . ASP A 1 56  ? -10.389 -17.422 -3.260  1.00 25.23 ? 107 ASP A OD2 1 
ATOM   466  N N   . LEU A 1 57  ? -9.893  -12.493 -1.057  1.00 12.15 ? 108 LEU A N   1 
ATOM   467  C CA  . LEU A 1 57  ? -10.051 -11.758 0.206   1.00 12.06 ? 108 LEU A CA  1 
ATOM   468  C C   . LEU A 1 57  ? -10.686 -10.376 0.016   1.00 12.23 ? 108 LEU A C   1 
ATOM   469  O O   . LEU A 1 57  ? -11.462 -9.926  0.843   1.00 13.35 ? 108 LEU A O   1 
ATOM   470  C CB  . LEU A 1 57  ? -8.715  -11.681 0.987   1.00 12.35 ? 108 LEU A CB  1 
ATOM   471  C CG  . LEU A 1 57  ? -7.536  -10.874 0.444   1.00 9.49  ? 108 LEU A CG  1 
ATOM   472  C CD1 . LEU A 1 57  ? -7.686  -9.458  0.991   1.00 17.10 ? 108 LEU A CD1 1 
ATOM   473  C CD2 . LEU A 1 57  ? -6.243  -11.532 1.001   1.00 7.13  ? 108 LEU A CD2 1 
ATOM   474  N N   . THR A 1 58  ? -10.353 -9.728  -1.077  1.00 12.79 ? 109 THR A N   1 
ATOM   475  C CA  . THR A 1 58  ? -10.896 -8.437  -1.365  1.00 15.03 ? 109 THR A CA  1 
ATOM   476  C C   . THR A 1 58  ? -12.369 -8.557  -1.739  1.00 14.38 ? 109 THR A C   1 
ATOM   477  O O   . THR A 1 58  ? -13.133 -7.710  -1.458  1.00 14.11 ? 109 THR A O   1 
ATOM   478  C CB  . THR A 1 58  ? -10.133 -7.661  -2.421  1.00 14.90 ? 109 THR A CB  1 
ATOM   479  O OG1 . THR A 1 58  ? -10.185 -8.354  -3.624  1.00 24.19 ? 109 THR A OG1 1 
ATOM   480  C CG2 . THR A 1 58  ? -8.769  -7.454  -2.005  1.00 11.36 ? 109 THR A CG2 1 
ATOM   481  N N   . SER A 1 59  ? -12.718 -9.680  -2.307  1.00 12.76 ? 110 SER A N   1 
ATOM   482  C CA  . SER A 1 59  ? -14.137 -9.931  -2.657  1.00 13.74 ? 110 SER A CA  1 
ATOM   483  C C   . SER A 1 59  ? -15.061 -10.035 -1.436  1.00 14.39 ? 110 SER A C   1 
ATOM   484  O O   . SER A 1 59  ? -16.271 -9.795  -1.536  1.00 16.19 ? 110 SER A O   1 
ATOM   485  C CB  . SER A 1 59  ? -14.294 -11.160 -3.546  1.00 15.47 ? 110 SER A CB  1 
ATOM   486  O OG  . SER A 1 59  ? -14.270 -12.371 -2.800  1.00 18.06 ? 110 SER A OG  1 
ATOM   487  N N   . GLN A 1 60  ? -14.472 -10.350 -0.287  1.00 13.46 ? 111 GLN A N   1 
ATOM   488  C CA  . GLN A 1 60  ? -15.201 -10.535 0.961   1.00 12.20 ? 111 GLN A CA  1 
ATOM   489  C C   . GLN A 1 60  ? -15.425 -9.213  1.710   1.00 12.25 ? 111 GLN A C   1 
ATOM   490  O O   . GLN A 1 60  ? -16.124 -9.199  2.701   1.00 11.38 ? 111 GLN A O   1 
ATOM   491  C CB  . GLN A 1 60  ? -14.490 -11.565 1.862   1.00 13.91 ? 111 GLN A CB  1 
ATOM   492  C CG  . GLN A 1 60  ? -14.450 -12.977 1.211   1.00 14.94 ? 111 GLN A CG  1 
ATOM   493  C CD  . GLN A 1 60  ? -15.858 -13.523 0.923   1.00 18.00 ? 111 GLN A CD  1 
ATOM   494  O OE1 . GLN A 1 60  ? -16.685 -13.619 1.804   1.00 20.98 ? 111 GLN A OE1 1 
ATOM   495  N NE2 . GLN A 1 60  ? -16.121 -13.860 -0.327  1.00 24.76 ? 111 GLN A NE2 1 
ATOM   496  N N   . LEU A 1 61  ? -14.845 -8.120  1.225   1.00 12.46 ? 112 LEU A N   1 
ATOM   497  C CA  . LEU A 1 61  ? -14.973 -6.830  1.932   1.00 14.57 ? 112 LEU A CA  1 
ATOM   498  C C   . LEU A 1 61  ? -16.440 -6.355  1.974   1.00 14.23 ? 112 LEU A C   1 
ATOM   499  O O   . LEU A 1 61  ? -17.137 -6.454  0.989   1.00 16.56 ? 112 LEU A O   1 
ATOM   500  C CB  . LEU A 1 61  ? -14.085 -5.757  1.276   1.00 15.46 ? 112 LEU A CB  1 
ATOM   501  C CG  . LEU A 1 61  ? -12.577 -5.988  1.315   1.00 17.02 ? 112 LEU A CG  1 
ATOM   502  C CD1 . LEU A 1 61  ? -11.871 -5.009  0.363   1.00 19.99 ? 112 LEU A CD1 1 
ATOM   503  C CD2 . LEU A 1 61  ? -12.071 -5.831  2.753   1.00 18.65 ? 112 LEU A CD2 1 
ATOM   504  N N   . HIS A 1 62  ? -16.924 -6.004  3.154   1.00 15.66 ? 113 HIS A N   1 
ATOM   505  C CA  . HIS A 1 62  ? -18.174 -5.317  3.315   1.00 16.14 ? 113 HIS A CA  1 
ATOM   506  C C   . HIS A 1 62  ? -18.036 -3.949  3.936   1.00 15.42 ? 113 HIS A C   1 
ATOM   507  O O   . HIS A 1 62  ? -17.782 -3.828  5.072   1.00 14.70 ? 113 HIS A O   1 
ATOM   508  C CB  . HIS A 1 62  ? -19.143 -6.103  4.129   1.00 19.35 ? 113 HIS A CB  1 
ATOM   509  C CG  . HIS A 1 62  ? -20.499 -5.503  4.125   1.00 23.99 ? 113 HIS A CG  1 
ATOM   510  N ND1 . HIS A 1 62  ? -21.244 -5.312  5.252   1.00 32.08 ? 113 HIS A ND1 1 
ATOM   511  C CD2 . HIS A 1 62  ? -21.209 -4.972  3.113   1.00 30.91 ? 113 HIS A CD2 1 
ATOM   512  C CE1 . HIS A 1 62  ? -22.369 -4.720  4.933   1.00 30.39 ? 113 HIS A CE1 1 
ATOM   513  N NE2 . HIS A 1 62  ? -22.371 -4.499  3.643   1.00 31.93 ? 113 HIS A NE2 1 
ATOM   514  N N   . ILE A 1 63  ? -18.165 -2.959  3.086   1.00 14.34 ? 114 ILE A N   1 
ATOM   515  C CA  . ILE A 1 63  ? -17.913 -1.578  3.459   1.00 14.90 ? 114 ILE A CA  1 
ATOM   516  C C   . ILE A 1 63  ? -19.187 -0.717  3.527   1.00 13.36 ? 114 ILE A C   1 
ATOM   517  O O   . ILE A 1 63  ? -19.962 -0.698  2.628   1.00 14.77 ? 114 ILE A O   1 
ATOM   518  C CB  . ILE A 1 63  ? -16.902 -0.926  2.477   1.00 15.16 ? 114 ILE A CB  1 
ATOM   519  C CG1 . ILE A 1 63  ? -15.690 -1.814  2.219   1.00 21.71 ? 114 ILE A CG1 1 
ATOM   520  C CG2 . ILE A 1 63  ? -16.478 0.363   2.954   1.00 17.04 ? 114 ILE A CG2 1 
ATOM   521  C CD1 . ILE A 1 63  ? -14.869 -1.406  0.976   1.00 24.77 ? 114 ILE A CD1 1 
ATOM   522  N N   . THR A 1 64  ? -19.364 -0.023  4.620   1.00 11.73 ? 115 THR A N   1 
ATOM   523  C CA  . THR A 1 64  ? -20.223 1.117   4.672   1.00 11.71 ? 115 THR A CA  1 
ATOM   524  C C   . THR A 1 64  ? -19.432 2.262   5.275   1.00 11.21 ? 115 THR A C   1 
ATOM   525  O O   . THR A 1 64  ? -18.472 2.039   5.912   1.00 12.03 ? 115 THR A O   1 
ATOM   526  C CB  . THR A 1 64  ? -21.487 0.845   5.541   1.00 12.65 ? 115 THR A CB  1 
ATOM   527  O OG1 . THR A 1 64  ? -21.135 0.753   6.893   1.00 11.49 ? 115 THR A OG1 1 
ATOM   528  C CG2 . THR A 1 64  ? -22.164 -0.380  5.098   1.00 11.21 ? 115 THR A CG2 1 
ATOM   529  N N   . PRO A 1 65  ? -19.882 3.491   5.076   1.00 10.43 ? 116 PRO A N   1 
ATOM   530  C CA  . PRO A 1 65  ? -19.114 4.603   5.616   1.00 10.98 ? 116 PRO A CA  1 
ATOM   531  C C   . PRO A 1 65  ? -19.019 4.525   7.138   1.00 10.63 ? 116 PRO A C   1 
ATOM   532  O O   . PRO A 1 65  ? -18.046 4.826   7.705   1.00 11.62 ? 116 PRO A O   1 
ATOM   533  C CB  . PRO A 1 65  ? -19.857 5.856   5.087   1.00 10.99 ? 116 PRO A CB  1 
ATOM   534  C CG  . PRO A 1 65  ? -20.429 5.428   3.892   1.00 10.49 ? 116 PRO A CG  1 
ATOM   535  C CD  . PRO A 1 65  ? -20.899 4.010   4.178   1.00 10.56 ? 116 PRO A CD  1 
ATOM   536  N N   . GLY A 1 66  ? -20.069 4.089   7.766   1.00 11.95 ? 117 GLY A N   1 
ATOM   537  C CA  . GLY A 1 66  ? -20.077 4.089   9.231   1.00 12.25 ? 117 GLY A CA  1 
ATOM   538  C C   . GLY A 1 66  ? -19.279 2.952   9.844   1.00 12.98 ? 117 GLY A C   1 
ATOM   539  O O   . GLY A 1 66  ? -18.990 2.981   11.039  1.00 13.02 ? 117 GLY A O   1 
ATOM   540  N N   . THR A 1 67  ? -18.917 1.950   9.038   1.00 11.03 ? 118 THR A N   1 
ATOM   541  C CA  . THR A 1 67  ? -18.121 0.835   9.559   1.00 11.04 ? 118 THR A CA  1 
ATOM   542  C C   . THR A 1 67  ? -16.721 0.706   8.946   1.00 10.70 ? 118 THR A C   1 
ATOM   543  O O   . THR A 1 67  ? -15.955 -0.201  9.347   1.00 11.97 ? 118 THR A O   1 
ATOM   544  C CB  . THR A 1 67  ? -18.837 -0.514  9.373   1.00 12.97 ? 118 THR A CB  1 
ATOM   545  O OG1 . THR A 1 67  ? -19.065 -0.765  7.977   1.00 14.30 ? 118 THR A OG1 1 
ATOM   546  C CG2 . THR A 1 67  ? -20.176 -0.474  10.143  1.00 13.27 ? 118 THR A CG2 1 
ATOM   547  N N   . ALA A 1 68  ? -16.414 1.595   8.009   1.00 8.75  ? 119 ALA A N   1 
ATOM   548  C CA  . ALA A 1 68  ? -15.179 1.509   7.217   1.00 9.40  ? 119 ALA A CA  1 
ATOM   549  C C   . ALA A 1 68  ? -13.954 1.608   8.089   1.00 9.06  ? 119 ALA A C   1 
ATOM   550  O O   . ALA A 1 68  ? -12.994 0.841   7.888   1.00 10.48 ? 119 ALA A O   1 
ATOM   551  C CB  . ALA A 1 68  ? -15.135 2.537   6.131   1.00 10.14 ? 119 ALA A CB  1 
ATOM   552  N N   . TYR A 1 69  ? -13.946 2.562   9.012   1.00 9.12  ? 120 TYR A N   1 
ATOM   553  C CA  . TYR A 1 69  ? -12.729 2.742   9.819   1.00 10.07 ? 120 TYR A CA  1 
ATOM   554  C C   . TYR A 1 69  ? -12.502 1.495   10.700  1.00 9.65  ? 120 TYR A C   1 
ATOM   555  O O   . TYR A 1 69  ? -11.376 0.968   10.791  1.00 9.86  ? 120 TYR A O   1 
ATOM   556  C CB  . TYR A 1 69  ? -12.772 4.013   10.691  1.00 8.84  ? 120 TYR A CB  1 
ATOM   557  C CG  . TYR A 1 69  ? -11.586 3.960   11.624  1.00 10.02 ? 120 TYR A CG  1 
ATOM   558  C CD1 . TYR A 1 69  ? -10.310 4.194   11.131  1.00 10.69 ? 120 TYR A CD1 1 
ATOM   559  C CD2 . TYR A 1 69  ? -11.715 3.496   12.924  1.00 9.78  ? 120 TYR A CD2 1 
ATOM   560  C CE1 . TYR A 1 69  ? -9.198  4.057   11.934  1.00 13.32 ? 120 TYR A CE1 1 
ATOM   561  C CE2 . TYR A 1 69  ? -10.577 3.357   13.766  1.00 9.42  ? 120 TYR A CE2 1 
ATOM   562  C CZ  . TYR A 1 69  ? -9.328  3.634   13.247  1.00 11.36 ? 120 TYR A CZ  1 
ATOM   563  O OH  . TYR A 1 69  ? -8.183  3.489   14.043  1.00 12.14 ? 120 TYR A OH  1 
ATOM   564  N N   . GLN A 1 70  ? -13.580 1.013   11.329  1.00 9.58  ? 121 GLN A N   1 
ATOM   565  C CA  . GLN A 1 70  ? -13.538 -0.180  12.169  1.00 11.05 ? 121 GLN A CA  1 
ATOM   566  C C   . GLN A 1 70  ? -12.943 -1.364  11.375  1.00 10.79 ? 121 GLN A C   1 
ATOM   567  O O   . GLN A 1 70  ? -12.073 -2.117  11.870  1.00 8.80  ? 121 GLN A O   1 
ATOM   568  C CB  . GLN A 1 70  ? -14.973 -0.531  12.646  1.00 13.86 ? 121 GLN A CB  1 
ATOM   569  C CG  . GLN A 1 70  ? -15.634 0.515   13.616  1.00 17.21 ? 121 GLN A CG  1 
ATOM   570  C CD  . GLN A 1 70  ? -17.211 0.710   13.363  1.00 13.29 ? 121 GLN A CD  1 
ATOM   571  O OE1 . GLN A 1 70  ? -17.767 1.770   13.636  0.01 13.95 ? 121 GLN A OE1 1 
ATOM   572  N NE2 . GLN A 1 70  ? -17.863 -0.332  12.860  0.01 14.24 ? 121 GLN A NE2 1 
ATOM   573  N N   . SER A 1 71  ? -13.386 -1.505  10.132  1.00 9.08  ? 122 SER A N   1 
ATOM   574  C CA  . SER A 1 71  ? -12.894 -2.560  9.274   1.00 9.74  ? 122 SER A CA  1 
ATOM   575  C C   . SER A 1 71  ? -11.414 -2.401  8.946   1.00 8.71  ? 122 SER A C   1 
ATOM   576  O O   . SER A 1 71  ? -10.626 -3.368  9.068   1.00 7.46  ? 122 SER A O   1 
ATOM   577  C CB  . SER A 1 71  ? -13.691 -2.568  7.969   1.00 10.74 ? 122 SER A CB  1 
ATOM   578  O OG  . SER A 1 71  ? -15.012 -2.979  8.240   1.00 12.36 ? 122 SER A OG  1 
ATOM   579  N N   . PHE A 1 72  ? -11.051 -1.204  8.508   1.00 7.63  ? 123 PHE A N   1 
ATOM   580  C CA  . PHE A 1 72  ? -9.666  -0.922  8.159   1.00 9.28  ? 123 PHE A CA  1 
ATOM   581  C C   . PHE A 1 72  ? -8.794  -1.271  9.375   1.00 8.37  ? 123 PHE A C   1 
ATOM   582  O O   . PHE A 1 72  ? -7.818  -1.998  9.277   1.00 7.64  ? 123 PHE A O   1 
ATOM   583  C CB  . PHE A 1 72  ? -9.505  0.568   7.849   1.00 9.12  ? 123 PHE A CB  1 
ATOM   584  C CG  . PHE A 1 72  ? -8.065  1.007   7.763   1.00 9.34  ? 123 PHE A CG  1 
ATOM   585  C CD1 . PHE A 1 72  ? -7.356  0.861   6.578   1.00 15.25 ? 123 PHE A CD1 1 
ATOM   586  C CD2 . PHE A 1 72  ? -7.414  1.517   8.886   1.00 13.00 ? 123 PHE A CD2 1 
ATOM   587  C CE1 . PHE A 1 72  ? -5.989  1.255   6.501   1.00 12.67 ? 123 PHE A CE1 1 
ATOM   588  C CE2 . PHE A 1 72  ? -6.081  1.924   8.817   1.00 17.18 ? 123 PHE A CE2 1 
ATOM   589  C CZ  . PHE A 1 72  ? -5.374  1.782   7.613   1.00 14.10 ? 123 PHE A CZ  1 
ATOM   590  N N   . GLU A 1 73  ? -9.163  -0.724  10.527  1.00 9.30  ? 124 GLU A N   1 
ATOM   591  C CA  . GLU A 1 73  ? -8.388  -0.888  11.748  1.00 9.79  ? 124 GLU A CA  1 
ATOM   592  C C   . GLU A 1 73  ? -8.243  -2.346  12.223  1.00 9.07  ? 124 GLU A C   1 
ATOM   593  O O   . GLU A 1 73  ? -7.145  -2.766  12.581  1.00 7.84  ? 124 GLU A O   1 
ATOM   594  C CB  . GLU A 1 73  ? -9.016  -0.071  12.869  1.00 10.66 ? 124 GLU A CB  1 
ATOM   595  C CG  . GLU A 1 73  ? -8.221  -0.117  14.183  1.00 13.37 ? 124 GLU A CG  1 
ATOM   596  C CD  . GLU A 1 73  ? -9.071  0.377   15.375  1.00 17.00 ? 124 GLU A CD  1 
ATOM   597  O OE1 . GLU A 1 73  ? -9.922  -0.405  15.855  1.00 13.94 ? 124 GLU A OE1 1 
ATOM   598  O OE2 . GLU A 1 73  ? -8.884  1.521   15.821  1.00 12.01 ? 124 GLU A OE2 1 
ATOM   599  N N   . GLN A 1 74  ? -9.342  -3.100  12.208  1.00 8.48  ? 125 GLN A N   1 
ATOM   600  C CA  . GLN A 1 74  ? -9.276  -4.485  12.640  1.00 9.71  ? 125 GLN A CA  1 
ATOM   601  C C   . GLN A 1 74  ? -8.369  -5.252  11.683  1.00 8.74  ? 125 GLN A C   1 
ATOM   602  O O   . GLN A 1 74  ? -7.521  -6.018  12.131  1.00 8.52  ? 125 GLN A O   1 
ATOM   603  C CB  . GLN A 1 74  ? -10.652 -5.156  12.685  1.00 11.22 ? 125 GLN A CB  1 
ATOM   604  C CG  . GLN A 1 74  ? -10.472 -6.623  13.176  1.00 11.12 ? 125 GLN A CG  1 
ATOM   605  C CD  . GLN A 1 74  ? -11.751 -7.442  13.154  1.00 14.54 ? 125 GLN A CD  1 
ATOM   606  O OE1 . GLN A 1 74  ? -12.827 -6.898  13.042  1.00 16.23 ? 125 GLN A OE1 1 
ATOM   607  N NE2 . GLN A 1 74  ? -11.617 -8.771  13.239  1.00 16.44 ? 125 GLN A NE2 1 
ATOM   608  N N   . VAL A 1 75  ? -8.549  -5.053  10.377  1.00 8.31  ? 126 VAL A N   1 
ATOM   609  C CA  . VAL A 1 75  ? -7.691  -5.805  9.422   1.00 8.92  ? 126 VAL A CA  1 
ATOM   610  C C   . VAL A 1 75  ? -6.187  -5.488  9.581   1.00 9.10  ? 126 VAL A C   1 
ATOM   611  O O   . VAL A 1 75  ? -5.366  -6.397  9.729   1.00 8.55  ? 126 VAL A O   1 
ATOM   612  C CB  . VAL A 1 75  ? -8.136  -5.610  7.971   1.00 9.91  ? 126 VAL A CB  1 
ATOM   613  C CG1 . VAL A 1 75  ? -7.109  -6.269  6.967   1.00 9.41  ? 126 VAL A CG1 1 
ATOM   614  C CG2 . VAL A 1 75  ? -9.559  -6.184  7.756   1.00 9.35  ? 126 VAL A CG2 1 
ATOM   615  N N   . VAL A 1 76  ? -5.821  -4.215  9.557   1.00 7.99  ? 127 VAL A N   1 
ATOM   616  C CA  . VAL A 1 76  ? -4.383  -3.861  9.699   1.00 9.66  ? 127 VAL A CA  1 
ATOM   617  C C   . VAL A 1 76  ? -3.780  -4.256  11.065  1.00 8.63  ? 127 VAL A C   1 
ATOM   618  O O   . VAL A 1 76  ? -2.666  -4.752  11.151  1.00 7.23  ? 127 VAL A O   1 
ATOM   619  C CB  . VAL A 1 76  ? -4.094  -2.402  9.324   1.00 9.29  ? 127 VAL A CB  1 
ATOM   620  C CG1 . VAL A 1 76  ? -4.506  -2.142  7.858   1.00 11.72 ? 127 VAL A CG1 1 
ATOM   621  C CG2 . VAL A 1 76  ? -4.767  -1.434  10.291  1.00 12.71 ? 127 VAL A CG2 1 
ATOM   622  N N   . ASN A 1 77  ? -4.539  -4.076  12.145  1.00 9.01  ? 128 ASN A N   1 
ATOM   623  C CA  . ASN A 1 77  ? -4.021  -4.493  13.455  1.00 8.83  ? 128 ASN A CA  1 
ATOM   624  C C   . ASN A 1 77  ? -3.853  -6.031  13.591  1.00 9.59  ? 128 ASN A C   1 
ATOM   625  O O   . ASN A 1 77  ? -2.992  -6.482  14.349  1.00 9.93  ? 128 ASN A O   1 
ATOM   626  C CB  . ASN A 1 77  ? -4.865  -3.892  14.602  1.00 9.04  ? 128 ASN A CB  1 
ATOM   627  C CG  . ASN A 1 77  ? -4.609  -2.392  14.805  1.00 9.45  ? 128 ASN A CG  1 
ATOM   628  O OD1 . ASN A 1 77  ? -5.345  -1.702  15.549  1.00 12.77 ? 128 ASN A OD1 1 
ATOM   629  N ND2 . ASN A 1 77  ? -3.577  -1.889  14.194  1.00 6.97  ? 128 ASN A ND2 1 
ATOM   630  N N   . GLU A 1 78  ? -4.654  -6.804  12.849  1.00 7.07  ? 129 GLU A N   1 
ATOM   631  C CA  . GLU A 1 78  ? -4.494  -8.260  12.805  1.00 8.33  ? 129 GLU A CA  1 
ATOM   632  C C   . GLU A 1 78  ? -3.279  -8.607  11.924  1.00 8.63  ? 129 GLU A C   1 
ATOM   633  O O   . GLU A 1 78  ? -2.480  -9.479  12.277  1.00 8.41  ? 129 GLU A O   1 
ATOM   634  C CB  . GLU A 1 78  ? -5.740  -8.928  12.234  1.00 9.42  ? 129 GLU A CB  1 
ATOM   635  C CG  . GLU A 1 78  ? -5.694  -10.471 12.181  1.00 9.49  ? 129 GLU A CG  1 
ATOM   636  C CD  . GLU A 1 78  ? -5.572  -11.093 13.553  1.00 15.48 ? 129 GLU A CD  1 
ATOM   637  O OE1 . GLU A 1 78  ? -6.295  -10.633 14.475  1.00 10.36 ? 129 GLU A OE1 1 
ATOM   638  O OE2 . GLU A 1 78  ? -4.772  -12.037 13.689  1.00 16.54 ? 129 GLU A OE2 1 
ATOM   639  N N   . LEU A 1 79  ? -3.191  -7.958  10.762  1.00 8.36  ? 130 LEU A N   1 
ATOM   640  C CA  . LEU A 1 79  ? -2.055  -8.139  9.853   1.00 8.95  ? 130 LEU A CA  1 
ATOM   641  C C   . LEU A 1 79  ? -0.724  -8.013  10.590  1.00 9.65  ? 130 LEU A C   1 
ATOM   642  O O   . LEU A 1 79  ? 0.187   -8.823  10.371  1.00 9.35  ? 130 LEU A O   1 
ATOM   643  C CB  . LEU A 1 79  ? -2.123  -7.088  8.739   1.00 8.48  ? 130 LEU A CB  1 
ATOM   644  C CG  . LEU A 1 79  ? -0.970  -7.028  7.713   1.00 8.85  ? 130 LEU A CG  1 
ATOM   645  C CD1 . LEU A 1 79  ? -0.710  -8.387  7.109   1.00 9.84  ? 130 LEU A CD1 1 
ATOM   646  C CD2 . LEU A 1 79  ? -1.228  -5.926  6.600   1.00 9.64  ? 130 LEU A CD2 1 
ATOM   647  N N   . PHE A 1 80  ? -0.608  -6.994  11.452  1.00 7.59  ? 131 PHE A N   1 
ATOM   648  C CA  . PHE A 1 80  ? 0.633   -6.742  12.209  1.00 8.99  ? 131 PHE A CA  1 
ATOM   649  C C   . PHE A 1 80  ? 0.673   -7.277  13.659  1.00 8.75  ? 131 PHE A C   1 
ATOM   650  O O   . PHE A 1 80  ? 1.611   -6.998  14.414  1.00 9.75  ? 131 PHE A O   1 
ATOM   651  C CB  . PHE A 1 80  ? 1.020   -5.253  12.153  1.00 8.05  ? 131 PHE A CB  1 
ATOM   652  C CG  . PHE A 1 80  ? 1.274   -4.740  10.734  1.00 8.17  ? 131 PHE A CG  1 
ATOM   653  C CD1 . PHE A 1 80  ? 2.380   -5.152  9.991   1.00 7.80  ? 131 PHE A CD1 1 
ATOM   654  C CD2 . PHE A 1 80  ? 0.373   -3.849  10.141  1.00 8.05  ? 131 PHE A CD2 1 
ATOM   655  C CE1 . PHE A 1 80  ? 2.598   -4.649  8.697   1.00 7.50  ? 131 PHE A CE1 1 
ATOM   656  C CE2 . PHE A 1 80  ? 0.584   -3.340  8.839   1.00 8.67  ? 131 PHE A CE2 1 
ATOM   657  C CZ  . PHE A 1 80  ? 1.686   -3.777  8.105   1.00 11.10 ? 131 PHE A CZ  1 
ATOM   658  N N   . ARG A 1 81  ? -0.299  -8.106  14.000  1.00 8.70  ? 132 ARG A N   1 
ATOM   659  C CA  . ARG A 1 81  ? -0.447  -8.612  15.381  1.00 9.04  ? 132 ARG A CA  1 
ATOM   660  C C   . ARG A 1 81  ? 0.846   -9.257  15.912  1.00 11.44 ? 132 ARG A C   1 
ATOM   661  O O   . ARG A 1 81  ? 1.275   -8.989  17.047  1.00 13.74 ? 132 ARG A O   1 
ATOM   662  C CB  . ARG A 1 81  ? -1.574  -9.646  15.413  1.00 8.90  ? 132 ARG A CB  1 
ATOM   663  C CG  . ARG A 1 81  ? -1.639  -10.449 16.750  1.00 9.45  ? 132 ARG A CG  1 
ATOM   664  C CD  . ARG A 1 81  ? -2.884  -11.351 16.779  1.00 11.39 ? 132 ARG A CD  1 
ATOM   665  N NE  . ARG A 1 81  ? -4.075  -10.529 16.583  1.00 9.45  ? 132 ARG A NE  1 
ATOM   666  C CZ  . ARG A 1 81  ? -4.657  -9.765  17.514  1.00 13.60 ? 132 ARG A CZ  1 
ATOM   667  N NH1 . ARG A 1 81  ? -5.692  -9.011  17.182  1.00 12.43 ? 132 ARG A NH1 1 
ATOM   668  N NH2 . ARG A 1 81  ? -4.236  -9.770  18.766  1.00 14.39 ? 132 ARG A NH2 1 
ATOM   669  N N   . ASP A 1 82  ? 1.496   -10.058 15.085  1.00 12.50 ? 133 ASP A N   1 
ATOM   670  C CA  . ASP A 1 82  ? 2.682   -10.752 15.553  1.00 17.44 ? 133 ASP A CA  1 
ATOM   671  C C   . ASP A 1 82  ? 3.968   -10.217 14.940  1.00 18.36 ? 133 ASP A C   1 
ATOM   672  O O   . ASP A 1 82  ? 4.998   -10.919 14.866  1.00 19.48 ? 133 ASP A O   1 
ATOM   673  C CB  . ASP A 1 82  ? 2.539   -12.262 15.443  1.00 19.91 ? 133 ASP A CB  1 
ATOM   674  C CG  . ASP A 1 82  ? 2.004   -12.708 14.111  1.00 27.84 ? 133 ASP A CG  1 
ATOM   675  O OD1 . ASP A 1 82  ? 2.389   -12.131 13.079  1.00 30.54 ? 133 ASP A OD1 1 
ATOM   676  O OD2 . ASP A 1 82  ? 1.183   -13.646 14.111  1.00 36.63 ? 133 ASP A OD2 1 
ATOM   677  N N   . GLY A 1 83  ? 3.916   -8.951  14.550  1.00 16.64 ? 134 GLY A N   1 
ATOM   678  C CA  . GLY A 1 83  ? 5.111   -8.258  14.099  1.00 15.99 ? 134 GLY A CA  1 
ATOM   679  C C   . GLY A 1 83  ? 4.965   -7.650  12.714  1.00 14.32 ? 134 GLY A C   1 
ATOM   680  O O   . GLY A 1 83  ? 3.922   -7.718  12.052  1.00 13.62 ? 134 GLY A O   1 
ATOM   681  N N   . VAL A 1 84  ? 6.046   -7.085  12.260  1.00 12.75 ? 135 VAL A N   1 
ATOM   682  C CA  . VAL A 1 84  ? 6.096   -6.421  10.996  1.00 12.00 ? 135 VAL A CA  1 
ATOM   683  C C   . VAL A 1 84  ? 7.173   -7.049  10.095  1.00 11.45 ? 135 VAL A C   1 
ATOM   684  O O   . VAL A 1 84  ? 8.176   -7.482  10.555  1.00 12.76 ? 135 VAL A O   1 
ATOM   685  C CB  . VAL A 1 84  ? 6.406   -4.949  11.173  1.00 11.13 ? 135 VAL A CB  1 
ATOM   686  C CG1 . VAL A 1 84  ? 6.466   -4.227  9.897   1.00 12.10 ? 135 VAL A CG1 1 
ATOM   687  C CG2 . VAL A 1 84  ? 5.480   -4.334  12.176  1.00 12.41 ? 135 VAL A CG2 1 
ATOM   688  N N   . ASN A 1 85  ? 6.919   -7.033  8.796   1.00 10.86 ? 136 ASN A N   1 
ATOM   689  C CA  . ASN A 1 85  ? 7.926   -7.338  7.823   1.00 9.85  ? 136 ASN A CA  1 
ATOM   690  C C   . ASN A 1 85  ? 7.594   -6.664  6.512   1.00 10.75 ? 136 ASN A C   1 
ATOM   691  O O   . ASN A 1 85  ? 6.553   -6.137  6.381   1.00 9.62  ? 136 ASN A O   1 
ATOM   692  C CB  . ASN A 1 85  ? 8.190   -8.827  7.693   1.00 11.23 ? 136 ASN A CB  1 
ATOM   693  C CG  . ASN A 1 85  ? 7.032   -9.620  7.067   1.00 10.44 ? 136 ASN A CG  1 
ATOM   694  O OD1 . ASN A 1 85  ? 6.586   -9.286  6.032   1.00 8.91  ? 136 ASN A OD1 1 
ATOM   695  N ND2 . ASN A 1 85  ? 6.586   -10.687 7.757   1.00 7.90  ? 136 ASN A ND2 1 
ATOM   696  N N   . TRP A 1 86  ? 8.536   -6.675  5.599   1.00 9.91  ? 137 TRP A N   1 
ATOM   697  C CA  . TRP A 1 86  ? 8.358   -5.877  4.413   1.00 9.88  ? 137 TRP A CA  1 
ATOM   698  C C   . TRP A 1 86  ? 7.186   -6.402  3.600   1.00 7.85  ? 137 TRP A C   1 
ATOM   699  O O   . TRP A 1 86  ? 6.481   -5.640  3.062   1.00 10.35 ? 137 TRP A O   1 
ATOM   700  C CB  . TRP A 1 86  ? 9.597   -5.731  3.543   1.00 10.09 ? 137 TRP A CB  1 
ATOM   701  C CG  . TRP A 1 86  ? 10.655  -4.875  4.050   1.00 14.01 ? 137 TRP A CG  1 
ATOM   702  C CD1 . TRP A 1 86  ? 11.904  -5.255  4.427   1.00 15.16 ? 137 TRP A CD1 1 
ATOM   703  C CD2 . TRP A 1 86  ? 10.596  -3.462  4.241   1.00 12.54 ? 137 TRP A CD2 1 
ATOM   704  N NE1 . TRP A 1 86  ? 12.625  -4.158  4.826   1.00 14.24 ? 137 TRP A NE1 1 
ATOM   705  C CE2 . TRP A 1 86  ? 11.836  -3.052  4.744   1.00 14.72 ? 137 TRP A CE2 1 
ATOM   706  C CE3 . TRP A 1 86  ? 9.614   -2.509  4.059   1.00 13.86 ? 137 TRP A CE3 1 
ATOM   707  C CZ2 . TRP A 1 86  ? 12.110  -1.726  5.014   1.00 12.48 ? 137 TRP A CZ2 1 
ATOM   708  C CZ3 . TRP A 1 86  ? 9.868   -1.252  4.350   1.00 17.48 ? 137 TRP A CZ3 1 
ATOM   709  C CH2 . TRP A 1 86  ? 11.118  -0.848  4.826   1.00 14.96 ? 137 TRP A CH2 1 
ATOM   710  N N   . GLY A 1 87  ? 7.016   -7.724  3.573   1.00 8.75  ? 138 GLY A N   1 
ATOM   711  C CA  . GLY A 1 87  ? 5.906   -8.358  2.849   1.00 8.90  ? 138 GLY A CA  1 
ATOM   712  C C   . GLY A 1 87  ? 4.558   -7.947  3.412   1.00 7.98  ? 138 GLY A C   1 
ATOM   713  O O   . GLY A 1 87  ? 3.604   -7.685  2.654   1.00 8.53  ? 138 GLY A O   1 
ATOM   714  N N   . ARG A 1 88  ? 4.469   -7.913  4.750   1.00 7.21  ? 139 ARG A N   1 
ATOM   715  C CA  . ARG A 1 88  ? 3.267   -7.395  5.424   1.00 7.71  ? 139 ARG A CA  1 
ATOM   716  C C   . ARG A 1 88  ? 3.023   -5.910  5.107   1.00 9.95  ? 139 ARG A C   1 
ATOM   717  O O   . ARG A 1 88  ? 1.881   -5.507  4.919   1.00 7.64  ? 139 ARG A O   1 
ATOM   718  C CB  . ARG A 1 88  ? 3.278   -7.658  6.931   1.00 6.75  ? 139 ARG A CB  1 
ATOM   719  C CG  . ARG A 1 88  ? 3.268   -9.158  7.287   1.00 9.18  ? 139 ARG A CG  1 
ATOM   720  C CD  . ARG A 1 88  ? 3.304   -9.326  8.790   1.00 10.28 ? 139 ARG A CD  1 
ATOM   721  N NE  . ARG A 1 88  ? 3.370   -10.743 9.091   1.00 12.39 ? 139 ARG A NE  1 
ATOM   722  C CZ  . ARG A 1 88  ? 3.388   -11.242 10.313  1.00 18.27 ? 139 ARG A CZ  1 
ATOM   723  N NH1 . ARG A 1 88  ? 3.361   -10.418 11.351  1.00 20.02 ? 139 ARG A NH1 1 
ATOM   724  N NH2 . ARG A 1 88  ? 3.427   -12.558 10.484  1.00 15.18 ? 139 ARG A NH2 1 
ATOM   725  N N   . ILE A 1 89  ? 4.079   -5.097  5.029   1.00 9.52  ? 140 ILE A N   1 
ATOM   726  C CA  . ILE A 1 89  ? 3.906   -3.715  4.610   1.00 9.73  ? 140 ILE A CA  1 
ATOM   727  C C   . ILE A 1 89  ? 3.350   -3.571  3.175   1.00 9.15  ? 140 ILE A C   1 
ATOM   728  O O   . ILE A 1 89  ? 2.439   -2.790  2.911   1.00 7.88  ? 140 ILE A O   1 
ATOM   729  C CB  . ILE A 1 89  ? 5.189   -2.883  4.854   1.00 8.90  ? 140 ILE A CB  1 
ATOM   730  C CG1 . ILE A 1 89  ? 5.441   -2.803  6.384   1.00 11.90 ? 140 ILE A CG1 1 
ATOM   731  C CG2 . ILE A 1 89  ? 5.036   -1.489  4.194   1.00 12.01 ? 140 ILE A CG2 1 
ATOM   732  C CD1 . ILE A 1 89  ? 6.881   -2.274  6.690   1.00 9.52  ? 140 ILE A CD1 1 
ATOM   733  N N   . VAL A 1 90  ? 3.867   -4.371  2.242   1.00 8.39  ? 141 VAL A N   1 
ATOM   734  C CA  . VAL A 1 90  ? 3.311   -4.382  0.898   1.00 9.44  ? 141 VAL A CA  1 
ATOM   735  C C   . VAL A 1 90  ? 1.832   -4.789  0.952   1.00 8.70  ? 141 VAL A C   1 
ATOM   736  O O   . VAL A 1 90  ? 0.991   -4.136  0.313   1.00 9.33  ? 141 VAL A O   1 
ATOM   737  C CB  . VAL A 1 90  ? 4.088   -5.323  -0.023  1.00 8.65  ? 141 VAL A CB  1 
ATOM   738  C CG1 . VAL A 1 90  ? 3.342   -5.422  -1.407  1.00 11.73 ? 141 VAL A CG1 1 
ATOM   739  C CG2 . VAL A 1 90  ? 5.535   -4.815  -0.233  1.00 9.35  ? 141 VAL A CG2 1 
ATOM   740  N N   . ALA A 1 91  ? 1.519   -5.811  1.769   1.00 8.00  ? 142 ALA A N   1 
ATOM   741  C CA  . ALA A 1 91  ? 0.139   -6.314  1.890   1.00 8.02  ? 142 ALA A CA  1 
ATOM   742  C C   . ALA A 1 91  ? -0.778  -5.196  2.396   1.00 8.05  ? 142 ALA A C   1 
ATOM   743  O O   . ALA A 1 91  ? -1.905  -5.044  1.929   1.00 9.63  ? 142 ALA A O   1 
ATOM   744  C CB  . ALA A 1 91  ? 0.074   -7.499  2.858   1.00 8.91  ? 142 ALA A CB  1 
ATOM   745  N N   . PHE A 1 92  ? -0.246  -4.417  3.325   1.00 7.47  ? 143 PHE A N   1 
ATOM   746  C CA  . PHE A 1 92  ? -0.928  -3.248  3.901   1.00 7.27  ? 143 PHE A CA  1 
ATOM   747  C C   . PHE A 1 92  ? -1.263  -2.208  2.835   1.00 8.05  ? 143 PHE A C   1 
ATOM   748  O O   . PHE A 1 92  ? -2.438  -1.753  2.713   1.00 7.55  ? 143 PHE A O   1 
ATOM   749  C CB  . PHE A 1 92  ? -0.099  -2.677  5.085   1.00 7.97  ? 143 PHE A CB  1 
ATOM   750  C CG  . PHE A 1 92  ? -0.384  -1.208  5.440   1.00 7.80  ? 143 PHE A CG  1 
ATOM   751  C CD1 . PHE A 1 92  ? -1.369  -0.858  6.373   1.00 9.72  ? 143 PHE A CD1 1 
ATOM   752  C CD2 . PHE A 1 92  ? 0.373   -0.168  4.845   1.00 9.45  ? 143 PHE A CD2 1 
ATOM   753  C CE1 . PHE A 1 92  ? -1.601  0.506   6.723   1.00 10.84 ? 143 PHE A CE1 1 
ATOM   754  C CE2 . PHE A 1 92  ? 0.159   1.173   5.205   1.00 9.87  ? 143 PHE A CE2 1 
ATOM   755  C CZ  . PHE A 1 92  ? -0.835  1.523   6.127   1.00 10.70 ? 143 PHE A CZ  1 
ATOM   756  N N   . PHE A 1 93  ? -0.271  -1.828  2.025   1.00 6.51  ? 144 PHE A N   1 
ATOM   757  C CA  . PHE A 1 93  ? -0.573  -0.932  0.889   1.00 7.87  ? 144 PHE A CA  1 
ATOM   758  C C   . PHE A 1 93  ? -1.582  -1.523  -0.076  1.00 7.61  ? 144 PHE A C   1 
ATOM   759  O O   . PHE A 1 93  ? -2.533  -0.845  -0.481  1.00 8.10  ? 144 PHE A O   1 
ATOM   760  C CB  . PHE A 1 93  ? 0.718   -0.550  0.163   1.00 6.76  ? 144 PHE A CB  1 
ATOM   761  C CG  . PHE A 1 93  ? 1.494   0.548   0.874   1.00 9.97  ? 144 PHE A CG  1 
ATOM   762  C CD1 . PHE A 1 93  ? 1.167   1.882   0.644   1.00 9.66  ? 144 PHE A CD1 1 
ATOM   763  C CD2 . PHE A 1 93  ? 2.485   0.243   1.795   1.00 9.32  ? 144 PHE A CD2 1 
ATOM   764  C CE1 . PHE A 1 93  ? 1.885   2.919   1.287   1.00 12.88 ? 144 PHE A CE1 1 
ATOM   765  C CE2 . PHE A 1 93  ? 3.219   1.268   2.434   1.00 11.34 ? 144 PHE A CE2 1 
ATOM   766  C CZ  . PHE A 1 93  ? 2.903   2.597   2.169   1.00 9.90  ? 144 PHE A CZ  1 
ATOM   767  N N   . SER A 1 94  ? -1.355  -2.761  -0.501  1.00 9.25  ? 145 SER A N   1 
ATOM   768  C CA  . SER A 1 94  ? -2.300  -3.433  -1.414  1.00 8.96  ? 145 SER A CA  1 
ATOM   769  C C   . SER A 1 94  ? -3.748  -3.457  -0.862  1.00 8.77  ? 145 SER A C   1 
ATOM   770  O O   . SER A 1 94  ? -4.736  -3.178  -1.586  1.00 8.81  ? 145 SER A O   1 
ATOM   771  C CB  . SER A 1 94  ? -1.755  -4.835  -1.774  1.00 10.21 ? 145 SER A CB  1 
ATOM   772  O OG  . SER A 1 94  ? -0.732  -4.700  -2.762  1.00 11.14 ? 145 SER A OG  1 
ATOM   773  N N   . PHE A 1 95  ? -3.865  -3.754  0.427   1.00 9.15  ? 146 PHE A N   1 
ATOM   774  C CA  . PHE A 1 95  ? -5.157  -3.773  1.098   1.00 9.20  ? 146 PHE A CA  1 
ATOM   775  C C   . PHE A 1 95  ? -5.799  -2.391  1.083   1.00 9.94  ? 146 PHE A C   1 
ATOM   776  O O   . PHE A 1 95  ? -6.948  -2.290  0.744   1.00 8.90  ? 146 PHE A O   1 
ATOM   777  C CB  . PHE A 1 95  ? -5.012  -4.289  2.524   1.00 8.96  ? 146 PHE A CB  1 
ATOM   778  C CG  . PHE A 1 95  ? -6.272  -4.154  3.341   1.00 14.10 ? 146 PHE A CG  1 
ATOM   779  C CD1 . PHE A 1 95  ? -7.363  -4.930  3.054   1.00 16.75 ? 146 PHE A CD1 1 
ATOM   780  C CD2 . PHE A 1 95  ? -6.356  -3.208  4.354   1.00 14.42 ? 146 PHE A CD2 1 
ATOM   781  C CE1 . PHE A 1 95  ? -8.541  -4.806  3.822   1.00 18.41 ? 146 PHE A CE1 1 
ATOM   782  C CE2 . PHE A 1 95  ? -7.508  -3.082  5.125   1.00 18.16 ? 146 PHE A CE2 1 
ATOM   783  C CZ  . PHE A 1 95  ? -8.604  -3.883  4.834   1.00 13.23 ? 146 PHE A CZ  1 
ATOM   784  N N   . GLY A 1 96  ? -5.052  -1.333  1.417   1.00 8.43  ? 147 GLY A N   1 
ATOM   785  C CA  . GLY A 1 96  ? -5.578  0.044   1.353   1.00 9.55  ? 147 GLY A CA  1 
ATOM   786  C C   . GLY A 1 96  ? -6.054  0.405   -0.055  1.00 8.59  ? 147 GLY A C   1 
ATOM   787  O O   . GLY A 1 96  ? -7.131  0.999   -0.225  1.00 9.24  ? 147 GLY A O   1 
ATOM   788  N N   . GLY A 1 97  ? -5.261  0.060   -1.078  1.00 8.77  ? 148 GLY A N   1 
ATOM   789  C CA  . GLY A 1 97  ? -5.653  0.368   -2.450  1.00 10.16 ? 148 GLY A CA  1 
ATOM   790  C C   . GLY A 1 97  ? -6.905  -0.389  -2.825  1.00 8.91  ? 148 GLY A C   1 
ATOM   791  O O   . GLY A 1 97  ? -7.800  0.143   -3.487  1.00 10.52 ? 148 GLY A O   1 
ATOM   792  N N   . ALA A 1 98  ? -6.991  -1.645  -2.384  1.00 9.46  ? 149 ALA A N   1 
ATOM   793  C CA  . ALA A 1 98  ? -8.237  -2.450  -2.625  1.00 9.84  ? 149 ALA A CA  1 
ATOM   794  C C   . ALA A 1 98  ? -9.462  -1.837  -1.925  1.00 11.71 ? 149 ALA A C   1 
ATOM   795  O O   . ALA A 1 98  ? -10.573 -1.815  -2.488  1.00 11.63 ? 149 ALA A O   1 
ATOM   796  C CB  . ALA A 1 98  ? -8.039  -3.880  -2.163  1.00 11.94 ? 149 ALA A CB  1 
ATOM   797  N N   . LEU A 1 99  ? -9.248  -1.333  -0.711  1.00 11.52 ? 150 LEU A N   1 
ATOM   798  C CA  . LEU A 1 99  ? -10.312 -0.697  0.052   1.00 12.63 ? 150 LEU A CA  1 
ATOM   799  C C   . LEU A 1 99  ? -10.816 0.515   -0.707  1.00 11.82 ? 150 LEU A C   1 
ATOM   800  O O   . LEU A 1 99  ? -12.023 0.731   -0.778  1.00 13.55 ? 150 LEU A O   1 
ATOM   801  C CB  . LEU A 1 99  ? -9.790  -0.275  1.419   1.00 13.69 ? 150 LEU A CB  1 
ATOM   802  C CG  . LEU A 1 99  ? -10.666 -0.345  2.649   1.00 20.12 ? 150 LEU A CG  1 
ATOM   803  C CD1 . LEU A 1 99  ? -11.397 -1.705  2.725   1.00 20.56 ? 150 LEU A CD1 1 
ATOM   804  C CD2 . LEU A 1 99  ? -9.791  -0.102  3.891   1.00 17.24 ? 150 LEU A CD2 1 
ATOM   805  N N   . CYS A 1 100 ? -9.899  1.304   -1.288  1.00 11.78 ? 151 CYS A N   1 
ATOM   806  C CA  . CYS A 1 100 ? -10.256 2.502   -2.063  1.00 12.12 ? 151 CYS A CA  1 
ATOM   807  C C   . CYS A 1 100 ? -11.068 2.172   -3.333  1.00 12.00 ? 151 CYS A C   1 
ATOM   808  O O   . CYS A 1 100 ? -12.097 2.791   -3.631  1.00 12.38 ? 151 CYS A O   1 
ATOM   809  C CB  . CYS A 1 100 ? -8.985  3.285   -2.440  1.00 13.77 ? 151 CYS A CB  1 
ATOM   810  S SG  . CYS A 1 100 ? -8.310  4.208   -1.033  1.00 14.09 ? 151 CYS A SG  1 
ATOM   811  N N   . VAL A 1 101 ? -10.580 1.196   -4.080  1.00 11.55 ? 152 VAL A N   1 
ATOM   812  C CA  . VAL A 1 101 ? -11.233 0.710   -5.280  1.00 12.80 ? 152 VAL A CA  1 
ATOM   813  C C   . VAL A 1 101 ? -12.642 0.204   -4.948  1.00 13.06 ? 152 VAL A C   1 
ATOM   814  O O   . VAL A 1 101 ? -13.599 0.567   -5.642  1.00 13.33 ? 152 VAL A O   1 
ATOM   815  C CB  . VAL A 1 101 ? -10.384 -0.390  -5.961  1.00 12.21 ? 152 VAL A CB  1 
ATOM   816  C CG1 . VAL A 1 101 ? -11.242 -1.195  -6.932  1.00 15.19 ? 152 VAL A CG1 1 
ATOM   817  C CG2 . VAL A 1 101 ? -9.163  0.258   -6.655  1.00 10.64 ? 152 VAL A CG2 1 
ATOM   818  N N   . GLU A 1 102 ? -12.770 -0.593  -3.887  1.00 12.87 ? 153 GLU A N   1 
ATOM   819  C CA  . GLU A 1 102 ? -14.091 -1.054  -3.446  1.00 14.79 ? 153 GLU A CA  1 
ATOM   820  C C   . GLU A 1 102 ? -15.004 0.132   -3.122  1.00 13.64 ? 153 GLU A C   1 
ATOM   821  O O   . GLU A 1 102 ? -16.183 0.143   -3.496  1.00 14.75 ? 153 GLU A O   1 
ATOM   822  C CB  . GLU A 1 102 ? -13.976 -1.987  -2.240  1.00 15.51 ? 153 GLU A CB  1 
ATOM   823  C CG  . GLU A 1 102 ? -15.299 -2.411  -1.612  1.00 20.47 ? 153 GLU A CG  1 
ATOM   824  C CD  . GLU A 1 102 ? -16.031 -3.442  -2.447  1.00 27.77 ? 153 GLU A CD  1 
ATOM   825  O OE1 . GLU A 1 102 ? -17.245 -3.664  -2.166  1.00 26.89 ? 153 GLU A OE1 1 
ATOM   826  O OE2 . GLU A 1 102 ? -15.401 -4.005  -3.390  1.00 22.28 ? 153 GLU A OE2 1 
ATOM   827  N N   . SER A 1 103 ? -14.459 1.136   -2.447  1.00 13.54 ? 154 SER A N   1 
ATOM   828  C CA  . SER A 1 103 ? -15.256 2.293   -2.043  1.00 13.51 ? 154 SER A CA  1 
ATOM   829  C C   . SER A 1 103 ? -15.799 3.052   -3.268  1.00 14.90 ? 154 SER A C   1 
ATOM   830  O O   . SER A 1 103 ? -16.999 3.359   -3.353  1.00 13.62 ? 154 SER A O   1 
ATOM   831  C CB  . SER A 1 103 ? -14.460 3.192   -1.065  1.00 15.05 ? 154 SER A CB  1 
ATOM   832  O OG  . SER A 1 103 ? -14.124 2.440   0.103   1.00 16.04 ? 154 SER A OG  1 
ATOM   833  N N   . VAL A 1 104 ? -14.937 3.303   -4.252  1.00 13.00 ? 155 VAL A N   1 
ATOM   834  C CA  . VAL A 1 104 ? -15.394 3.970   -5.469  1.00 13.18 ? 155 VAL A CA  1 
ATOM   835  C C   . VAL A 1 104 ? -16.411 3.081   -6.224  1.00 14.12 ? 155 VAL A C   1 
ATOM   836  O O   . VAL A 1 104 ? -17.465 3.573   -6.612  1.00 12.86 ? 155 VAL A O   1 
ATOM   837  C CB  . VAL A 1 104 ? -14.217 4.361   -6.371  1.00 12.86 ? 155 VAL A CB  1 
ATOM   838  C CG1 . VAL A 1 104 ? -14.734 5.010   -7.642  1.00 12.93 ? 155 VAL A CG1 1 
ATOM   839  C CG2 . VAL A 1 104 ? -13.232 5.305   -5.609  1.00 13.32 ? 155 VAL A CG2 1 
ATOM   840  N N   . ASP A 1 105 ? -16.095 1.800   -6.431  1.00 14.33 ? 156 ASP A N   1 
ATOM   841  C CA  . ASP A 1 105 ? -17.047 0.853   -7.033  1.00 17.81 ? 156 ASP A CA  1 
ATOM   842  C C   . ASP A 1 105 ? -18.447 1.018   -6.445  1.00 17.27 ? 156 ASP A C   1 
ATOM   843  O O   . ASP A 1 105 ? -19.443 1.009   -7.180  1.00 16.94 ? 156 ASP A O   1 
ATOM   844  C CB  . ASP A 1 105 ? -16.647 -0.588  -6.718  1.00 18.58 ? 156 ASP A CB  1 
ATOM   845  C CG  . ASP A 1 105 ? -15.567 -1.105  -7.612  1.00 23.45 ? 156 ASP A CG  1 
ATOM   846  O OD1 . ASP A 1 105 ? -15.140 -0.356  -8.509  1.00 26.50 ? 156 ASP A OD1 1 
ATOM   847  O OD2 . ASP A 1 105 ? -15.137 -2.269  -7.404  1.00 28.48 ? 156 ASP A OD2 1 
ATOM   848  N N   . LYS A 1 106 ? -18.515 1.131   -5.113  1.00 15.69 ? 157 LYS A N   1 
ATOM   849  C CA  . LYS A 1 106 ? -19.794 1.172   -4.389  1.00 17.52 ? 157 LYS A CA  1 
ATOM   850  C C   . LYS A 1 106 ? -20.333 2.588   -4.172  1.00 16.41 ? 157 LYS A C   1 
ATOM   851  O O   . LYS A 1 106 ? -21.197 2.802   -3.322  1.00 14.96 ? 157 LYS A O   1 
ATOM   852  C CB  . LYS A 1 106 ? -19.661 0.501   -3.020  1.00 18.29 ? 157 LYS A CB  1 
ATOM   853  C CG  . LYS A 1 106 ? -18.985 -0.835  -3.032  1.00 23.06 ? 157 LYS A CG  1 
ATOM   854  C CD  . LYS A 1 106 ? -19.955 -1.928  -3.374  1.00 31.60 ? 157 LYS A CD  1 
ATOM   855  C CE  . LYS A 1 106 ? -20.022 -2.127  -4.854  1.00 36.50 ? 157 LYS A CE  1 
ATOM   856  N NZ  . LYS A 1 106 ? -19.987 -3.595  -5.170  1.00 40.80 ? 157 LYS A NZ  1 
ATOM   857  N N   . GLU A 1 107 ? -19.812 3.550   -4.928  1.00 15.96 ? 158 GLU A N   1 
ATOM   858  C CA  . GLU A 1 107 ? -20.280 4.909   -4.834  1.00 18.11 ? 158 GLU A CA  1 
ATOM   859  C C   . GLU A 1 107 ? -20.035 5.536   -3.445  1.00 17.19 ? 158 GLU A C   1 
ATOM   860  O O   . GLU A 1 107 ? -20.793 6.407   -3.002  1.00 16.23 ? 158 GLU A O   1 
ATOM   861  C CB  . GLU A 1 107 ? -21.761 4.986   -5.223  1.00 20.44 ? 158 GLU A CB  1 
ATOM   862  C CG  . GLU A 1 107 ? -22.048 4.506   -6.630  1.00 27.27 ? 158 GLU A CG  1 
ATOM   863  C CD  . GLU A 1 107 ? -23.517 4.634   -6.978  1.00 37.07 ? 158 GLU A CD  1 
ATOM   864  O OE1 . GLU A 1 107 ? -24.114 3.618   -7.409  1.00 41.41 ? 158 GLU A OE1 1 
ATOM   865  O OE2 . GLU A 1 107 ? -24.079 5.741   -6.785  1.00 38.95 ? 158 GLU A OE2 1 
ATOM   866  N N   . MET A 1 108 ? -18.960 5.102   -2.784  1.00 15.46 ? 159 MET A N   1 
ATOM   867  C CA  . MET A 1 108 ? -18.521 5.672   -1.509  1.00 16.44 ? 159 MET A CA  1 
ATOM   868  C C   . MET A 1 108 ? -17.164 6.366   -1.672  1.00 17.40 ? 159 MET A C   1 
ATOM   869  O O   . MET A 1 108 ? -16.247 6.176   -0.851  1.00 15.86 ? 159 MET A O   1 
ATOM   870  C CB  . MET A 1 108 ? -18.414 4.577   -0.433  1.00 15.94 ? 159 MET A CB  1 
ATOM   871  C CG  . MET A 1 108 ? -19.717 3.836   -0.163  1.00 17.35 ? 159 MET A CG  1 
ATOM   872  S SD  . MET A 1 108 ? -19.555 2.394   0.904   1.00 16.98 ? 159 MET A SD  1 
ATOM   873  C CE  . MET A 1 108 ? -18.741 1.183   -0.106  1.00 25.44 ? 159 MET A CE  1 
ATOM   874  N N   . GLN A 1 109 ? -17.053 7.190   -2.717  1.00 17.82 ? 160 GLN A N   1 
ATOM   875  C CA  . GLN A 1 109 ? -15.803 7.878   -3.038  1.00 19.77 ? 160 GLN A CA  1 
ATOM   876  C C   . GLN A 1 109 ? -15.321 8.729   -1.867  1.00 17.48 ? 160 GLN A C   1 
ATOM   877  O O   . GLN A 1 109 ? -14.139 9.011   -1.732  1.00 16.73 ? 160 GLN A O   1 
ATOM   878  C CB  . GLN A 1 109 ? -15.989 8.800   -4.255  1.00 20.13 ? 160 GLN A CB  1 
ATOM   879  C CG  . GLN A 1 109 ? -16.869 8.299   -5.394  1.00 26.65 ? 160 GLN A CG  1 
ATOM   880  C CD  . GLN A 1 109 ? -18.368 8.303   -5.059  1.00 26.09 ? 160 GLN A CD  1 
ATOM   881  O OE1 . GLN A 1 109 ? -18.988 9.347   -4.854  1.00 38.19 ? 160 GLN A OE1 1 
ATOM   882  N NE2 . GLN A 1 109 ? -18.933 7.140   -4.996  1.00 30.16 ? 160 GLN A NE2 1 
ATOM   883  N N   . VAL A 1 110 ? -16.255 9.160   -1.033  1.00 17.21 ? 161 VAL A N   1 
ATOM   884  C CA  . VAL A 1 110 ? -15.920 9.951   0.127   1.00 17.34 ? 161 VAL A CA  1 
ATOM   885  C C   . VAL A 1 110 ? -14.888 9.246   0.998   1.00 15.20 ? 161 VAL A C   1 
ATOM   886  O O   . VAL A 1 110 ? -14.142 9.893   1.740   1.00 16.25 ? 161 VAL A O   1 
ATOM   887  C CB  . VAL A 1 110 ? -17.210 10.298  0.965   1.00 18.39 ? 161 VAL A CB  1 
ATOM   888  C CG1 . VAL A 1 110 ? -17.903 9.063   1.480   1.00 22.10 ? 161 VAL A CG1 1 
ATOM   889  C CG2 . VAL A 1 110 ? -16.898 11.244  2.112   1.00 21.99 ? 161 VAL A CG2 1 
ATOM   890  N N   . LEU A 1 111 ? -14.855 7.919   0.953   1.00 12.17 ? 162 LEU A N   1 
ATOM   891  C CA  . LEU A 1 111 ? -13.963 7.206   1.873   1.00 11.39 ? 162 LEU A CA  1 
ATOM   892  C C   . LEU A 1 111 ? -12.523 7.265   1.428   1.00 11.60 ? 162 LEU A C   1 
ATOM   893  O O   . LEU A 1 111 ? -11.640 6.964   2.211   1.00 11.95 ? 162 LEU A O   1 
ATOM   894  C CB  . LEU A 1 111 ? -14.380 5.740   2.016   1.00 12.93 ? 162 LEU A CB  1 
ATOM   895  C CG  . LEU A 1 111 ? -15.758 5.537   2.672   1.00 12.29 ? 162 LEU A CG  1 
ATOM   896  C CD1 . LEU A 1 111 ? -16.039 4.037   2.777   1.00 12.44 ? 162 LEU A CD1 1 
ATOM   897  C CD2 . LEU A 1 111 ? -15.774 6.178   4.027   1.00 16.99 ? 162 LEU A CD2 1 
ATOM   898  N N   . VAL A 1 112 ? -12.287 7.609   0.159   1.00 11.28 ? 163 VAL A N   1 
ATOM   899  C CA  . VAL A 1 112 ? -10.915 7.517   -0.382  1.00 12.64 ? 163 VAL A CA  1 
ATOM   900  C C   . VAL A 1 112 ? -9.932  8.387   0.396   1.00 11.12 ? 163 VAL A C   1 
ATOM   901  O O   . VAL A 1 112 ? -8.849  7.921   0.823   1.00 10.54 ? 163 VAL A O   1 
ATOM   902  C CB  . VAL A 1 112 ? -10.907 7.828   -1.908  1.00 13.72 ? 163 VAL A CB  1 
ATOM   903  C CG1 . VAL A 1 112 ? -9.452  7.849   -2.459  1.00 14.88 ? 163 VAL A CG1 1 
ATOM   904  C CG2 . VAL A 1 112 ? -11.744 6.779   -2.645  1.00 13.82 ? 163 VAL A CG2 1 
ATOM   905  N N   . SER A 1 113 ? -10.307 9.650   0.597   1.00 10.49 ? 164 SER A N   1 
ATOM   906  C CA  . SER A 1 113 ? -9.457  10.561  1.343   1.00 11.28 ? 164 SER A CA  1 
ATOM   907  C C   . SER A 1 113 ? -9.304  10.142  2.814   1.00 10.82 ? 164 SER A C   1 
ATOM   908  O O   . SER A 1 113 ? -8.241  10.368  3.413   1.00 10.44 ? 164 SER A O   1 
ATOM   909  C CB  . SER A 1 113 ? -9.955  12.027  1.227   1.00 12.67 ? 164 SER A CB  1 
ATOM   910  O OG  . SER A 1 113 ? -11.169 12.134  1.909   1.00 18.25 ? 164 SER A OG  1 
ATOM   911  N N   . ARG A 1 114 ? -10.349 9.517   3.379   1.00 10.11 ? 165 ARG A N   1 
ATOM   912  C CA  . ARG A 1 114 ? -10.302 9.034   4.752   1.00 10.50 ? 165 ARG A CA  1 
ATOM   913  C C   . ARG A 1 114 ? -9.301  7.880   4.894   1.00 9.97  ? 165 ARG A C   1 
ATOM   914  O O   . ARG A 1 114 ? -8.473  7.864   5.808   1.00 10.93 ? 165 ARG A O   1 
ATOM   915  C CB  . ARG A 1 114 ? -11.685 8.611   5.208   1.00 9.75  ? 165 ARG A CB  1 
ATOM   916  C CG  . ARG A 1 114 ? -12.679 9.776   5.200   1.00 12.59 ? 165 ARG A CG  1 
ATOM   917  C CD  . ARG A 1 114 ? -14.022 9.306   5.781   1.00 13.36 ? 165 ARG A CD  1 
ATOM   918  N NE  . ARG A 1 114 ? -15.050 10.310  5.521   1.00 16.82 ? 165 ARG A NE  1 
ATOM   919  C CZ  . ARG A 1 114 ? -16.360 10.121  5.682   1.00 23.75 ? 165 ARG A CZ  1 
ATOM   920  N NH1 . ARG A 1 114 ? -16.828 8.938   6.069   1.00 19.88 ? 165 ARG A NH1 1 
ATOM   921  N NH2 . ARG A 1 114 ? -17.199 11.121  5.429   1.00 22.82 ? 165 ARG A NH2 1 
ATOM   922  N N   . ILE A 1 115 ? -9.388  6.924   3.982   1.00 9.82  ? 166 ILE A N   1 
ATOM   923  C CA  . ILE A 1 115 ? -8.483  5.780   3.979   1.00 10.78 ? 166 ILE A CA  1 
ATOM   924  C C   . ILE A 1 115 ? -7.030  6.280   3.853   1.00 9.53  ? 166 ILE A C   1 
ATOM   925  O O   . ILE A 1 115 ? -6.117  5.842   4.578   1.00 9.43  ? 166 ILE A O   1 
ATOM   926  C CB  . ILE A 1 115 ? -8.849  4.797   2.819   1.00 9.93  ? 166 ILE A CB  1 
ATOM   927  C CG1 . ILE A 1 115 ? -10.218 4.163   3.102   1.00 11.74 ? 166 ILE A CG1 1 
ATOM   928  C CG2 . ILE A 1 115 ? -7.786  3.703   2.644   1.00 9.30  ? 166 ILE A CG2 1 
ATOM   929  C CD1 . ILE A 1 115 ? -10.910 3.641   1.804   1.00 11.55 ? 166 ILE A CD1 1 
ATOM   930  N N   . ALA A 1 116 ? -6.796  7.234   2.958   1.00 9.62  ? 167 ALA A N   1 
ATOM   931  C CA  . ALA A 1 116 ? -5.433  7.764   2.820   1.00 10.13 ? 167 ALA A CA  1 
ATOM   932  C C   . ALA A 1 116 ? -4.929  8.330   4.148   1.00 9.68  ? 167 ALA A C   1 
ATOM   933  O O   . ALA A 1 116 ? -3.796  8.092   4.540   1.00 10.59 ? 167 ALA A O   1 
ATOM   934  C CB  . ALA A 1 116 ? -5.375  8.829   1.710   1.00 9.94  ? 167 ALA A CB  1 
ATOM   935  N N   . ALA A 1 117 ? -5.774  9.078   4.852   1.00 20.00 ? 168 ALA A N   1 
ATOM   936  C CA  . ALA A 1 117 ? -5.369  9.614   6.146   1.00 20.00 ? 168 ALA A CA  1 
ATOM   937  C C   . ALA A 1 117 ? -5.094  8.494   7.144   1.00 20.00 ? 168 ALA A C   1 
ATOM   938  O O   . ALA A 1 117 ? -4.091  8.495   7.913   1.00 10.05 ? 168 ALA A O   1 
ATOM   939  C CB  . ALA A 1 117 ? -6.431  10.559  6.686   1.00 20.00 ? 168 ALA A CB  1 
ATOM   940  N N   . TRP A 1 118 ? -5.979  7.484   7.209   1.00 9.09  ? 169 TRP A N   1 
ATOM   941  C CA  . TRP A 1 118 ? -5.816  6.389   8.151   1.00 9.64  ? 169 TRP A CA  1 
ATOM   942  C C   . TRP A 1 118 ? -4.504  5.662   7.889   1.00 10.43 ? 169 TRP A C   1 
ATOM   943  O O   . TRP A 1 118 ? -3.816  5.256   8.853   1.00 10.07 ? 169 TRP A O   1 
ATOM   944  C CB  . TRP A 1 118 ? -6.985  5.388   8.109   1.00 11.21 ? 169 TRP A CB  1 
ATOM   945  C CG  . TRP A 1 118 ? -8.337  6.004   8.349   1.00 10.65 ? 169 TRP A CG  1 
ATOM   946  C CD1 . TRP A 1 118 ? -8.626  7.135   9.081   1.00 11.23 ? 169 TRP A CD1 1 
ATOM   947  C CD2 . TRP A 1 118 ? -9.587  5.502   7.860   1.00 12.41 ? 169 TRP A CD2 1 
ATOM   948  N NE1 . TRP A 1 118 ? -10.009 7.376   9.034   1.00 10.01 ? 169 TRP A NE1 1 
ATOM   949  C CE2 . TRP A 1 118 ? -10.604 6.393   8.283   1.00 12.86 ? 169 TRP A CE2 1 
ATOM   950  C CE3 . TRP A 1 118 ? -9.938  4.415   7.069   1.00 11.77 ? 169 TRP A CE3 1 
ATOM   951  C CZ2 . TRP A 1 118 ? -11.958 6.196   7.956   1.00 11.99 ? 169 TRP A CZ2 1 
ATOM   952  C CZ3 . TRP A 1 118 ? -11.287 4.221   6.749   1.00 16.24 ? 169 TRP A CZ3 1 
ATOM   953  C CH2 . TRP A 1 118 ? -12.267 5.120   7.177   1.00 11.38 ? 169 TRP A CH2 1 
ATOM   954  N N   . MET A 1 119 ? -4.143  5.518   6.600   1.00 9.12  ? 170 MET A N   1 
ATOM   955  C CA  . MET A 1 119 ? -2.892  4.802   6.249   1.00 10.67 ? 170 MET A CA  1 
ATOM   956  C C   . MET A 1 119 ? -1.631  5.616   6.627   1.00 8.98  ? 170 MET A C   1 
ATOM   957  O O   . MET A 1 119 ? -0.622  5.048   7.095   1.00 8.83  ? 170 MET A O   1 
ATOM   958  C CB  . MET A 1 119 ? -2.872  4.455   4.761   1.00 11.04 ? 170 MET A CB  1 
ATOM   959  C CG  . MET A 1 119 ? -3.914  3.370   4.359   1.00 10.52 ? 170 MET A CG  1 
ATOM   960  S SD  . MET A 1 119 ? -3.927  3.103   2.574   1.00 11.33 ? 170 MET A SD  1 
ATOM   961  C CE  . MET A 1 119 ? -2.333  2.287   2.369   1.00 12.11 ? 170 MET A CE  1 
ATOM   962  N N   . ALA A 1 120 ? -1.684  6.922   6.379   1.00 8.43  ? 171 ALA A N   1 
ATOM   963  C CA  . ALA A 1 120 ? -0.534  7.797   6.605   1.00 10.31 ? 171 ALA A CA  1 
ATOM   964  C C   . ALA A 1 120 ? -0.252  7.819   8.122   1.00 10.39 ? 171 ALA A C   1 
ATOM   965  O O   . ALA A 1 120 ? 0.898   7.705   8.569   1.00 9.54  ? 171 ALA A O   1 
ATOM   966  C CB  . ALA A 1 120 ? -0.802  9.237   6.035   1.00 11.74 ? 171 ALA A CB  1 
ATOM   967  N N   . THR A 1 121 ? -1.314  7.975   8.904   1.00 11.07 ? 172 THR A N   1 
ATOM   968  C CA  . THR A 1 121 ? -1.207  7.904   10.367  1.00 11.19 ? 172 THR A CA  1 
ATOM   969  C C   . THR A 1 121 ? -0.638  6.541   10.809  1.00 10.28 ? 172 THR A C   1 
ATOM   970  O O   . THR A 1 121 ? 0.200   6.435   11.741  1.00 8.60  ? 172 THR A O   1 
ATOM   971  C CB  . THR A 1 121 ? -2.581  8.134   11.035  1.00 13.48 ? 172 THR A CB  1 
ATOM   972  O OG1 . THR A 1 121 ? -3.055  9.453   10.716  1.00 14.95 ? 172 THR A OG1 1 
ATOM   973  C CG2 . THR A 1 121 ? -2.418  8.015   12.560  1.00 13.94 ? 172 THR A CG2 1 
ATOM   974  N N   . TYR A 1 122 ? -1.107  5.469   10.165  1.00 8.52  ? 173 TYR A N   1 
ATOM   975  C CA  . TYR A 1 122 ? -0.663  4.140   10.561  1.00 10.21 ? 173 TYR A CA  1 
ATOM   976  C C   . TYR A 1 122 ? 0.865   4.021   10.324  1.00 10.03 ? 173 TYR A C   1 
ATOM   977  O O   . TYR A 1 122 ? 1.642   3.493   11.149  1.00 9.11  ? 173 TYR A O   1 
ATOM   978  C CB  . TYR A 1 122 ? -1.448  3.078   9.796   1.00 11.94 ? 173 TYR A CB  1 
ATOM   979  C CG  . TYR A 1 122 ? -1.432  1.751   10.511  1.00 8.79  ? 173 TYR A CG  1 
ATOM   980  C CD1 . TYR A 1 122 ? -0.465  0.817   10.219  1.00 8.57  ? 173 TYR A CD1 1 
ATOM   981  C CD2 . TYR A 1 122 ? -2.384  1.454   11.490  1.00 8.91  ? 173 TYR A CD2 1 
ATOM   982  C CE1 . TYR A 1 122 ? -0.425  -0.416  10.914  1.00 10.94 ? 173 TYR A CE1 1 
ATOM   983  C CE2 . TYR A 1 122 ? -2.396  0.235   12.143  1.00 9.68  ? 173 TYR A CE2 1 
ATOM   984  C CZ  . TYR A 1 122 ? -1.405  -0.696  11.849  1.00 9.95  ? 173 TYR A CZ  1 
ATOM   985  O OH  . TYR A 1 122 ? -1.364  -1.904  12.465  1.00 10.28 ? 173 TYR A OH  1 
ATOM   986  N N   . LEU A 1 123 ? 1.295   4.504   9.168   1.00 9.22  ? 174 LEU A N   1 
ATOM   987  C CA  . LEU A 1 123 ? 2.722   4.526   8.866   1.00 10.76 ? 174 LEU A CA  1 
ATOM   988  C C   . LEU A 1 123 ? 3.468   5.310   9.938   1.00 10.81 ? 174 LEU A C   1 
ATOM   989  O O   . LEU A 1 123 ? 4.445   4.814   10.484  1.00 10.24 ? 174 LEU A O   1 
ATOM   990  C CB  . LEU A 1 123 ? 2.965   5.153   7.478   1.00 11.25 ? 174 LEU A CB  1 
ATOM   991  C CG  . LEU A 1 123 ? 2.679   4.201   6.330   1.00 15.07 ? 174 LEU A CG  1 
ATOM   992  C CD1 . LEU A 1 123 ? 2.557   4.974   5.047   1.00 16.20 ? 174 LEU A CD1 1 
ATOM   993  C CD2 . LEU A 1 123 ? 3.859   3.202   6.302   1.00 17.02 ? 174 LEU A CD2 1 
ATOM   994  N N   . ASN A 1 124 ? 3.027   6.543   10.219  1.00 10.33 ? 175 ASN A N   1 
ATOM   995  C CA  . ASN A 1 124 ? 3.680   7.399   11.236  1.00 11.40 ? 175 ASN A CA  1 
ATOM   996  C C   . ASN A 1 124 ? 3.823   6.735   12.616  1.00 12.74 ? 175 ASN A C   1 
ATOM   997  O O   . ASN A 1 124 ? 4.886   6.790   13.255  1.00 13.70 ? 175 ASN A O   1 
ATOM   998  C CB  . ASN A 1 124 ? 2.897   8.700   11.459  1.00 11.43 ? 175 ASN A CB  1 
ATOM   999  C CG  . ASN A 1 124 ? 3.036   9.696   10.327  1.00 9.89  ? 175 ASN A CG  1 
ATOM   1000 O OD1 . ASN A 1 124 ? 3.667   9.449   9.290   1.00 13.90 ? 175 ASN A OD1 1 
ATOM   1001 N ND2 . ASN A 1 124 ? 2.439   10.851  10.534  1.00 13.09 ? 175 ASN A ND2 1 
ATOM   1002 N N   . ASP A 1 125 ? 2.743   6.124   13.091  1.00 10.77 ? 176 ASP A N   1 
ATOM   1003 C CA  . ASP A 1 125 ? 2.588   5.784   14.509  1.00 11.89 ? 176 ASP A CA  1 
ATOM   1004 C C   . ASP A 1 125 ? 2.726   4.277   14.847  1.00 11.95 ? 176 ASP A C   1 
ATOM   1005 O O   . ASP A 1 125 ? 3.016   3.898   15.963  1.00 12.43 ? 176 ASP A O   1 
ATOM   1006 C CB  . ASP A 1 125 ? 1.213   6.297   14.943  1.00 12.91 ? 176 ASP A CB  1 
ATOM   1007 C CG  . ASP A 1 125 ? 1.172   7.814   15.036  1.00 14.89 ? 176 ASP A CG  1 
ATOM   1008 O OD1 . ASP A 1 125 ? 2.253   8.456   15.138  1.00 16.65 ? 176 ASP A OD1 1 
ATOM   1009 O OD2 . ASP A 1 125 ? 0.065   8.369   14.988  1.00 13.75 ? 176 ASP A OD2 1 
ATOM   1010 N N   . HIS A 1 126 ? 2.534   3.437   13.842  1.00 12.38 ? 177 HIS A N   1 
ATOM   1011 C CA  . HIS A 1 126 ? 2.655   2.019   14.014  1.00 11.93 ? 177 HIS A CA  1 
ATOM   1012 C C   . HIS A 1 126 ? 3.902   1.444   13.379  1.00 12.40 ? 177 HIS A C   1 
ATOM   1013 O O   . HIS A 1 126 ? 4.551   0.600   13.982  1.00 15.99 ? 177 HIS A O   1 
ATOM   1014 C CB  . HIS A 1 126 ? 1.465   1.303   13.406  1.00 12.13 ? 177 HIS A CB  1 
ATOM   1015 C CG  . HIS A 1 126 ? 0.177   1.521   14.134  1.00 11.65 ? 177 HIS A CG  1 
ATOM   1016 N ND1 . HIS A 1 126 ? -0.425  0.534   14.892  1.00 13.40 ? 177 HIS A ND1 1 
ATOM   1017 C CD2 . HIS A 1 126 ? -0.645  2.596   14.187  1.00 13.05 ? 177 HIS A CD2 1 
ATOM   1018 C CE1 . HIS A 1 126 ? -1.569  0.987   15.363  1.00 13.60 ? 177 HIS A CE1 1 
ATOM   1019 N NE2 . HIS A 1 126 ? -1.732  2.230   14.945  1.00 11.19 ? 177 HIS A NE2 1 
ATOM   1020 N N   . LEU A 1 127 ? 4.229   1.881   12.165  1.00 11.32 ? 178 LEU A N   1 
ATOM   1021 C CA  . LEU A 1 127 ? 5.170   1.162   11.312  1.00 11.65 ? 178 LEU A CA  1 
ATOM   1022 C C   . LEU A 1 127 ? 6.528   1.845   11.227  1.00 13.86 ? 178 LEU A C   1 
ATOM   1023 O O   . LEU A 1 127 ? 7.572   1.197   10.986  1.00 12.05 ? 178 LEU A O   1 
ATOM   1024 C CB  . LEU A 1 127 ? 4.584   1.018   9.887   1.00 10.74 ? 178 LEU A CB  1 
ATOM   1025 C CG  . LEU A 1 127 ? 3.346   0.117   9.806   1.00 8.47  ? 178 LEU A CG  1 
ATOM   1026 C CD1 . LEU A 1 127 ? 2.947   -0.058  8.344   1.00 11.51 ? 178 LEU A CD1 1 
ATOM   1027 C CD2 . LEU A 1 127 ? 3.545   -1.199  10.576  1.00 14.44 ? 178 LEU A CD2 1 
ATOM   1028 N N   . GLU A 1 128 ? 6.538   3.153   11.427  1.00 14.95 ? 179 GLU A N   1 
ATOM   1029 C CA  . GLU A 1 128 ? 7.803   3.897   11.305  1.00 18.00 ? 179 GLU A CA  1 
ATOM   1030 C C   . GLU A 1 128 ? 8.998   3.378   12.147  1.00 16.80 ? 179 GLU A C   1 
ATOM   1031 O O   . GLU A 1 128 ? 10.115  3.308   11.627  1.00 17.16 ? 179 GLU A O   1 
ATOM   1032 C CB  . GLU A 1 128 ? 7.578   5.397   11.576  1.00 19.30 ? 179 GLU A CB  1 
ATOM   1033 C CG  . GLU A 1 128 ? 8.802   6.252   11.274  1.00 24.25 ? 179 GLU A CG  1 
ATOM   1034 C CD  . GLU A 1 128 ? 9.113   6.267   9.804   1.00 27.57 ? 179 GLU A CD  1 
ATOM   1035 O OE1 . GLU A 1 128 ? 8.171   6.146   8.994   1.00 35.82 ? 179 GLU A OE1 1 
ATOM   1036 O OE2 . GLU A 1 128 ? 10.290  6.418   9.441   1.00 35.02 ? 179 GLU A OE2 1 
ATOM   1037 N N   . PRO A 1 129 ? 8.783   3.039   13.439  1.00 17.99 ? 180 PRO A N   1 
ATOM   1038 C CA  . PRO A 1 129 ? 9.891   2.530   14.272  1.00 17.66 ? 180 PRO A CA  1 
ATOM   1039 C C   . PRO A 1 129 ? 10.533  1.271   13.671  1.00 17.69 ? 180 PRO A C   1 
ATOM   1040 O O   . PRO A 1 129 ? 11.767  1.178   13.602  1.00 19.01 ? 180 PRO A O   1 
ATOM   1041 C CB  . PRO A 1 129 ? 9.228   2.220   15.625  1.00 18.48 ? 180 PRO A CB  1 
ATOM   1042 C CG  . PRO A 1 129 ? 7.971   2.966   15.644  1.00 18.48 ? 180 PRO A CG  1 
ATOM   1043 C CD  . PRO A 1 129 ? 7.541   3.222   14.215  1.00 18.39 ? 180 PRO A CD  1 
ATOM   1044 N N   . TRP A 1 130 ? 9.714   0.321   13.223  1.00 15.69 ? 181 TRP A N   1 
ATOM   1045 C CA  . TRP A 1 130 ? 10.225  -0.883  12.594  1.00 15.08 ? 181 TRP A CA  1 
ATOM   1046 C C   . TRP A 1 130 ? 10.949  -0.563  11.301  1.00 13.47 ? 181 TRP A C   1 
ATOM   1047 O O   . TRP A 1 130 ? 12.005  -1.131  11.002  1.00 14.34 ? 181 TRP A O   1 
ATOM   1048 C CB  . TRP A 1 130 ? 9.083   -1.881  12.283  1.00 14.90 ? 181 TRP A CB  1 
ATOM   1049 C CG  . TRP A 1 130 ? 9.617   -3.186  11.746  1.00 15.30 ? 181 TRP A CG  1 
ATOM   1050 C CD1 . TRP A 1 130 ? 9.969   -4.283  12.479  1.00 13.42 ? 181 TRP A CD1 1 
ATOM   1051 C CD2 . TRP A 1 130 ? 9.922   -3.510  10.370  1.00 16.00 ? 181 TRP A CD2 1 
ATOM   1052 N NE1 . TRP A 1 130 ? 10.443  -5.279  11.653  1.00 13.75 ? 181 TRP A NE1 1 
ATOM   1053 C CE2 . TRP A 1 130 ? 10.425  -4.835  10.357  1.00 15.31 ? 181 TRP A CE2 1 
ATOM   1054 C CE3 . TRP A 1 130 ? 9.790   -2.824  9.154   1.00 12.86 ? 181 TRP A CE3 1 
ATOM   1055 C CZ2 . TRP A 1 130 ? 10.815  -5.482  9.183   1.00 13.16 ? 181 TRP A CZ2 1 
ATOM   1056 C CZ3 . TRP A 1 130 ? 10.175  -3.472  7.971   1.00 14.42 ? 181 TRP A CZ3 1 
ATOM   1057 C CH2 . TRP A 1 130 ? 10.678  -4.788  7.996   1.00 14.06 ? 181 TRP A CH2 1 
ATOM   1058 N N   . ILE A 1 131 ? 10.378  0.339   10.510  1.00 13.65 ? 182 ILE A N   1 
ATOM   1059 C CA  . ILE A 1 131 ? 10.964  0.673   9.220   1.00 14.53 ? 182 ILE A CA  1 
ATOM   1060 C C   . ILE A 1 131 ? 12.343  1.295   9.469   1.00 15.87 ? 182 ILE A C   1 
ATOM   1061 O O   . ILE A 1 131 ? 13.344  0.951   8.827   1.00 15.93 ? 182 ILE A O   1 
ATOM   1062 C CB  . ILE A 1 131 ? 10.028  1.629   8.428   1.00 14.40 ? 182 ILE A CB  1 
ATOM   1063 C CG1 . ILE A 1 131 ? 8.808   0.822   7.924   1.00 13.24 ? 182 ILE A CG1 1 
ATOM   1064 C CG2 . ILE A 1 131 ? 10.780  2.307   7.262   1.00 11.58 ? 182 ILE A CG2 1 
ATOM   1065 C CD1 . ILE A 1 131 ? 7.697   1.659   7.318   1.00 14.02 ? 182 ILE A CD1 1 
ATOM   1066 N N   . GLN A 1 132 ? 12.394  2.181   10.450  1.00 16.34 ? 183 GLN A N   1 
ATOM   1067 C CA  . GLN A 1 132 ? 13.655  2.859   10.744  1.00 19.48 ? 183 GLN A CA  1 
ATOM   1068 C C   . GLN A 1 132 ? 14.718  1.880   11.290  1.00 18.73 ? 183 GLN A C   1 
ATOM   1069 O O   . GLN A 1 132 ? 15.895  1.944   10.891  1.00 19.20 ? 183 GLN A O   1 
ATOM   1070 C CB  . GLN A 1 132 ? 13.401  4.090   11.618  1.00 20.54 ? 183 GLN A CB  1 
ATOM   1071 C CG  . GLN A 1 132 ? 12.689  5.225   10.838  1.00 29.09 ? 183 GLN A CG  1 
ATOM   1072 C CD  . GLN A 1 132 ? 13.363  5.563   9.481   1.00 35.35 ? 183 GLN A CD  1 
ATOM   1073 O OE1 . GLN A 1 132 ? 14.518  5.995   9.435   1.00 39.60 ? 183 GLN A OE1 1 
ATOM   1074 N NE2 . GLN A 1 132 ? 12.628  5.379   8.383   1.00 31.95 ? 183 GLN A NE2 1 
ATOM   1075 N N   . GLU A 1 133 ? 14.286  0.919   12.105  1.00 19.39 ? 184 GLU A N   1 
ATOM   1076 C CA  . GLU A 1 133 ? 15.161  -0.149  12.616  1.00 20.30 ? 184 GLU A CA  1 
ATOM   1077 C C   . GLU A 1 133 ? 15.641  -1.124  11.551  1.00 22.72 ? 184 GLU A C   1 
ATOM   1078 O O   . GLU A 1 133 ? 16.679  -1.798  11.717  1.00 22.79 ? 184 GLU A O   1 
ATOM   1079 C CB  . GLU A 1 133 ? 14.490  -0.907  13.749  1.00 21.63 ? 184 GLU A CB  1 
ATOM   1080 C CG  . GLU A 1 133 ? 14.347  -0.053  14.935  1.00 25.31 ? 184 GLU A CG  1 
ATOM   1081 C CD  . GLU A 1 133 ? 13.712  -0.754  16.077  1.00 29.86 ? 184 GLU A CD  1 
ATOM   1082 O OE1 . GLU A 1 133 ? 13.358  -1.944  15.938  1.00 32.97 ? 184 GLU A OE1 1 
ATOM   1083 O OE2 . GLU A 1 133 ? 13.556  -0.099  17.119  1.00 34.51 ? 184 GLU A OE2 1 
ATOM   1084 N N   . ASN A 1 134 ? 14.906  -1.192  10.447  1.00 21.17 ? 185 ASN A N   1 
ATOM   1085 C CA  . ASN A 1 134 ? 15.223  -2.139  9.400   1.00 22.13 ? 185 ASN A CA  1 
ATOM   1086 C C   . ASN A 1 134 ? 15.813  -1.471  8.141   1.00 23.01 ? 185 ASN A C   1 
ATOM   1087 O O   . ASN A 1 134 ? 15.709  -1.970  7.024   1.00 24.91 ? 185 ASN A O   1 
ATOM   1088 C CB  . ASN A 1 134 ? 14.029  -3.069  9.141   1.00 22.00 ? 185 ASN A CB  1 
ATOM   1089 C CG  . ASN A 1 134 ? 13.734  -3.982  10.335  1.00 22.54 ? 185 ASN A CG  1 
ATOM   1090 O OD1 . ASN A 1 134 ? 14.185  -5.137  10.382  1.00 27.48 ? 185 ASN A OD1 1 
ATOM   1091 N ND2 . ASN A 1 134 ? 13.040  -3.454  11.339  1.00 21.04 ? 185 ASN A ND2 1 
ATOM   1092 N N   . GLY A 1 135 ? 16.469  -0.340  8.345   1.00 22.99 ? 186 GLY A N   1 
ATOM   1093 C CA  . GLY A 1 135 ? 17.214  0.295   7.266   1.00 25.07 ? 186 GLY A CA  1 
ATOM   1094 C C   . GLY A 1 135 ? 16.400  1.235   6.385   1.00 24.49 ? 186 GLY A C   1 
ATOM   1095 O O   . GLY A 1 135 ? 16.853  1.602   5.300   1.00 26.51 ? 186 GLY A O   1 
ATOM   1096 N N   . GLY A 1 136 ? 15.209  1.628   6.840   1.00 21.96 ? 187 GLY A N   1 
ATOM   1097 C CA  . GLY A 1 136 ? 14.392  2.616   6.119   1.00 20.10 ? 187 GLY A CA  1 
ATOM   1098 C C   . GLY A 1 136 ? 13.935  2.145   4.733   1.00 17.80 ? 187 GLY A C   1 
ATOM   1099 O O   . GLY A 1 136 ? 14.245  1.027   4.294   1.00 16.43 ? 187 GLY A O   1 
ATOM   1100 N N   . TRP A 1 137 ? 13.181  2.996   4.033   1.00 17.88 ? 188 TRP A N   1 
ATOM   1101 C CA  . TRP A 1 137 ? 12.687  2.610   2.711   1.00 15.75 ? 188 TRP A CA  1 
ATOM   1102 C C   . TRP A 1 137 ? 13.808  2.328   1.703   1.00 16.16 ? 188 TRP A C   1 
ATOM   1103 O O   . TRP A 1 137 ? 13.645  1.515   0.784   1.00 15.08 ? 188 TRP A O   1 
ATOM   1104 C CB  . TRP A 1 137 ? 11.683  3.633   2.170   1.00 16.38 ? 188 TRP A CB  1 
ATOM   1105 C CG  . TRP A 1 137 ? 10.359  3.502   2.858   1.00 14.25 ? 188 TRP A CG  1 
ATOM   1106 C CD1 . TRP A 1 137 ? 9.883   4.216   3.938   1.00 16.74 ? 188 TRP A CD1 1 
ATOM   1107 C CD2 . TRP A 1 137 ? 9.350   2.547   2.526   1.00 16.02 ? 188 TRP A CD2 1 
ATOM   1108 N NE1 . TRP A 1 137 ? 8.617   3.760   4.280   1.00 16.65 ? 188 TRP A NE1 1 
ATOM   1109 C CE2 . TRP A 1 137 ? 8.270   2.745   3.417   1.00 18.14 ? 188 TRP A CE2 1 
ATOM   1110 C CE3 . TRP A 1 137 ? 9.244   1.564   1.543   1.00 15.83 ? 188 TRP A CE3 1 
ATOM   1111 C CZ2 . TRP A 1 137 ? 7.110   1.981   3.351   1.00 15.50 ? 188 TRP A CZ2 1 
ATOM   1112 C CZ3 . TRP A 1 137 ? 8.091   0.817   1.471   1.00 19.70 ? 188 TRP A CZ3 1 
ATOM   1113 C CH2 . TRP A 1 137 ? 7.041   1.021   2.390   1.00 18.45 ? 188 TRP A CH2 1 
ATOM   1114 N N   . ASP A 1 138 ? 14.955  2.983   1.843   1.00 16.72 ? 189 ASP A N   1 
ATOM   1115 C CA  . ASP A 1 138 ? 16.035  2.660   0.897   1.00 19.20 ? 189 ASP A CA  1 
ATOM   1116 C C   . ASP A 1 138 ? 16.390  1.167   0.949   1.00 19.44 ? 189 ASP A C   1 
ATOM   1117 O O   . ASP A 1 138 ? 16.768  0.557   -0.048  1.00 18.28 ? 189 ASP A O   1 
ATOM   1118 C CB  . ASP A 1 138 ? 17.263  3.522   1.162   1.00 21.59 ? 189 ASP A CB  1 
ATOM   1119 C CG  . ASP A 1 138 ? 17.004  5.000   0.925   1.00 26.47 ? 189 ASP A CG  1 
ATOM   1120 O OD1 . ASP A 1 138 ? 16.000  5.362   0.276   1.00 29.75 ? 189 ASP A OD1 1 
ATOM   1121 O OD2 . ASP A 1 138 ? 17.835  5.815   1.396   1.00 34.56 ? 189 ASP A OD2 1 
ATOM   1122 N N   . THR A 1 139 ? 16.256  0.574   2.123   1.00 17.61 ? 190 THR A N   1 
ATOM   1123 C CA  . THR A 1 139 ? 16.528  -0.848  2.286   1.00 18.75 ? 190 THR A CA  1 
ATOM   1124 C C   . THR A 1 139 ? 15.478  -1.712  1.599   1.00 16.85 ? 190 THR A C   1 
ATOM   1125 O O   . THR A 1 139 ? 15.775  -2.780  1.037   1.00 16.97 ? 190 THR A O   1 
ATOM   1126 C CB  . THR A 1 139 ? 16.626  -1.196  3.764   1.00 20.93 ? 190 THR A CB  1 
ATOM   1127 O OG1 . THR A 1 139 ? 17.701  -0.422  4.325   1.00 26.38 ? 190 THR A OG1 1 
ATOM   1128 C CG2 . THR A 1 139 ? 16.913  -2.694  3.954   1.00 22.87 ? 190 THR A CG2 1 
ATOM   1129 N N   . PHE A 1 140 ? 14.236  -1.256  1.653   1.00 14.25 ? 191 PHE A N   1 
ATOM   1130 C CA  . PHE A 1 140 ? 13.166  -1.918  0.890   1.00 14.08 ? 191 PHE A CA  1 
ATOM   1131 C C   . PHE A 1 140 ? 13.463  -1.877  -0.610  1.00 13.56 ? 191 PHE A C   1 
ATOM   1132 O O   . PHE A 1 140 ? 13.263  -2.861  -1.326  1.00 15.48 ? 191 PHE A O   1 
ATOM   1133 C CB  . PHE A 1 140 ? 11.824  -1.233  1.183   1.00 13.48 ? 191 PHE A CB  1 
ATOM   1134 C CG  . PHE A 1 140 ? 10.713  -1.688  0.285   1.00 13.20 ? 191 PHE A CG  1 
ATOM   1135 C CD1 . PHE A 1 140 ? 10.080  -2.901  0.531   1.00 17.38 ? 191 PHE A CD1 1 
ATOM   1136 C CD2 . PHE A 1 140 ? 10.301  -0.907  -0.796  1.00 12.67 ? 191 PHE A CD2 1 
ATOM   1137 C CE1 . PHE A 1 140 ? 9.040   -3.340  -0.309  1.00 18.25 ? 191 PHE A CE1 1 
ATOM   1138 C CE2 . PHE A 1 140 ? 9.280   -1.341  -1.638  1.00 17.67 ? 191 PHE A CE2 1 
ATOM   1139 C CZ  . PHE A 1 140 ? 8.642   -2.570  -1.381  1.00 17.34 ? 191 PHE A CZ  1 
ATOM   1140 N N   . VAL A 1 141 ? 13.955  -0.731  -1.090  1.00 12.61 ? 192 VAL A N   1 
ATOM   1141 C CA  . VAL A 1 141 ? 14.299  -0.578  -2.526  1.00 15.62 ? 192 VAL A CA  1 
ATOM   1142 C C   . VAL A 1 141 ? 15.406  -1.597  -2.918  1.00 16.55 ? 192 VAL A C   1 
ATOM   1143 O O   . VAL A 1 141 ? 15.284  -2.313  -3.925  1.00 17.74 ? 192 VAL A O   1 
ATOM   1144 C CB  . VAL A 1 141 ? 14.707  0.881   -2.862  1.00 13.77 ? 192 VAL A CB  1 
ATOM   1145 C CG1 . VAL A 1 141 ? 15.209  0.993   -4.316  1.00 15.33 ? 192 VAL A CG1 1 
ATOM   1146 C CG2 . VAL A 1 141 ? 13.507  1.861   -2.647  1.00 13.96 ? 192 VAL A CG2 1 
ATOM   1147 N N   . GLU A 1 142 ? 16.452  -1.675  -2.105  1.00 19.07 ? 193 GLU A N   1 
ATOM   1148 C CA  . GLU A 1 142 ? 17.539  -2.628  -2.371  1.00 22.35 ? 193 GLU A CA  1 
ATOM   1149 C C   . GLU A 1 142 ? 16.988  -4.040  -2.300  1.00 22.60 ? 193 GLU A C   1 
ATOM   1150 O O   . GLU A 1 142 ? 17.290  -4.878  -3.142  1.00 21.43 ? 193 GLU A O   1 
ATOM   1151 C CB  . GLU A 1 142 ? 18.621  -2.534  -1.311  1.00 23.48 ? 193 GLU A CB  1 
ATOM   1152 C CG  . GLU A 1 142 ? 19.374  -1.234  -1.225  1.00 30.61 ? 193 GLU A CG  1 
ATOM   1153 C CD  . GLU A 1 142 ? 20.189  -1.166  0.060   1.00 38.74 ? 193 GLU A CD  1 
ATOM   1154 O OE1 . GLU A 1 142 ? 20.675  -0.069  0.407   1.00 41.24 ? 193 GLU A OE1 1 
ATOM   1155 O OE2 . GLU A 1 142 ? 20.325  -2.223  0.734   1.00 42.66 ? 193 GLU A OE2 1 
ATOM   1156 N N   . LEU A 1 143 ? 16.191  -4.311  -1.269  1.00 23.55 ? 194 LEU A N   1 
ATOM   1157 C CA  . LEU A 1 143 ? 15.664  -5.658  -1.080  1.00 24.86 ? 194 LEU A CA  1 
ATOM   1158 C C   . LEU A 1 143 ? 14.733  -6.051  -2.191  1.00 25.64 ? 194 LEU A C   1 
ATOM   1159 O O   . LEU A 1 143 ? 14.792  -7.193  -2.638  1.00 26.95 ? 194 LEU A O   1 
ATOM   1160 C CB  . LEU A 1 143 ? 14.931  -5.810  0.256   1.00 25.53 ? 194 LEU A CB  1 
ATOM   1161 C CG  . LEU A 1 143 ? 15.680  -6.536  1.356   1.00 27.34 ? 194 LEU A CG  1 
ATOM   1162 C CD1 . LEU A 1 143 ? 14.789  -6.727  2.578   1.00 29.98 ? 194 LEU A CD1 1 
ATOM   1163 C CD2 . LEU A 1 143 ? 16.157  -7.878  0.844   1.00 29.26 ? 194 LEU A CD2 1 
ATOM   1164 N N   . MET B 2 2   ? -20.304 -14.762 3.287   1.00 25.48 ? 84  MET B N   1 
ATOM   1165 C CA  . MET B 2 2   ? -19.279 -13.710 3.610   1.00 24.53 ? 84  MET B CA  1 
ATOM   1166 C C   . MET B 2 2   ? -18.281 -13.966 4.775   1.00 21.78 ? 84  MET B C   1 
ATOM   1167 O O   . MET B 2 2   ? -18.664 -14.046 5.943   1.00 22.31 ? 84  MET B O   1 
ATOM   1168 C CB  . MET B 2 2   ? -19.953 -12.372 3.863   1.00 25.40 ? 84  MET B CB  1 
ATOM   1169 C CG  . MET B 2 2   ? -19.006 -11.238 3.548   1.00 29.42 ? 84  MET B CG  1 
ATOM   1170 S SD  . MET B 2 2   ? -19.848 -9.640  3.402   1.00 36.88 ? 84  MET B SD  1 
ATOM   1171 C CE  . MET B 2 2   ? -19.229 -9.140  1.779   1.00 29.05 ? 84  MET B CE  1 
ATOM   1172 N N   . ARG B 2 3   ? -17.003 -14.040 4.450   1.00 19.05 ? 85  ARG B N   1 
ATOM   1173 C CA  . ARG B 2 3   ? -15.979 -14.346 5.464   1.00 17.43 ? 85  ARG B CA  1 
ATOM   1174 C C   . ARG B 2 3   ? -15.777 -13.093 6.316   1.00 15.97 ? 85  ARG B C   1 
ATOM   1175 O O   . ARG B 2 3   ? -15.832 -11.991 5.802   1.00 15.41 ? 85  ARG B O   1 
ATOM   1176 C CB  . ARG B 2 3   ? -14.662 -14.728 4.781   1.00 17.53 ? 85  ARG B CB  1 
ATOM   1177 C CG  . ARG B 2 3   ? -14.838 -15.774 3.666   1.00 19.36 ? 85  ARG B CG  1 
ATOM   1178 C CD  . ARG B 2 3   ? -14.670 -17.162 4.207   1.00 20.18 ? 85  ARG B CD  1 
ATOM   1179 N NE  . ARG B 2 3   ? -15.046 -17.295 5.612   1.00 25.26 ? 85  ARG B NE  1 
ATOM   1180 C CZ  . ARG B 2 3   ? -16.253 -17.651 6.024   1.00 28.09 ? 85  ARG B CZ  1 
ATOM   1181 N NH1 . ARG B 2 3   ? -16.499 -17.788 7.339   1.00 27.43 ? 85  ARG B NH1 1 
ATOM   1182 N NH2 . ARG B 2 3   ? -17.204 -17.874 5.115   1.00 28.43 ? 85  ARG B NH2 1 
ATOM   1183 N N   . PRO B 2 4   ? -15.563 -13.274 7.619   1.00 16.06 ? 86  PRO B N   1 
ATOM   1184 C CA  . PRO B 2 4   ? -15.416 -12.115 8.508   1.00 14.96 ? 86  PRO B CA  1 
ATOM   1185 C C   . PRO B 2 4   ? -14.056 -11.432 8.320   1.00 14.65 ? 86  PRO B C   1 
ATOM   1186 O O   . PRO B 2 4   ? -13.137 -12.041 7.765   1.00 13.30 ? 86  PRO B O   1 
ATOM   1187 C CB  . PRO B 2 4   ? -15.517 -12.733 9.898   1.00 15.26 ? 86  PRO B CB  1 
ATOM   1188 C CG  . PRO B 2 4   ? -15.044 -14.142 9.732   1.00 16.09 ? 86  PRO B CG  1 
ATOM   1189 C CD  . PRO B 2 4   ? -15.407 -14.564 8.322   1.00 16.09 ? 86  PRO B CD  1 
ATOM   1190 N N   . GLU B 2 5   ? -13.927 -10.203 8.819   1.00 13.45 ? 87  GLU B N   1 
ATOM   1191 C CA  . GLU B 2 5   ? -12.659 -9.478  8.738   1.00 12.49 ? 87  GLU B CA  1 
ATOM   1192 C C   . GLU B 2 5   ? -11.456 -10.268 9.267   1.00 12.64 ? 87  GLU B C   1 
ATOM   1193 O O   . GLU B 2 5   ? -10.337 -10.113 8.759   1.00 10.84 ? 87  GLU B O   1 
ATOM   1194 C CB  . GLU B 2 5   ? -12.788 -8.136  9.468   1.00 14.24 ? 87  GLU B CB  1 
ATOM   1195 C CG  . GLU B 2 5   ? -13.312 -7.014  8.568   1.00 17.91 ? 87  GLU B CG  1 
ATOM   1196 C CD  . GLU B 2 5   ? -14.799 -6.790  8.659   1.00 26.57 ? 87  GLU B CD  1 
ATOM   1197 O OE1 . GLU B 2 5   ? -15.491 -7.721  9.142   1.00 27.83 ? 87  GLU B OE1 1 
ATOM   1198 O OE2 . GLU B 2 5   ? -15.268 -5.688  8.222   1.00 24.32 ? 87  GLU B OE2 1 
ATOM   1199 N N   . ILE B 2 6   ? -11.660 -11.102 10.293  1.00 10.62 ? 88  ILE B N   1 
ATOM   1200 C CA  . ILE B 2 6   ? -10.554 -11.881 10.841  1.00 9.92  ? 88  ILE B CA  1 
ATOM   1201 C C   . ILE B 2 6   ? -9.968  -12.820 9.742   1.00 9.70  ? 88  ILE B C   1 
ATOM   1202 O O   . ILE B 2 6   ? -8.734  -12.959 9.602   1.00 10.07 ? 88  ILE B O   1 
ATOM   1203 C CB  . ILE B 2 6   ? -10.979 -12.683 12.123  1.00 9.32  ? 88  ILE B CB  1 
ATOM   1204 C CG1 . ILE B 2 6   ? -9.823  -13.521 12.684  1.00 10.63 ? 88  ILE B CG1 1 
ATOM   1205 C CG2 . ILE B 2 6   ? -12.174 -13.601 11.858  1.00 9.80  ? 88  ILE B CG2 1 
ATOM   1206 C CD1 . ILE B 2 6   ? -8.580  -12.723 13.064  1.00 13.52 ? 88  ILE B CD1 1 
ATOM   1207 N N   . TRP B 2 7   ? -10.849 -13.435 8.954   1.00 7.08  ? 89  TRP B N   1 
ATOM   1208 C CA  . TRP B 2 7   ? -10.436 -14.315 7.849   1.00 8.98  ? 89  TRP B CA  1 
ATOM   1209 C C   . TRP B 2 7   ? -9.716  -13.516 6.751   1.00 8.41  ? 89  TRP B C   1 
ATOM   1210 O O   . TRP B 2 7   ? -8.666  -13.920 6.261   1.00 8.25  ? 89  TRP B O   1 
ATOM   1211 C CB  . TRP B 2 7   ? -11.654 -15.037 7.253   1.00 9.29  ? 89  TRP B CB  1 
ATOM   1212 C CG  . TRP B 2 7   ? -11.342 -15.976 6.099   1.00 10.26 ? 89  TRP B CG  1 
ATOM   1213 C CD1 . TRP B 2 7   ? -11.119 -17.333 6.184   1.00 11.60 ? 89  TRP B CD1 1 
ATOM   1214 C CD2 . TRP B 2 7   ? -11.248 -15.641 4.701   1.00 11.39 ? 89  TRP B CD2 1 
ATOM   1215 N NE1 . TRP B 2 7   ? -10.876 -17.846 4.940   1.00 13.27 ? 89  TRP B NE1 1 
ATOM   1216 C CE2 . TRP B 2 7   ? -10.943 -16.837 4.009   1.00 7.75  ? 89  TRP B CE2 1 
ATOM   1217 C CE3 . TRP B 2 7   ? -11.409 -14.447 3.960   1.00 11.71 ? 89  TRP B CE3 1 
ATOM   1218 C CZ2 . TRP B 2 7   ? -10.799 -16.888 2.608   1.00 13.39 ? 89  TRP B CZ2 1 
ATOM   1219 C CZ3 . TRP B 2 7   ? -11.267 -14.501 2.546   1.00 12.45 ? 89  TRP B CZ3 1 
ATOM   1220 C CH2 . TRP B 2 7   ? -10.940 -15.718 1.900   1.00 14.58 ? 89  TRP B CH2 1 
ATOM   1221 N N   . ILE B 2 8   ? -10.284 -12.392 6.361   1.00 8.97  ? 90  ILE B N   1 
ATOM   1222 C CA  . ILE B 2 8   ? -9.645  -11.501 5.381   1.00 9.72  ? 90  ILE B CA  1 
ATOM   1223 C C   . ILE B 2 8   ? -8.212  -11.142 5.846   1.00 8.84  ? 90  ILE B C   1 
ATOM   1224 O O   . ILE B 2 8   ? -7.235  -11.275 5.087   1.00 7.32  ? 90  ILE B O   1 
ATOM   1225 C CB  . ILE B 2 8   ? -10.455 -10.210 5.179   1.00 10.74 ? 90  ILE B CB  1 
ATOM   1226 C CG1 . ILE B 2 8   ? -11.860 -10.551 4.589   1.00 12.44 ? 90  ILE B CG1 1 
ATOM   1227 C CG2 . ILE B 2 8   ? -9.665  -9.235  4.241   1.00 9.28  ? 90  ILE B CG2 1 
ATOM   1228 C CD1 . ILE B 2 8   ? -12.787 -9.310  4.443   1.00 11.54 ? 90  ILE B CD1 1 
ATOM   1229 N N   . ALA B 2 9   ? -8.085  -10.696 7.094   1.00 7.04  ? 91  ALA B N   1 
ATOM   1230 C CA  . ALA B 2 9   ? -6.780  -10.320 7.580   1.00 7.86  ? 91  ALA B CA  1 
ATOM   1231 C C   . ALA B 2 9   ? -5.781  -11.493 7.665   1.00 8.92  ? 91  ALA B C   1 
ATOM   1232 O O   . ALA B 2 9   ? -4.618  -11.319 7.351   1.00 7.80  ? 91  ALA B O   1 
ATOM   1233 C CB  . ALA B 2 9   ? -6.920  -9.612  8.933   1.00 6.44  ? 91  ALA B CB  1 
ATOM   1234 N N   . GLN B 2 10  ? -6.219  -12.670 8.127   1.00 7.88  ? 92  GLN B N   1 
ATOM   1235 C CA  . GLN B 2 10  ? -5.317  -13.845 8.192   1.00 8.61  ? 92  GLN B CA  1 
ATOM   1236 C C   . GLN B 2 10  ? -4.875  -14.235 6.791   1.00 8.29  ? 92  GLN B C   1 
ATOM   1237 O O   . GLN B 2 10  ? -3.722  -14.667 6.599   1.00 8.23  ? 92  GLN B O   1 
ATOM   1238 C CB  . GLN B 2 10  ? -5.962  -15.033 8.930   1.00 7.76  ? 92  GLN B CB  1 
ATOM   1239 C CG  . GLN B 2 10  ? -6.266  -14.676 10.404  1.00 7.94  ? 92  GLN B CG  1 
ATOM   1240 C CD  . GLN B 2 10  ? -6.934  -15.775 11.201  1.00 11.92 ? 92  GLN B CD  1 
ATOM   1241 O OE1 . GLN B 2 10  ? -7.604  -16.647 10.657  1.00 14.50 ? 92  GLN B OE1 1 
ATOM   1242 N NE2 . GLN B 2 10  ? -6.782  -15.699 12.528  1.00 12.55 ? 92  GLN B NE2 1 
ATOM   1243 N N   . GLU B 2 11  ? -5.773  -14.142 5.818   1.00 6.67  ? 93  GLU B N   1 
ATOM   1244 C CA  . GLU B 2 11  ? -5.412  -14.525 4.447   1.00 9.17  ? 93  GLU B CA  1 
ATOM   1245 C C   . GLU B 2 11  ? -4.392  -13.511 3.871   1.00 8.72  ? 93  GLU B C   1 
ATOM   1246 O O   . GLU B 2 11  ? -3.395  -13.868 3.271   1.00 8.01  ? 93  GLU B O   1 
ATOM   1247 C CB  . GLU B 2 11  ? -6.663  -14.647 3.569   1.00 10.36 ? 93  GLU B CB  1 
ATOM   1248 C CG  . GLU B 2 11  ? -7.285  -16.053 3.673   1.00 8.30  ? 93  GLU B CG  1 
ATOM   1249 C CD  . GLU B 2 11  ? -6.364  -17.117 3.040   1.00 9.19  ? 93  GLU B CD  1 
ATOM   1250 O OE1 . GLU B 2 11  ? -6.245  -17.117 1.814   1.00 11.32 ? 93  GLU B OE1 1 
ATOM   1251 O OE2 . GLU B 2 11  ? -5.758  -17.927 3.766   1.00 11.21 ? 93  GLU B OE2 1 
ATOM   1252 N N   . LEU B 2 12  ? -4.657  -12.236 4.105   1.00 9.96  ? 94  LEU B N   1 
ATOM   1253 C CA  . LEU B 2 12  ? -3.770  -11.160 3.680   1.00 9.52  ? 94  LEU B CA  1 
ATOM   1254 C C   . LEU B 2 12  ? -2.342  -11.283 4.294   1.00 9.60  ? 94  LEU B C   1 
ATOM   1255 O O   . LEU B 2 12  ? -1.341  -11.208 3.577   1.00 9.34  ? 94  LEU B O   1 
ATOM   1256 C CB  . LEU B 2 12  ? -4.383  -9.834  4.112   1.00 9.81  ? 94  LEU B CB  1 
ATOM   1257 C CG  . LEU B 2 12  ? -3.619  -8.581  3.694   1.00 9.59  ? 94  LEU B CG  1 
ATOM   1258 C CD1 . LEU B 2 12  ? -3.724  -8.394  2.171   1.00 8.63  ? 94  LEU B CD1 1 
ATOM   1259 C CD2 . LEU B 2 12  ? -4.218  -7.383  4.477   1.00 11.07 ? 94  LEU B CD2 1 
ATOM   1260 N N   . ARG B 2 13  ? -2.288  -11.514 5.600   1.00 7.58  ? 95  ARG B N   1 
ATOM   1261 C CA  . ARG B 2 13  ? -1.018  -11.740 6.321   1.00 7.83  ? 95  ARG B CA  1 
ATOM   1262 C C   . ARG B 2 13  ? -0.332  -13.007 5.775   1.00 8.70  ? 95  ARG B C   1 
ATOM   1263 O O   . ARG B 2 13  ? 0.897   -13.021 5.598   1.00 8.72  ? 95  ARG B O   1 
ATOM   1264 C CB  . ARG B 2 13  ? -1.272  -11.917 7.831   1.00 8.95  ? 95  ARG B CB  1 
ATOM   1265 C CG  . ARG B 2 13  ? 0.028   -12.029 8.655   1.00 11.96 ? 95  ARG B CG  1 
ATOM   1266 C CD  . ARG B 2 13  ? -0.340  -12.145 10.140  1.00 18.97 ? 95  ARG B CD  1 
ATOM   1267 N NE  . ARG B 2 13  ? -1.182  -13.313 10.404  1.00 20.94 ? 95  ARG B NE  1 
ATOM   1268 C CZ  . ARG B 2 13  ? -2.156  -13.404 11.313  1.00 22.05 ? 95  ARG B CZ  1 
ATOM   1269 N NH1 . ARG B 2 13  ? -2.533  -12.375 12.076  1.00 16.14 ? 95  ARG B NH1 1 
ATOM   1270 N NH2 . ARG B 2 13  ? -2.811  -14.555 11.431  1.00 26.27 ? 95  ARG B NH2 1 
ATOM   1271 N N   . ARG B 2 14  ? -1.109  -14.067 5.521   1.00 6.52  ? 96  ARG B N   1 
ATOM   1272 C CA  . ARG B 2 14  ? -0.519  -15.313 5.014   1.00 8.57  ? 96  ARG B CA  1 
ATOM   1273 C C   . ARG B 2 14  ? 0.271   -15.058 3.740   1.00 7.32  ? 96  ARG B C   1 
ATOM   1274 O O   . ARG B 2 14  ? 1.462   -15.420 3.652   1.00 8.22  ? 96  ARG B O   1 
ATOM   1275 C CB  . ARG B 2 14  ? -1.571  -16.416 4.751   1.00 8.86  ? 96  ARG B CB  1 
ATOM   1276 C CG  . ARG B 2 14  ? -0.934  -17.732 4.185   1.00 9.78  ? 96  ARG B CG  1 
ATOM   1277 C CD  . ARG B 2 14  ? -2.009  -18.858 3.979   1.00 7.68  ? 96  ARG B CD  1 
ATOM   1278 N NE  . ARG B 2 14  ? -3.008  -18.494 2.956   1.00 11.90 ? 96  ARG B NE  1 
ATOM   1279 C CZ  . ARG B 2 14  ? -2.795  -18.561 1.648   1.00 12.08 ? 96  ARG B CZ  1 
ATOM   1280 N NH1 . ARG B 2 14  ? -1.589  -18.939 1.186   1.00 11.04 ? 96  ARG B NH1 1 
ATOM   1281 N NH2 . ARG B 2 14  ? -3.773  -18.249 0.797   1.00 11.37 ? 96  ARG B NH2 1 
ATOM   1282 N N   . ILE B 2 15  ? -0.368  -14.419 2.764   1.00 6.83  ? 97  ILE B N   1 
ATOM   1283 C CA  . ILE B 2 15  ? 0.285   -14.213 1.481   1.00 8.51  ? 97  ILE B CA  1 
ATOM   1284 C C   . ILE B 2 15  ? 1.361   -13.121 1.591   1.00 8.49  ? 97  ILE B C   1 
ATOM   1285 O O   . ILE B 2 15  ? 2.436   -13.214 0.963   1.00 10.13 ? 97  ILE B O   1 
ATOM   1286 C CB  . ILE B 2 15  ? -0.733  -13.953 0.319   1.00 9.02  ? 97  ILE B CB  1 
ATOM   1287 C CG1 . ILE B 2 15  ? -1.644  -12.760 0.609   1.00 8.50  ? 97  ILE B CG1 1 
ATOM   1288 C CG2 . ILE B 2 15  ? -1.573  -15.221 0.010   1.00 10.42 ? 97  ILE B CG2 1 
ATOM   1289 C CD1 . ILE B 2 15  ? -2.479  -12.334 -0.671  1.00 8.95  ? 97  ILE B CD1 1 
ATOM   1290 N N   . GLY B 2 16  ? 1.136   -12.117 2.445   1.00 8.81  ? 98  GLY B N   1 
ATOM   1291 C CA  . GLY B 2 16  ? 2.199   -11.121 2.734   1.00 9.18  ? 98  GLY B CA  1 
ATOM   1292 C C   . GLY B 2 16  ? 3.471   -11.796 3.265   1.00 9.14  ? 98  GLY B C   1 
ATOM   1293 O O   . GLY B 2 16  ? 4.615   -11.425 2.894   1.00 7.06  ? 98  GLY B O   1 
ATOM   1294 N N   . ASP B 2 17  ? 3.287   -12.802 4.121   1.00 8.56  ? 99  ASP B N   1 
ATOM   1295 C CA  . ASP B 2 17  ? 4.399   -13.604 4.662   1.00 9.35  ? 99  ASP B CA  1 
ATOM   1296 C C   . ASP B 2 17  ? 5.120   -14.477 3.633   1.00 8.73  ? 99  ASP B C   1 
ATOM   1297 O O   . ASP B 2 17  ? 6.362   -14.597 3.644   1.00 8.69  ? 99  ASP B O   1 
ATOM   1298 C CB  . ASP B 2 17  ? 3.926   -14.466 5.837   1.00 8.18  ? 99  ASP B CB  1 
ATOM   1299 C CG  . ASP B 2 17  ? 3.739   -13.658 7.141   1.00 11.68 ? 99  ASP B CG  1 
ATOM   1300 O OD1 . ASP B 2 17  ? 4.259   -12.526 7.259   1.00 11.92 ? 99  ASP B OD1 1 
ATOM   1301 O OD2 . ASP B 2 17  ? 3.099   -14.205 8.071   1.00 10.45 ? 99  ASP B OD2 1 
ATOM   1302 N N   . GLU B 2 18  ? 4.361   -15.098 2.751   1.00 9.44  ? 100 GLU B N   1 
ATOM   1303 C CA  . GLU B 2 18  ? 4.916   -15.877 1.651   1.00 10.10 ? 100 GLU B CA  1 
ATOM   1304 C C   . GLU B 2 18  ? 5.734   -14.985 0.732   1.00 8.92  ? 100 GLU B C   1 
ATOM   1305 O O   . GLU B 2 18  ? 6.849   -15.353 0.339   1.00 8.20  ? 100 GLU B O   1 
ATOM   1306 C CB  . GLU B 2 18  ? 3.806   -16.568 0.882   1.00 10.04 ? 100 GLU B CB  1 
ATOM   1307 C CG  . GLU B 2 18  ? 3.169   -17.688 1.774   1.00 12.63 ? 100 GLU B CG  1 
ATOM   1308 C CD  . GLU B 2 18  ? 2.011   -18.377 1.107   1.00 13.99 ? 100 GLU B CD  1 
ATOM   1309 O OE1 . GLU B 2 18  ? 1.881   -18.260 -0.132  1.00 18.21 ? 100 GLU B OE1 1 
ATOM   1310 O OE2 . GLU B 2 18  ? 1.221   -19.063 1.834   1.00 19.01 ? 100 GLU B OE2 1 
ATOM   1311 N N   . PHE B 2 19  ? 5.229   -13.787 0.485   1.00 8.93  ? 101 PHE B N   1 
ATOM   1312 C CA  . PHE B 2 19  ? 5.879   -12.817 -0.421  1.00 10.10 ? 101 PHE B CA  1 
ATOM   1313 C C   . PHE B 2 19  ? 7.170   -12.373 0.260   1.00 11.10 ? 101 PHE B C   1 
ATOM   1314 O O   . PHE B 2 19  ? 8.246   -12.384 -0.348  1.00 11.21 ? 101 PHE B O   1 
ATOM   1315 C CB  . PHE B 2 19  ? 4.919   -11.640 -0.635  1.00 10.09 ? 101 PHE B CB  1 
ATOM   1316 C CG  . PHE B 2 19  ? 5.406   -10.603 -1.601  1.00 8.63  ? 101 PHE B CG  1 
ATOM   1317 C CD1 . PHE B 2 19  ? 5.425   -10.858 -2.960  1.00 11.35 ? 101 PHE B CD1 1 
ATOM   1318 C CD2 . PHE B 2 19  ? 5.814   -9.372  -1.140  1.00 10.47 ? 101 PHE B CD2 1 
ATOM   1319 C CE1 . PHE B 2 19  ? 5.853   -9.860  -3.868  1.00 15.72 ? 101 PHE B CE1 1 
ATOM   1320 C CE2 . PHE B 2 19  ? 6.279   -8.401  -2.031  1.00 16.02 ? 101 PHE B CE2 1 
ATOM   1321 C CZ  . PHE B 2 19  ? 6.278   -8.648  -3.397  1.00 13.65 ? 101 PHE B CZ  1 
ATOM   1322 N N   . ASN B 2 20  ? 7.077   -12.062 1.552   1.00 9.03  ? 102 ASN B N   1 
ATOM   1323 C CA  . ASN B 2 20  ? 8.257   -11.672 2.349   1.00 10.11 ? 102 ASN B CA  1 
ATOM   1324 C C   . ASN B 2 20  ? 9.362   -12.738 2.349   1.00 10.98 ? 102 ASN B C   1 
ATOM   1325 O O   . ASN B 2 20  ? 10.570  -12.418 2.190   1.00 11.69 ? 102 ASN B O   1 
ATOM   1326 C CB  . ASN B 2 20  ? 7.871   -11.403 3.798   1.00 7.85  ? 102 ASN B CB  1 
ATOM   1327 C CG  . ASN B 2 20  ? 9.020   -10.849 4.587   1.00 9.89  ? 102 ASN B CG  1 
ATOM   1328 O OD1 . ASN B 2 20  ? 9.502   -9.756  4.286   1.00 13.14 ? 102 ASN B OD1 1 
ATOM   1329 N ND2 . ASN B 2 20  ? 9.489   -11.603 5.566   1.00 12.76 ? 102 ASN B ND2 1 
ATOM   1330 N N   . ALA B 2 21  ? 8.958   -13.989 2.570   1.00 10.72 ? 103 ALA B N   1 
ATOM   1331 C CA  . ALA B 2 21  ? 9.897   -15.093 2.750   1.00 12.17 ? 103 ALA B CA  1 
ATOM   1332 C C   . ALA B 2 21  ? 10.692  -15.302 1.468   1.00 13.11 ? 103 ALA B C   1 
ATOM   1333 O O   . ALA B 2 21  ? 11.869  -15.665 1.514   1.00 12.63 ? 103 ALA B O   1 
ATOM   1334 C CB  . ALA B 2 21  ? 9.160   -16.372 3.158   1.00 12.52 ? 103 ALA B CB  1 
ATOM   1335 N N   . TYR B 2 22  ? 10.046  -15.058 0.332   1.00 10.93 ? 104 TYR B N   1 
ATOM   1336 C CA  . TYR B 2 22  ? 10.711  -15.186 -0.962  1.00 11.29 ? 104 TYR B CA  1 
ATOM   1337 C C   . TYR B 2 22  ? 11.883  -14.180 -1.069  1.00 11.13 ? 104 TYR B C   1 
ATOM   1338 O O   . TYR B 2 22  ? 12.993  -14.530 -1.493  1.00 11.29 ? 104 TYR B O   1 
ATOM   1339 C CB  . TYR B 2 22  ? 9.689   -14.992 -2.100  1.00 11.95 ? 104 TYR B CB  1 
ATOM   1340 C CG  . TYR B 2 22  ? 10.318  -15.177 -3.448  1.00 10.62 ? 104 TYR B CG  1 
ATOM   1341 C CD1 . TYR B 2 22  ? 10.468  -16.453 -4.008  1.00 16.11 ? 104 TYR B CD1 1 
ATOM   1342 C CD2 . TYR B 2 22  ? 10.804  -14.065 -4.140  1.00 11.32 ? 104 TYR B CD2 1 
ATOM   1343 C CE1 . TYR B 2 22  ? 11.054  -16.600 -5.287  1.00 16.62 ? 104 TYR B CE1 1 
ATOM   1344 C CE2 . TYR B 2 22  ? 11.370  -14.196 -5.358  1.00 15.88 ? 104 TYR B CE2 1 
ATOM   1345 C CZ  . TYR B 2 22  ? 11.520  -15.455 -5.918  1.00 17.80 ? 104 TYR B CZ  1 
ATOM   1346 O OH  . TYR B 2 22  ? 12.122  -15.470 -7.135  1.00 23.71 ? 104 TYR B OH  1 
ATOM   1347 N N   . TYR B 2 23  ? 11.626  -12.939 -0.677  1.00 11.44 ? 105 TYR B N   1 
ATOM   1348 C CA  . TYR B 2 23  ? 12.599  -11.863 -0.880  1.00 11.86 ? 105 TYR B CA  1 
ATOM   1349 C C   . TYR B 2 23  ? 13.552  -11.555 0.266   1.00 12.52 ? 105 TYR B C   1 
ATOM   1350 O O   . TYR B 2 23  ? 14.607  -10.995 0.036   1.00 13.17 ? 105 TYR B O   1 
ATOM   1351 C CB  . TYR B 2 23  ? 11.853  -10.589 -1.169  1.00 12.80 ? 105 TYR B CB  1 
ATOM   1352 C CG  . TYR B 2 23  ? 11.495  -10.477 -2.596  1.00 14.82 ? 105 TYR B CG  1 
ATOM   1353 C CD1 . TYR B 2 23  ? 10.162  -10.484 -2.997  1.00 9.88  ? 105 TYR B CD1 1 
ATOM   1354 C CD2 . TYR B 2 23  ? 12.487  -10.380 -3.570  1.00 16.72 ? 105 TYR B CD2 1 
ATOM   1355 C CE1 . TYR B 2 23  ? 9.832   -10.377 -4.322  1.00 12.54 ? 105 TYR B CE1 1 
ATOM   1356 C CE2 . TYR B 2 23  ? 12.167  -10.276 -4.888  1.00 18.76 ? 105 TYR B CE2 1 
ATOM   1357 C CZ  . TYR B 2 23  ? 10.831  -10.261 -5.274  1.00 20.99 ? 105 TYR B CZ  1 
ATOM   1358 O OH  . TYR B 2 23  ? 10.507  -10.146 -6.613  1.00 22.46 ? 105 TYR B OH  1 
ATOM   1359 N N   . ALA B 2 24  ? 13.145  -11.844 1.502   1.00 12.15 ? 106 ALA B N   1 
ATOM   1360 C CA  . ALA B 2 24  ? 13.886  -11.368 2.675   1.00 11.51 ? 106 ALA B CA  1 
ATOM   1361 C C   . ALA B 2 24  ? 14.420  -12.507 3.513   1.00 11.98 ? 106 ALA B C   1 
ATOM   1362 O O   . ALA B 2 24  ? 13.702  -13.482 3.782   1.00 11.96 ? 106 ALA B O   1 
ATOM   1363 C CB  . ALA B 2 24  ? 12.980  -10.479 3.543   1.00 12.11 ? 106 ALA B CB  1 
ATOM   1364 N N   . ARG B 2 25  ? 15.681  -12.370 3.949   1.00 12.03 ? 107 ARG B N   1 
ATOM   1365 C CA  . ARG B 2 25  ? 16.334  -13.343 4.793   1.00 12.88 ? 107 ARG B CA  1 
ATOM   1366 C C   . ARG B 2 25  ? 15.731  -13.245 6.189   1.00 14.10 ? 107 ARG B C   1 
ATOM   1367 O O   . ARG B 2 25  ? 15.538  -12.131 6.685   1.00 14.00 ? 107 ARG B O   1 
ATOM   1368 C CB  . ARG B 2 25  ? 17.825  -13.004 4.896   1.00 12.61 ? 107 ARG B CB  1 
ATOM   1369 C CG  . ARG B 2 25  ? 18.545  -13.845 5.875   1.00 14.96 ? 107 ARG B CG  1 
ATOM   1370 C CD  . ARG B 2 25  ? 20.042  -13.506 5.890   1.00 18.25 ? 107 ARG B CD  1 
ATOM   1371 N NE  . ARG B 2 25  ? 20.689  -14.265 6.968   1.00 20.31 ? 107 ARG B NE  1 
ATOM   1372 C CZ  . ARG B 2 25  ? 21.799  -13.878 7.586   1.00 26.02 ? 107 ARG B CZ  1 
ATOM   1373 N NH1 . ARG B 2 25  ? 22.395  -12.732 7.242   1.00 23.61 ? 107 ARG B NH1 1 
ATOM   1374 N NH2 . ARG B 2 25  ? 22.306  -14.622 8.565   1.00 22.91 ? 107 ARG B NH2 1 
ATOM   1375 N N   . ARG B 2 26  ? 15.435  -14.383 6.810   1.00 14.18 ? 108 ARG B N   1 
ATOM   1376 C CA  . ARG B 2 26  ? 14.905  -14.399 8.183   1.00 16.16 ? 108 ARG B CA  1 
ATOM   1377 C C   . ARG B 2 26  ? 15.933  -13.844 9.197   1.00 19.65 ? 108 ARG B C   1 
ATOM   1378 O O   . ARG B 2 26  ? 15.547  -13.091 10.117  1.00 22.25 ? 108 ARG B O   1 
ATOM   1379 C CB  . ARG B 2 26  ? 14.413  -15.785 8.636   1.00 15.74 ? 108 ARG B CB  1 
ATOM   1380 C CG  . ARG B 2 26  ? 13.513  -15.650 9.928   1.00 19.10 ? 108 ARG B CG  1 
ATOM   1381 C CD  . ARG B 2 26  ? 13.432  -16.718 11.017  1.00 30.29 ? 108 ARG B CD  1 
ATOM   1382 N NE  . ARG B 2 26  ? 12.761  -17.927 10.629  1.00 29.16 ? 108 ARG B NE  1 
ATOM   1383 C CZ  . ARG B 2 26  ? 11.960  -18.687 11.392  1.00 22.08 ? 108 ARG B CZ  1 
ATOM   1384 N NH1 . ARG B 2 26  ? 11.588  -18.397 12.644  1.00 21.84 ? 108 ARG B NH1 1 
ATOM   1385 N NH2 . ARG B 2 26  ? 11.491  -19.767 10.834  1.00 19.67 ? 108 ARG B NH2 1 
HETATM 1386 O O   . HOH C 3 .   ? -17.906 1.967   -10.964 1.00 48.08 ? 28  HOH A O   1 
HETATM 1387 O O   . HOH C 3 .   ? -17.013 -1.830  6.712   1.00 15.46 ? 29  HOH A O   1 
HETATM 1388 O O   . HOH C 3 .   ? 12.286  7.953   -11.017 1.00 10.93 ? 30  HOH A O   1 
HETATM 1389 O O   . HOH C 3 .   ? -22.164 8.450   -4.254  1.00 39.73 ? 31  HOH A O   1 
HETATM 1390 O O   . HOH C 3 .   ? 15.549  4.969   -2.535  1.00 26.92 ? 32  HOH A O   1 
HETATM 1391 O O   . HOH C 3 .   ? 0.743   -1.952  14.530  1.00 12.56 ? 34  HOH A O   1 
HETATM 1392 O O   . HOH C 3 .   ? -5.904  2.720   12.695  1.00 18.29 ? 35  HOH A O   1 
HETATM 1393 O O   . HOH C 3 .   ? 4.681   -3.368  -12.396 1.00 26.79 ? 36  HOH A O   1 
HETATM 1394 O O   . HOH C 3 .   ? -19.749 9.035   6.432   1.00 19.01 ? 39  HOH A O   1 
HETATM 1395 O O   . HOH C 3 .   ? -12.021 -14.246 -6.352  1.00 37.69 ? 40  HOH A O   1 
HETATM 1396 O O   . HOH C 3 .   ? 8.050   -11.853 10.259  1.00 18.72 ? 44  HOH A O   1 
HETATM 1397 O O   . HOH C 3 .   ? 3.116   12.226  -16.571 1.00 19.75 ? 45  HOH A O   1 
HETATM 1398 O O   . HOH C 3 .   ? -0.255  12.241  8.095   1.00 23.18 ? 46  HOH A O   1 
HETATM 1399 O O   . HOH C 3 .   ? -18.519 -3.128  0.168   1.00 19.51 ? 47  HOH A O   1 
HETATM 1400 O O   . HOH C 3 .   ? 12.954  1.862   -7.524  1.00 22.97 ? 48  HOH A O   1 
HETATM 1401 O O   . HOH C 3 .   ? 17.269  5.246   10.995  1.00 53.65 ? 49  HOH A O   1 
HETATM 1402 O O   . HOH C 3 .   ? -5.379  -5.238  -7.671  1.00 28.34 ? 50  HOH A O   1 
HETATM 1403 O O   . HOH C 3 .   ? 17.643  5.305   -3.525  1.00 43.22 ? 52  HOH A O   1 
HETATM 1404 O O   . HOH C 3 .   ? -3.082  -16.703 -4.745  1.00 13.17 ? 53  HOH A O   1 
HETATM 1405 O O   . HOH C 3 .   ? 7.066   -0.387  14.498  1.00 23.94 ? 54  HOH A O   1 
HETATM 1406 O O   . HOH C 3 .   ? -17.508 -7.212  -1.790  1.00 61.06 ? 55  HOH A O   1 
HETATM 1407 O O   . HOH C 3 .   ? -0.504  23.741  -8.172  1.00 28.34 ? 57  HOH A O   1 
HETATM 1408 O O   . HOH C 3 .   ? 19.898  0.569   -15.329 1.00 37.99 ? 58  HOH A O   1 
HETATM 1409 O O   . HOH C 3 .   ? 5.620   -12.737 12.731  1.00 32.65 ? 59  HOH A O   1 
HETATM 1410 O O   . HOH C 3 .   ? -19.742 0.390   -9.780  1.00 46.02 ? 60  HOH A O   1 
HETATM 1411 O O   . HOH C 3 .   ? 3.963   3.365   -12.451 1.00 26.12 ? 62  HOH A O   1 
HETATM 1412 O O   . HOH C 3 .   ? -15.413 -3.041  17.610  1.00 18.88 ? 64  HOH A O   1 
HETATM 1413 O O   . HOH C 3 .   ? 0.278   10.705  16.371  1.00 22.65 ? 65  HOH A O   1 
HETATM 1414 O O   . HOH C 3 .   ? 0.420   -6.938  -13.152 1.00 29.77 ? 66  HOH A O   1 
HETATM 1415 O O   . HOH C 3 .   ? -14.765 -0.180  17.474  1.00 27.43 ? 67  HOH A O   1 
HETATM 1416 O O   . HOH C 3 .   ? -2.571  12.392  6.212   1.00 25.31 ? 69  HOH A O   1 
HETATM 1417 O O   . HOH C 3 .   ? 5.914   -5.425  -10.700 1.00 17.02 ? 70  HOH A O   1 
HETATM 1418 O O   . HOH C 3 .   ? -12.466 11.005  -0.855  1.00 15.96 ? 72  HOH A O   1 
HETATM 1419 O O   . HOH C 3 .   ? -3.093  11.529  8.432   1.00 27.61 ? 73  HOH A O   1 
HETATM 1420 O O   . HOH C 3 .   ? 0.753   -9.898  19.513  1.00 29.73 ? 74  HOH A O   1 
HETATM 1421 O O   . HOH C 3 .   ? -7.320  14.049  6.693   1.00 32.48 ? 76  HOH A O   1 
HETATM 1422 O O   . HOH C 3 .   ? 13.187  -7.635  10.865  1.00 46.87 ? 77  HOH A O   1 
HETATM 1423 O O   . HOH C 3 .   ? -2.833  -8.943  -11.159 1.00 39.22 ? 78  HOH A O   1 
HETATM 1424 O O   . HOH C 3 .   ? -16.359 -8.373  -5.021  1.00 38.93 ? 79  HOH A O   1 
HETATM 1425 O O   . HOH C 3 .   ? -16.587 -2.797  10.767  1.00 33.43 ? 80  HOH A O   1 
HETATM 1426 O O   . HOH C 3 .   ? 10.988  -9.061  10.681  1.00 39.38 ? 81  HOH A O   1 
HETATM 1427 O O   . HOH C 3 .   ? 3.892   -7.686  17.143  1.00 34.26 ? 82  HOH A O   1 
HETATM 1428 O O   . HOH C 3 .   ? 15.917  -4.682  -9.980  1.00 52.96 ? 210 HOH A O   1 
HETATM 1429 O O   . HOH C 3 .   ? -0.667  -7.112  -10.736 1.00 17.52 ? 211 HOH A O   1 
HETATM 1430 O O   . HOH C 3 .   ? 0.612   10.561  13.027  1.00 23.04 ? 212 HOH A O   1 
HETATM 1431 O O   . HOH C 3 .   ? 20.349  -0.984  5.826   1.00 47.82 ? 213 HOH A O   1 
HETATM 1432 O O   . HOH C 3 .   ? -18.311 3.534   -9.097  1.00 36.19 ? 214 HOH A O   1 
HETATM 1433 O O   . HOH C 3 .   ? 6.238   25.140  -5.520  1.00 32.45 ? 215 HOH A O   1 
HETATM 1434 O O   . HOH C 3 .   ? 8.296   -7.102  14.424  1.00 28.29 ? 216 HOH A O   1 
HETATM 1435 O O   . HOH C 3 .   ? 12.386  5.434   -20.686 1.00 17.60 ? 217 HOH A O   1 
HETATM 1436 O O   . HOH C 3 .   ? 3.078   5.378   18.192  1.00 17.60 ? 218 HOH A O   1 
HETATM 1437 O O   . HOH C 3 .   ? -13.709 -4.196  -5.397  1.00 37.39 ? 219 HOH A O   1 
HETATM 1438 O O   . HOH C 3 .   ? -12.147 -9.334  -5.946  1.00 38.96 ? 220 HOH A O   1 
HETATM 1439 O O   . HOH C 3 .   ? -13.077 -5.168  -3.165  1.00 47.58 ? 221 HOH A O   1 
HETATM 1440 O O   . HOH C 3 .   ? -22.453 -1.252  1.542   1.00 30.03 ? 222 HOH A O   1 
HETATM 1441 O O   . HOH C 3 .   ? -13.836 -10.408 12.281  1.00 11.42 ? 223 HOH A O   1 
HETATM 1442 O O   . HOH C 3 .   ? 11.390  14.036  -2.653  1.00 37.45 ? 224 HOH A O   1 
HETATM 1443 O O   . HOH C 3 .   ? -1.370  11.403  10.868  1.00 33.76 ? 225 HOH A O   1 
HETATM 1444 O O   . HOH C 3 .   ? 7.937   8.332   -9.025  1.00 33.38 ? 226 HOH A O   1 
HETATM 1445 O O   . HOH C 3 .   ? 11.846  18.860  -8.088  1.00 32.96 ? 227 HOH A O   1 
HETATM 1446 O O   . HOH C 3 .   ? -0.184  -13.247 -15.833 1.00 40.63 ? 228 HOH A O   1 
HETATM 1447 O O   . HOH C 3 .   ? -9.573  12.572  6.599   1.00 44.43 ? 229 HOH A O   1 
HETATM 1448 O O   . HOH C 3 .   ? -10.851 13.078  4.233   1.00 33.63 ? 230 HOH A O   1 
HETATM 1449 O O   . HOH C 3 .   ? -16.621 -3.856  -5.636  1.00 45.59 ? 231 HOH A O   1 
HETATM 1450 O O   . HOH C 3 .   ? 1.887   10.795  7.310   1.00 14.57 ? 232 HOH A O   1 
HETATM 1451 O O   . HOH C 3 .   ? -9.039  -4.506  -5.937  1.00 23.52 ? 233 HOH A O   1 
HETATM 1452 O O   . HOH C 3 .   ? 11.380  16.882  -6.756  1.00 43.60 ? 234 HOH A O   1 
HETATM 1453 O O   . HOH C 3 .   ? -20.291 1.824   13.849  1.00 14.66 ? 235 HOH A O   1 
HETATM 1454 O O   . HOH C 3 .   ? -16.048 2.531   11.797  1.00 14.97 ? 236 HOH A O   1 
HETATM 1455 O O   . HOH C 3 .   ? 14.131  -6.244  -5.624  1.00 37.33 ? 237 HOH A O   1 
HETATM 1456 O O   . HOH C 3 .   ? 14.560  -4.883  -7.537  1.00 35.36 ? 238 HOH A O   1 
HETATM 1457 O O   . HOH C 3 .   ? 4.522   -14.424 14.842  1.00 37.50 ? 239 HOH A O   1 
HETATM 1458 O O   . HOH C 3 .   ? -4.591  4.845   11.449  1.00 17.05 ? 240 HOH A O   1 
HETATM 1459 O O   . HOH C 3 .   ? 9.888   19.578  -8.597  1.00 34.00 ? 241 HOH A O   1 
HETATM 1460 O O   . HOH C 3 .   ? -3.367  4.611   14.143  1.00 14.65 ? 242 HOH A O   1 
HETATM 1461 O O   . HOH C 3 .   ? 0.946   7.404   -12.329 1.00 24.74 ? 243 HOH A O   1 
HETATM 1462 O O   . HOH C 3 .   ? -14.798 -4.524  11.669  1.00 30.15 ? 244 HOH A O   1 
HETATM 1463 O O   . HOH C 3 .   ? -24.573 -2.089  2.807   1.00 36.69 ? 245 HOH A O   1 
HETATM 1464 O O   . HOH C 3 .   ? 10.661  3.543   -21.584 1.00 29.83 ? 246 HOH A O   1 
HETATM 1465 O O   . HOH C 3 .   ? -5.811  9.223   10.724  1.00 13.56 ? 247 HOH A O   1 
HETATM 1466 O O   . HOH C 3 .   ? 5.532   7.624   -20.978 1.00 27.12 ? 248 HOH A O   1 
HETATM 1467 O O   . HOH C 3 .   ? -18.389 7.679   9.007   1.00 35.25 ? 249 HOH A O   1 
HETATM 1468 O O   . HOH C 3 .   ? -2.823  24.126  -11.699 1.00 44.70 ? 250 HOH A O   1 
HETATM 1469 O O   . HOH C 3 .   ? -22.551 0.383   -6.757  1.00 32.85 ? 251 HOH A O   1 
HETATM 1470 O O   . HOH C 3 .   ? -3.339  23.015  -8.067  1.00 49.84 ? 252 HOH A O   1 
HETATM 1471 O O   . HOH C 3 .   ? -2.547  30.255  -15.082 1.00 28.66 ? 253 HOH A O   1 
HETATM 1472 O O   . HOH C 3 .   ? -4.060  27.913  -11.928 1.00 27.66 ? 254 HOH A O   1 
HETATM 1473 O O   . HOH C 3 .   ? -23.282 1.132   -2.824  1.00 26.70 ? 255 HOH A O   1 
HETATM 1474 O O   . HOH C 3 .   ? 14.274  11.918  -2.403  1.00 23.18 ? 256 HOH A O   1 
HETATM 1475 O O   . HOH C 3 .   ? 17.310  11.880  -3.846  1.00 27.22 ? 257 HOH A O   1 
HETATM 1476 O O   . HOH C 3 .   ? -1.812  -14.423 -11.624 1.00 26.74 ? 258 HOH A O   1 
HETATM 1477 O O   . HOH C 3 .   ? -1.032  -14.637 -13.706 1.00 37.79 ? 259 HOH A O   1 
HETATM 1478 O O   . HOH C 3 .   ? -6.065  7.116   12.621  1.00 23.62 ? 260 HOH A O   1 
HETATM 1479 O O   . HOH C 3 .   ? -7.897  8.141   13.692  1.00 30.85 ? 261 HOH A O   1 
HETATM 1480 O O   . HOH C 3 .   ? -4.622  12.914  9.873   1.00 36.92 ? 262 HOH A O   1 
HETATM 1481 O O   . HOH C 3 .   ? -0.834  -14.162 15.893  1.00 19.98 ? 263 HOH A O   1 
HETATM 1482 O O   . HOH C 3 .   ? 12.815  7.229   -22.824 1.00 24.34 ? 264 HOH A O   1 
HETATM 1483 O O   . HOH C 3 .   ? 6.211   6.423   15.722  1.00 34.41 ? 265 HOH A O   1 
HETATM 1484 O O   . HOH C 3 .   ? -5.241  0.302   12.889  1.00 35.81 ? 266 HOH A O   1 
HETATM 1485 O O   . HOH C 3 .   ? 4.065   0.578   -16.432 1.00 35.43 ? 267 HOH A O   1 
HETATM 1486 O O   . HOH C 3 .   ? 5.718   -19.024 -5.198  1.00 25.40 ? 268 HOH A O   1 
HETATM 1487 O O   . HOH C 3 .   ? -8.854  -7.129  -5.784  1.00 33.69 ? 269 HOH A O   1 
HETATM 1488 O O   . HOH C 3 .   ? -10.942 -19.000 -5.173  1.00 34.84 ? 270 HOH A O   1 
HETATM 1489 O O   . HOH C 3 .   ? 15.954  1.876   -7.608  1.00 53.31 ? 271 HOH A O   1 
HETATM 1490 O O   . HOH C 3 .   ? 15.788  4.835   3.810   1.00 27.58 ? 272 HOH A O   1 
HETATM 1491 O O   . HOH C 3 .   ? 8.636   11.584  -8.787  1.00 25.75 ? 273 HOH A O   1 
HETATM 1492 O O   . HOH C 3 .   ? -6.647  12.418  3.272   1.00 18.44 ? 274 HOH A O   1 
HETATM 1493 O O   . HOH C 3 .   ? 12.015  -0.768  -8.569  1.00 35.10 ? 275 HOH A O   1 
HETATM 1494 O O   . HOH C 3 .   ? 9.087   1.622   -14.664 1.00 26.77 ? 276 HOH A O   1 
HETATM 1495 O O   . HOH C 3 .   ? -13.733 12.377  2.533   1.00 36.79 ? 277 HOH A O   1 
HETATM 1496 O O   . HOH C 3 .   ? -9.845  -15.702 -6.715  1.00 28.34 ? 278 HOH A O   1 
HETATM 1497 O O   . HOH C 3 .   ? -11.422 0.591   17.690  1.00 29.08 ? 279 HOH A O   1 
HETATM 1498 O O   . HOH C 3 .   ? -2.101  7.319   15.834  1.00 18.05 ? 280 HOH A O   1 
HETATM 1499 O O   . HOH C 3 .   ? 1.609   7.365   19.039  1.00 19.20 ? 281 HOH A O   1 
HETATM 1500 O O   . HOH C 3 .   ? -9.957  -24.300 -3.733  1.00 36.75 ? 282 HOH A O   1 
HETATM 1501 O O   . HOH C 3 .   ? -14.647 13.165  5.330   1.00 36.76 ? 283 HOH A O   1 
HETATM 1502 O O   . HOH C 3 .   ? 7.432   4.907   6.548   1.00 26.03 ? 284 HOH A O   1 
HETATM 1503 O O   . HOH C 3 .   ? 12.936  0.874   -12.162 1.00 40.11 ? 285 HOH A O   1 
HETATM 1504 O O   . HOH C 3 .   ? -14.591 -14.439 -4.757  1.00 43.76 ? 286 HOH A O   1 
HETATM 1505 O O   . HOH C 3 .   ? 18.690  -3.167  11.038  1.00 40.93 ? 287 HOH A O   1 
HETATM 1506 O O   . HOH C 3 .   ? 8.113   -9.715  15.781  1.00 45.06 ? 288 HOH A O   1 
HETATM 1507 O O   . HOH C 3 .   ? 19.525  3.253   -20.762 1.00 30.74 ? 289 HOH A O   1 
HETATM 1508 O O   . HOH C 3 .   ? 10.593  6.601   6.871   1.00 37.26 ? 290 HOH A O   1 
HETATM 1509 O O   . HOH C 3 .   ? 5.561   -17.924 -2.533  1.00 30.85 ? 291 HOH A O   1 
HETATM 1510 O O   . HOH C 3 .   ? 3.539   10.635  -6.765  1.00 27.10 ? 292 HOH A O   1 
HETATM 1511 O O   . HOH C 3 .   ? -5.516  -9.656  -7.753  1.00 60.80 ? 293 HOH A O   1 
HETATM 1512 O O   . HOH C 3 .   ? -1.171  7.660   18.747  1.00 18.47 ? 294 HOH A O   1 
HETATM 1513 O O   . HOH C 3 .   ? 13.041  -5.022  13.960  1.00 32.14 ? 295 HOH A O   1 
HETATM 1514 O O   . HOH C 3 .   ? -19.531 9.025   -1.274  1.00 25.68 ? 296 HOH A O   1 
HETATM 1515 O O   . HOH C 3 .   ? -11.944 9.740   9.247   1.00 44.85 ? 297 HOH A O   1 
HETATM 1516 O O   . HOH C 3 .   ? 15.161  -5.062  6.102   1.00 21.21 ? 298 HOH A O   1 
HETATM 1517 O O   . HOH C 3 .   ? -1.458  -4.778  -14.638 1.00 40.26 ? 299 HOH A O   1 
HETATM 1518 O O   . HOH C 3 .   ? -21.136 -2.822  -0.059  1.00 56.22 ? 300 HOH A O   1 
HETATM 1519 O O   . HOH C 3 .   ? 7.892   -19.786 -5.744  1.00 35.54 ? 301 HOH A O   1 
HETATM 1520 O O   . HOH C 3 .   ? 21.867  5.405   -11.774 1.00 48.46 ? 302 HOH A O   1 
HETATM 1521 O O   . HOH C 3 .   ? 14.662  2.506   -11.231 1.00 27.35 ? 303 HOH A O   1 
HETATM 1522 O O   . HOH C 3 .   ? 6.925   0.344   -17.649 1.00 41.79 ? 304 HOH A O   1 
HETATM 1523 O O   . HOH C 3 .   ? 10.789  8.911   -23.485 1.00 13.94 ? 305 HOH A O   1 
HETATM 1524 O O   . HOH C 3 .   ? -22.497 2.087   12.068  1.00 14.19 ? 306 HOH A O   1 
HETATM 1525 O O   . HOH C 3 .   ? -22.362 10.682  -2.295  1.00 37.56 ? 307 HOH A O   1 
HETATM 1526 O O   . HOH C 3 .   ? -0.374  12.742  12.387  1.00 21.85 ? 308 HOH A O   1 
HETATM 1527 O O   . HOH C 3 .   ? 2.451   11.477  -3.771  1.00 18.94 ? 309 HOH A O   1 
HETATM 1528 O O   . HOH C 3 .   ? 10.312  -12.212 9.042   1.00 25.92 ? 310 HOH A O   1 
HETATM 1529 O O   . HOH C 3 .   ? 17.571  -5.914  4.806   1.00 32.39 ? 311 HOH A O   1 
HETATM 1530 O O   . HOH C 3 .   ? -15.416 -4.657  15.759  1.00 20.99 ? 312 HOH A O   1 
HETATM 1531 O O   . HOH C 3 .   ? -14.859 -17.394 -5.997  1.00 59.71 ? 313 HOH A O   1 
HETATM 1532 O O   . HOH C 3 .   ? 4.363   -7.788  -11.452 1.00 22.55 ? 314 HOH A O   1 
HETATM 1533 O O   . HOH C 3 .   ? 11.243  -4.800  15.997  1.00 49.12 ? 315 HOH A O   1 
HETATM 1534 O O   . HOH C 3 .   ? 6.142   -9.770  -11.621 1.00 21.57 ? 316 HOH A O   1 
HETATM 1535 O O   . HOH C 3 .   ? -23.495 -0.377  11.399  1.00 25.61 ? 317 HOH A O   1 
HETATM 1536 O O   . HOH C 3 .   ? 6.421   -22.916 -1.685  1.00 41.89 ? 318 HOH A O   1 
HETATM 1537 O O   . HOH C 3 .   ? 2.922   -6.933  -13.462 1.00 29.49 ? 319 HOH A O   1 
HETATM 1538 O O   . HOH C 3 .   ? -14.511 8.571   9.121   1.00 34.26 ? 320 HOH A O   1 
HETATM 1539 O O   . HOH C 3 .   ? -15.795 11.160  8.962   1.00 27.61 ? 322 HOH A O   1 
HETATM 1540 O O   . HOH C 3 .   ? -22.416 -2.547  12.183  1.00 36.13 ? 323 HOH A O   1 
HETATM 1541 O O   . HOH C 3 .   ? -11.949 -2.020  14.851  1.00 14.67 ? 324 HOH A O   1 
HETATM 1542 O O   . HOH C 3 .   ? -16.076 4.457   9.782   1.00 12.70 ? 325 HOH A O   1 
HETATM 1543 O O   . HOH C 3 .   ? 16.837  14.423  -10.480 1.00 25.55 ? 326 HOH A O   1 
HETATM 1544 O O   . HOH C 3 .   ? -23.259 0.320   8.441   1.00 16.27 ? 327 HOH A O   1 
HETATM 1545 O O   . HOH C 3 .   ? -10.989 -3.862  -4.274  1.00 20.08 ? 328 HOH A O   1 
HETATM 1546 O O   . HOH C 3 .   ? -15.496 6.875   10.908  1.00 20.91 ? 329 HOH A O   1 
HETATM 1547 O O   . HOH C 3 .   ? -2.030  -5.009  -9.902  1.00 28.80 ? 330 HOH A O   1 
HETATM 1548 O O   . HOH C 3 .   ? 11.205  13.358  -5.591  1.00 30.47 ? 331 HOH A O   1 
HETATM 1549 O O   . HOH C 3 .   ? -15.783 6.538   7.185   1.00 18.44 ? 332 HOH A O   1 
HETATM 1550 O O   . HOH C 3 .   ? -15.336 -6.603  5.446   1.00 17.00 ? 333 HOH A O   1 
HETATM 1551 O O   . HOH C 3 .   ? 11.566  5.743   -10.030 1.00 28.22 ? 334 HOH A O   1 
HETATM 1552 O O   . HOH C 3 .   ? 5.434   7.534   -8.996  1.00 28.19 ? 335 HOH A O   1 
HETATM 1553 O O   . HOH C 3 .   ? 19.350  6.892   -11.558 1.00 26.05 ? 336 HOH A O   1 
HETATM 1554 O O   . HOH C 3 .   ? 12.875  3.477   -9.969  1.00 35.51 ? 337 HOH A O   1 
HETATM 1555 O O   . HOH C 3 .   ? -16.866 0.376   15.858  1.00 39.76 ? 338 HOH A O   1 
HETATM 1556 O O   . HOH C 3 .   ? -20.300 -2.538  13.466  1.00 36.60 ? 339 HOH A O   1 
HETATM 1557 O O   . HOH C 3 .   ? 12.650  5.459   5.287   1.00 25.68 ? 340 HOH A O   1 
HETATM 1558 O O   . HOH C 3 .   ? 2.313   -21.518 -2.714  1.00 33.90 ? 341 HOH A O   1 
HETATM 1559 O O   . HOH C 3 .   ? -24.286 7.891   -5.224  1.00 38.11 ? 342 HOH A O   1 
HETATM 1560 O O   . HOH C 3 .   ? 7.291   -10.202 12.290  1.00 50.88 ? 343 HOH A O   1 
HETATM 1561 O O   . HOH C 3 .   ? 16.866  4.031   9.052   1.00 40.62 ? 344 HOH A O   1 
HETATM 1562 O O   . HOH D 3 .   ? -16.405 -9.261  5.531   1.00 16.10 ? 1   HOH B O   1 
HETATM 1563 O O   . HOH D 3 .   ? -5.844  -20.674 3.056   1.00 11.00 ? 2   HOH B O   1 
HETATM 1564 O O   . HOH D 3 .   ? -0.305  -19.216 -1.464  1.00 14.66 ? 6   HOH B O   1 
HETATM 1565 O O   . HOH D 3 .   ? 8.004   -14.070 5.975   1.00 12.62 ? 9   HOH B O   1 
HETATM 1566 O O   . HOH D 3 .   ? 11.093  -8.144  6.019   1.00 15.47 ? 16  HOH B O   1 
HETATM 1567 O O   . HOH D 3 .   ? -18.120 -8.638  7.541   1.00 22.73 ? 17  HOH B O   1 
HETATM 1568 O O   . HOH D 3 .   ? -4.969  -17.960 6.484   1.00 12.85 ? 19  HOH B O   1 
HETATM 1569 O O   . HOH D 3 .   ? 22.158  -10.985 4.601   1.00 38.52 ? 26  HOH B O   1 
HETATM 1570 O O   . HOH D 3 .   ? -7.815  -15.524 0.257   1.00 11.18 ? 33  HOH B O   1 
HETATM 1571 O O   . HOH D 3 .   ? -4.168  -19.298 -1.946  1.00 18.75 ? 56  HOH B O   1 
HETATM 1572 O O   . HOH D 3 .   ? 16.782  -10.757 11.547  1.00 35.84 ? 61  HOH B O   1 
HETATM 1573 O O   . HOH D 3 .   ? 13.748  -7.583  6.081   1.00 22.12 ? 71  HOH B O   1 
HETATM 1574 O O   . HOH D 3 .   ? -19.422 -10.779 8.591   1.00 35.10 ? 109 HOH B O   1 
HETATM 1575 O O   . HOH D 3 .   ? -5.004  -22.040 0.865   1.00 14.91 ? 110 HOH B O   1 
HETATM 1576 O O   . HOH D 3 .   ? 19.568  -15.855 8.941   1.00 26.62 ? 113 HOH B O   1 
HETATM 1577 O O   . HOH D 3 .   ? 12.895  -12.209 10.744  1.00 37.90 ? 120 HOH B O   1 
HETATM 1578 O O   . HOH D 3 .   ? 12.125  -7.911  -7.635  1.00 20.90 ? 135 HOH B O   1 
HETATM 1579 O O   . HOH D 3 .   ? 6.620   -14.276 8.254   1.00 27.58 ? 137 HOH B O   1 
HETATM 1580 O O   . HOH D 3 .   ? 15.679  -9.387  5.382   1.00 37.31 ? 143 HOH B O   1 
HETATM 1581 O O   . HOH D 3 .   ? 7.538   -17.932 -0.081  1.00 16.50 ? 182 HOH B O   1 
HETATM 1582 O O   . HOH D 3 .   ? 11.921  -11.162 7.200   1.00 24.14 ? 184 HOH B O   1 
HETATM 1583 O O   . HOH D 3 .   ? 5.539   -17.672 4.755   1.00 19.99 ? 187 HOH B O   1 
HETATM 1584 O O   . HOH D 3 .   ? 0.964   -21.640 1.407   1.00 16.02 ? 188 HOH B O   1 
HETATM 1585 O O   . HOH D 3 .   ? 17.445  -10.307 2.892   1.00 31.30 ? 196 HOH B O   1 
HETATM 1586 O O   . HOH D 3 .   ? 12.507  -19.888 8.160   1.00 21.24 ? 199 HOH B O   1 
HETATM 1587 O O   . HOH D 3 .   ? 3.550   -18.856 -1.867  1.00 36.75 ? 200 HOH B O   1 
HETATM 1588 O O   . HOH D 3 .   ? 6.414   -17.528 7.403   1.00 30.32 ? 201 HOH B O   1 
HETATM 1589 O O   . HOH D 3 .   ? -19.230 -17.358 7.359   1.00 43.36 ? 214 HOH B O   1 
HETATM 1590 O O   . HOH D 3 .   ? -21.500 -17.003 6.174   1.00 52.32 ? 217 HOH B O   1 
HETATM 1591 O O   . HOH D 3 .   ? 8.147   -19.308 7.992   1.00 22.43 ? 232 HOH B O   1 
HETATM 1592 O O   . HOH D 3 .   ? 10.024  -18.516 -1.251  1.00 19.69 ? 233 HOH B O   1 
HETATM 1593 O O   . HOH D 3 .   ? -16.048 -9.445  10.488  1.00 36.23 ? 263 HOH B O   1 
HETATM 1594 O O   . HOH D 3 .   ? -18.182 -11.291 12.048  1.00 40.81 ? 321 HOH B O   1 
# 
loop_
_pdbx_poly_seq_scheme.asym_id 
_pdbx_poly_seq_scheme.entity_id 
_pdbx_poly_seq_scheme.seq_id 
_pdbx_poly_seq_scheme.mon_id 
_pdbx_poly_seq_scheme.ndb_seq_num 
_pdbx_poly_seq_scheme.pdb_seq_num 
_pdbx_poly_seq_scheme.auth_seq_num 
_pdbx_poly_seq_scheme.pdb_mon_id 
_pdbx_poly_seq_scheme.auth_mon_id 
_pdbx_poly_seq_scheme.pdb_strand_id 
_pdbx_poly_seq_scheme.pdb_ins_code 
_pdbx_poly_seq_scheme.hetero 
A 1 1   GLY 1   -5  -5  GLY GLY A . n 
A 1 2   PRO 2   -4  -4  PRO PRO A . n 
A 1 3   LEU 3   -3  -3  LEU LEU A . n 
A 1 4   GLY 4   -2  -2  GLY GLY A . n 
A 1 5   SER 5   -1  -1  SER SER A . n 
A 1 6   MET 6   1   1   MET MET A . n 
A 1 7   SER 7   2   2   SER SER A . n 
A 1 8   GLN 8   3   3   GLN GLN A . n 
A 1 9   SER 9   4   4   SER SER A . n 
A 1 10  ASN 10  5   5   ASN ASN A . n 
A 1 11  ARG 11  6   6   ARG ARG A . n 
A 1 12  GLU 12  7   7   GLU GLU A . n 
A 1 13  LEU 13  8   8   LEU LEU A . n 
A 1 14  VAL 14  9   9   VAL VAL A . n 
A 1 15  VAL 15  10  10  VAL VAL A . n 
A 1 16  ASP 16  11  11  ASP ASP A . n 
A 1 17  PHE 17  12  12  PHE PHE A . n 
A 1 18  LEU 18  13  13  LEU LEU A . n 
A 1 19  SER 19  14  14  SER SER A . n 
A 1 20  TYR 20  15  15  TYR TYR A . n 
A 1 21  LYS 21  16  16  LYS LYS A . n 
A 1 22  LEU 22  17  17  LEU LEU A . n 
A 1 23  SER 23  18  18  SER SER A . n 
A 1 24  GLN 24  19  19  GLN GLN A . n 
A 1 25  LYS 25  20  20  LYS LYS A . n 
A 1 26  GLY 26  21  21  GLY GLY A . n 
A 1 27  TYR 27  22  22  TYR TYR A . n 
A 1 28  SER 28  23  23  SER SER A . n 
A 1 29  TRP 29  24  24  TRP TRP A . n 
A 1 30  SER 30  25  25  SER SER A . n 
A 1 31  GLN 31  26  26  GLN GLN A . n 
A 1 32  MET 32  83  83  MET MET A . n 
A 1 33  ALA 33  84  84  ALA ALA A . n 
A 1 34  ALA 34  85  85  ALA ALA A . n 
A 1 35  VAL 35  86  86  VAL VAL A . n 
A 1 36  LYS 36  87  87  LYS LYS A . n 
A 1 37  GLN 37  88  88  GLN GLN A . n 
A 1 38  ALA 38  89  89  ALA ALA A . n 
A 1 39  LEU 39  90  90  LEU LEU A . n 
A 1 40  ARG 40  91  91  ARG ARG A . n 
A 1 41  GLU 41  92  92  GLU GLU A . n 
A 1 42  ALA 42  93  93  ALA ALA A . n 
A 1 43  GLY 43  94  94  GLY GLY A . n 
A 1 44  ASP 44  95  95  ASP ASP A . n 
A 1 45  GLU 45  96  96  GLU GLU A . n 
A 1 46  PHE 46  97  97  PHE PHE A . n 
A 1 47  GLU 47  98  98  GLU GLU A . n 
A 1 48  LEU 48  99  99  LEU LEU A . n 
A 1 49  ARG 49  100 100 ARG ARG A . n 
A 1 50  TYR 50  101 101 TYR TYR A . n 
A 1 51  ARG 51  102 102 ARG ARG A . n 
A 1 52  ARG 52  103 103 ARG ARG A . n 
A 1 53  ALA 53  104 104 ALA ALA A . n 
A 1 54  PHE 54  105 105 PHE PHE A . n 
A 1 55  SER 55  106 106 SER SER A . n 
A 1 56  ASP 56  107 107 ASP ASP A . n 
A 1 57  LEU 57  108 108 LEU LEU A . n 
A 1 58  THR 58  109 109 THR THR A . n 
A 1 59  SER 59  110 110 SER SER A . n 
A 1 60  GLN 60  111 111 GLN GLN A . n 
A 1 61  LEU 61  112 112 LEU LEU A . n 
A 1 62  HIS 62  113 113 HIS HIS A . n 
A 1 63  ILE 63  114 114 ILE ILE A . n 
A 1 64  THR 64  115 115 THR THR A . n 
A 1 65  PRO 65  116 116 PRO PRO A . n 
A 1 66  GLY 66  117 117 GLY GLY A . n 
A 1 67  THR 67  118 118 THR THR A . n 
A 1 68  ALA 68  119 119 ALA ALA A . n 
A 1 69  TYR 69  120 120 TYR TYR A . n 
A 1 70  GLN 70  121 121 GLN GLN A . n 
A 1 71  SER 71  122 122 SER SER A . n 
A 1 72  PHE 72  123 123 PHE PHE A . n 
A 1 73  GLU 73  124 124 GLU GLU A . n 
A 1 74  GLN 74  125 125 GLN GLN A . n 
A 1 75  VAL 75  126 126 VAL VAL A . n 
A 1 76  VAL 76  127 127 VAL VAL A . n 
A 1 77  ASN 77  128 128 ASN ASN A . n 
A 1 78  GLU 78  129 129 GLU GLU A . n 
A 1 79  LEU 79  130 130 LEU LEU A . n 
A 1 80  PHE 80  131 131 PHE PHE A . n 
A 1 81  ARG 81  132 132 ARG ARG A . n 
A 1 82  ASP 82  133 133 ASP ASP A . n 
A 1 83  GLY 83  134 134 GLY GLY A . n 
A 1 84  VAL 84  135 135 VAL VAL A . n 
A 1 85  ASN 85  136 136 ASN ASN A . n 
A 1 86  TRP 86  137 137 TRP TRP A . n 
A 1 87  GLY 87  138 138 GLY GLY A . n 
A 1 88  ARG 88  139 139 ARG ARG A . n 
A 1 89  ILE 89  140 140 ILE ILE A . n 
A 1 90  VAL 90  141 141 VAL VAL A . n 
A 1 91  ALA 91  142 142 ALA ALA A . n 
A 1 92  PHE 92  143 143 PHE PHE A . n 
A 1 93  PHE 93  144 144 PHE PHE A . n 
A 1 94  SER 94  145 145 SER SER A . n 
A 1 95  PHE 95  146 146 PHE PHE A . n 
A 1 96  GLY 96  147 147 GLY GLY A . n 
A 1 97  GLY 97  148 148 GLY GLY A . n 
A 1 98  ALA 98  149 149 ALA ALA A . n 
A 1 99  LEU 99  150 150 LEU LEU A . n 
A 1 100 CYS 100 151 151 CYS CYS A . n 
A 1 101 VAL 101 152 152 VAL VAL A . n 
A 1 102 GLU 102 153 153 GLU GLU A . n 
A 1 103 SER 103 154 154 SER SER A . n 
A 1 104 VAL 104 155 155 VAL VAL A . n 
A 1 105 ASP 105 156 156 ASP ASP A . n 
A 1 106 LYS 106 157 157 LYS LYS A . n 
A 1 107 GLU 107 158 158 GLU GLU A . n 
A 1 108 MET 108 159 159 MET MET A . n 
A 1 109 GLN 109 160 160 GLN GLN A . n 
A 1 110 VAL 110 161 161 VAL VAL A . n 
A 1 111 LEU 111 162 162 LEU LEU A . n 
A 1 112 VAL 112 163 163 VAL VAL A . n 
A 1 113 SER 113 164 164 SER SER A . n 
A 1 114 ARG 114 165 165 ARG ARG A . n 
A 1 115 ILE 115 166 166 ILE ILE A . n 
A 1 116 ALA 116 167 167 ALA ALA A . n 
A 1 117 ALA 117 168 168 ALA ALA A . n 
A 1 118 TRP 118 169 169 TRP TRP A . n 
A 1 119 MET 119 170 170 MET MET A . n 
A 1 120 ALA 120 171 171 ALA ALA A . n 
A 1 121 THR 121 172 172 THR THR A . n 
A 1 122 TYR 122 173 173 TYR TYR A . n 
A 1 123 LEU 123 174 174 LEU LEU A . n 
A 1 124 ASN 124 175 175 ASN ASN A . n 
A 1 125 ASP 125 176 176 ASP ASP A . n 
A 1 126 HIS 126 177 177 HIS HIS A . n 
A 1 127 LEU 127 178 178 LEU LEU A . n 
A 1 128 GLU 128 179 179 GLU GLU A . n 
A 1 129 PRO 129 180 180 PRO PRO A . n 
A 1 130 TRP 130 181 181 TRP TRP A . n 
A 1 131 ILE 131 182 182 ILE ILE A . n 
A 1 132 GLN 132 183 183 GLN GLN A . n 
A 1 133 GLU 133 184 184 GLU GLU A . n 
A 1 134 ASN 134 185 185 ASN ASN A . n 
A 1 135 GLY 135 186 186 GLY GLY A . n 
A 1 136 GLY 136 187 187 GLY GLY A . n 
A 1 137 TRP 137 188 188 TRP TRP A . n 
A 1 138 ASP 138 189 189 ASP ASP A . n 
A 1 139 THR 139 190 190 THR THR A . n 
A 1 140 PHE 140 191 191 PHE PHE A . n 
A 1 141 VAL 141 192 192 VAL VAL A . n 
A 1 142 GLU 142 193 193 GLU GLU A . n 
A 1 143 LEU 143 194 194 LEU LEU A . n 
A 1 144 TYR 144 195 ?   ?   ?   A . n 
A 1 145 GLY 145 196 ?   ?   ?   A . n 
A 1 146 ASN 146 197 ?   ?   ?   A . n 
A 1 147 ASN 147 198 ?   ?   ?   A . n 
A 1 148 ALA 148 199 ?   ?   ?   A . n 
A 1 149 ALA 149 200 ?   ?   ?   A . n 
A 1 150 ALA 150 201 ?   ?   ?   A . n 
A 1 151 GLU 151 202 ?   ?   ?   A . n 
A 1 152 SER 152 203 ?   ?   ?   A . n 
A 1 153 ARG 153 204 ?   ?   ?   A . n 
A 1 154 LYS 154 205 ?   ?   ?   A . n 
A 1 155 GLY 155 206 ?   ?   ?   A . n 
A 1 156 GLN 156 207 ?   ?   ?   A . n 
A 1 157 GLU 157 208 ?   ?   ?   A . n 
A 1 158 ARG 158 209 ?   ?   ?   A . n 
B 2 1   ASP 1   83  ?   ?   ?   B . n 
B 2 2   MET 2   84  84  MET MET B . n 
B 2 3   ARG 3   85  85  ARG ARG B . n 
B 2 4   PRO 4   86  86  PRO PRO B . n 
B 2 5   GLU 5   87  87  GLU GLU B . n 
B 2 6   ILE 6   88  88  ILE ILE B . n 
B 2 7   TRP 7   89  89  TRP TRP B . n 
B 2 8   ILE 8   90  90  ILE ILE B . n 
B 2 9   ALA 9   91  91  ALA ALA B . n 
B 2 10  GLN 10  92  92  GLN GLN B . n 
B 2 11  GLU 11  93  93  GLU GLU B . n 
B 2 12  LEU 12  94  94  LEU LEU B . n 
B 2 13  ARG 13  95  95  ARG ARG B . n 
B 2 14  ARG 14  96  96  ARG ARG B . n 
B 2 15  ILE 15  97  97  ILE ILE B . n 
B 2 16  GLY 16  98  98  GLY GLY B . n 
B 2 17  ASP 17  99  99  ASP ASP B . n 
B 2 18  GLU 18  100 100 GLU GLU B . n 
B 2 19  PHE 19  101 101 PHE PHE B . n 
B 2 20  ASN 20  102 102 ASN ASN B . n 
B 2 21  ALA 21  103 103 ALA ALA B . n 
B 2 22  TYR 22  104 104 TYR TYR B . n 
B 2 23  TYR 23  105 105 TYR TYR B . n 
B 2 24  ALA 24  106 106 ALA ALA B . n 
B 2 25  ARG 25  107 107 ARG ARG B . n 
B 2 26  ARG 26  108 108 ARG ARG B . n 
# 
loop_
_pdbx_nonpoly_scheme.asym_id 
_pdbx_nonpoly_scheme.entity_id 
_pdbx_nonpoly_scheme.mon_id 
_pdbx_nonpoly_scheme.ndb_seq_num 
_pdbx_nonpoly_scheme.pdb_seq_num 
_pdbx_nonpoly_scheme.auth_seq_num 
_pdbx_nonpoly_scheme.pdb_mon_id 
_pdbx_nonpoly_scheme.auth_mon_id 
_pdbx_nonpoly_scheme.pdb_strand_id 
_pdbx_nonpoly_scheme.pdb_ins_code 
C 3 HOH 1   28  28  HOH HOH A . 
C 3 HOH 2   29  29  HOH HOH A . 
C 3 HOH 3   30  30  HOH HOH A . 
C 3 HOH 4   31  31  HOH HOH A . 
C 3 HOH 5   32  32  HOH HOH A . 
C 3 HOH 6   34  34  HOH HOH A . 
C 3 HOH 7   35  35  HOH HOH A . 
C 3 HOH 8   36  36  HOH HOH A . 
C 3 HOH 9   39  39  HOH HOH A . 
C 3 HOH 10  40  40  HOH HOH A . 
C 3 HOH 11  44  44  HOH HOH A . 
C 3 HOH 12  45  45  HOH HOH A . 
C 3 HOH 13  46  46  HOH HOH A . 
C 3 HOH 14  47  47  HOH HOH A . 
C 3 HOH 15  48  48  HOH HOH A . 
C 3 HOH 16  49  49  HOH HOH A . 
C 3 HOH 17  50  50  HOH HOH A . 
C 3 HOH 18  52  52  HOH HOH A . 
C 3 HOH 19  53  53  HOH HOH A . 
C 3 HOH 20  54  54  HOH HOH A . 
C 3 HOH 21  55  55  HOH HOH A . 
C 3 HOH 22  57  57  HOH HOH A . 
C 3 HOH 23  58  58  HOH HOH A . 
C 3 HOH 24  59  59  HOH HOH A . 
C 3 HOH 25  60  60  HOH HOH A . 
C 3 HOH 26  62  62  HOH HOH A . 
C 3 HOH 27  64  64  HOH HOH A . 
C 3 HOH 28  65  65  HOH HOH A . 
C 3 HOH 29  66  66  HOH HOH A . 
C 3 HOH 30  67  67  HOH HOH A . 
C 3 HOH 31  69  69  HOH HOH A . 
C 3 HOH 32  70  70  HOH HOH A . 
C 3 HOH 33  72  72  HOH HOH A . 
C 3 HOH 34  73  73  HOH HOH A . 
C 3 HOH 35  74  74  HOH HOH A . 
C 3 HOH 36  76  76  HOH HOH A . 
C 3 HOH 37  77  77  HOH HOH A . 
C 3 HOH 38  78  78  HOH HOH A . 
C 3 HOH 39  79  79  HOH HOH A . 
C 3 HOH 40  80  80  HOH HOH A . 
C 3 HOH 41  81  81  HOH HOH A . 
C 3 HOH 42  82  82  HOH HOH A . 
C 3 HOH 43  210 210 HOH HOH A . 
C 3 HOH 44  211 211 HOH HOH A . 
C 3 HOH 45  212 212 HOH HOH A . 
C 3 HOH 46  213 213 HOH HOH A . 
C 3 HOH 47  214 214 HOH HOH A . 
C 3 HOH 48  215 215 HOH HOH A . 
C 3 HOH 49  216 216 HOH HOH A . 
C 3 HOH 50  217 217 HOH HOH A . 
C 3 HOH 51  218 218 HOH HOH A . 
C 3 HOH 52  219 219 HOH HOH A . 
C 3 HOH 53  220 220 HOH HOH A . 
C 3 HOH 54  221 221 HOH HOH A . 
C 3 HOH 55  222 222 HOH HOH A . 
C 3 HOH 56  223 223 HOH HOH A . 
C 3 HOH 57  224 224 HOH HOH A . 
C 3 HOH 58  225 225 HOH HOH A . 
C 3 HOH 59  226 226 HOH HOH A . 
C 3 HOH 60  227 227 HOH HOH A . 
C 3 HOH 61  228 228 HOH HOH A . 
C 3 HOH 62  229 229 HOH HOH A . 
C 3 HOH 63  230 230 HOH HOH A . 
C 3 HOH 64  231 231 HOH HOH A . 
C 3 HOH 65  232 232 HOH HOH A . 
C 3 HOH 66  233 233 HOH HOH A . 
C 3 HOH 67  234 234 HOH HOH A . 
C 3 HOH 68  235 235 HOH HOH A . 
C 3 HOH 69  236 236 HOH HOH A . 
C 3 HOH 70  237 237 HOH HOH A . 
C 3 HOH 71  238 238 HOH HOH A . 
C 3 HOH 72  239 239 HOH HOH A . 
C 3 HOH 73  240 240 HOH HOH A . 
C 3 HOH 74  241 241 HOH HOH A . 
C 3 HOH 75  242 242 HOH HOH A . 
C 3 HOH 76  243 243 HOH HOH A . 
C 3 HOH 77  244 244 HOH HOH A . 
C 3 HOH 78  245 245 HOH HOH A . 
C 3 HOH 79  246 246 HOH HOH A . 
C 3 HOH 80  247 247 HOH HOH A . 
C 3 HOH 81  248 248 HOH HOH A . 
C 3 HOH 82  249 249 HOH HOH A . 
C 3 HOH 83  250 250 HOH HOH A . 
C 3 HOH 84  251 251 HOH HOH A . 
C 3 HOH 85  252 252 HOH HOH A . 
C 3 HOH 86  253 253 HOH HOH A . 
C 3 HOH 87  254 254 HOH HOH A . 
C 3 HOH 88  255 255 HOH HOH A . 
C 3 HOH 89  256 256 HOH HOH A . 
C 3 HOH 90  257 257 HOH HOH A . 
C 3 HOH 91  258 258 HOH HOH A . 
C 3 HOH 92  259 259 HOH HOH A . 
C 3 HOH 93  260 260 HOH HOH A . 
C 3 HOH 94  261 261 HOH HOH A . 
C 3 HOH 95  262 262 HOH HOH A . 
C 3 HOH 96  263 263 HOH HOH A . 
C 3 HOH 97  264 264 HOH HOH A . 
C 3 HOH 98  265 265 HOH HOH A . 
C 3 HOH 99  266 266 HOH HOH A . 
C 3 HOH 100 267 267 HOH HOH A . 
C 3 HOH 101 268 268 HOH HOH A . 
C 3 HOH 102 269 269 HOH HOH A . 
C 3 HOH 103 270 270 HOH HOH A . 
C 3 HOH 104 271 271 HOH HOH A . 
C 3 HOH 105 272 272 HOH HOH A . 
C 3 HOH 106 273 273 HOH HOH A . 
C 3 HOH 107 274 274 HOH HOH A . 
C 3 HOH 108 275 275 HOH HOH A . 
C 3 HOH 109 276 276 HOH HOH A . 
C 3 HOH 110 277 277 HOH HOH A . 
C 3 HOH 111 278 278 HOH HOH A . 
C 3 HOH 112 279 279 HOH HOH A . 
C 3 HOH 113 280 280 HOH HOH A . 
C 3 HOH 114 281 281 HOH HOH A . 
C 3 HOH 115 282 282 HOH HOH A . 
C 3 HOH 116 283 283 HOH HOH A . 
C 3 HOH 117 284 284 HOH HOH A . 
C 3 HOH 118 285 285 HOH HOH A . 
C 3 HOH 119 286 286 HOH HOH A . 
C 3 HOH 120 287 287 HOH HOH A . 
C 3 HOH 121 288 288 HOH HOH A . 
C 3 HOH 122 289 289 HOH HOH A . 
C 3 HOH 123 290 290 HOH HOH A . 
C 3 HOH 124 291 291 HOH HOH A . 
C 3 HOH 125 292 292 HOH HOH A . 
C 3 HOH 126 293 293 HOH HOH A . 
C 3 HOH 127 294 294 HOH HOH A . 
C 3 HOH 128 295 295 HOH HOH A . 
C 3 HOH 129 296 296 HOH HOH A . 
C 3 HOH 130 297 297 HOH HOH A . 
C 3 HOH 131 298 298 HOH HOH A . 
C 3 HOH 132 299 299 HOH HOH A . 
C 3 HOH 133 300 300 HOH HOH A . 
C 3 HOH 134 301 301 HOH HOH A . 
C 3 HOH 135 302 302 HOH HOH A . 
C 3 HOH 136 303 303 HOH HOH A . 
C 3 HOH 137 304 304 HOH HOH A . 
C 3 HOH 138 305 305 HOH HOH A . 
C 3 HOH 139 306 306 HOH HOH A . 
C 3 HOH 140 307 307 HOH HOH A . 
C 3 HOH 141 308 308 HOH HOH A . 
C 3 HOH 142 309 309 HOH HOH A . 
C 3 HOH 143 310 310 HOH HOH A . 
C 3 HOH 144 311 311 HOH HOH A . 
C 3 HOH 145 312 312 HOH HOH A . 
C 3 HOH 146 313 313 HOH HOH A . 
C 3 HOH 147 314 314 HOH HOH A . 
C 3 HOH 148 315 315 HOH HOH A . 
C 3 HOH 149 316 316 HOH HOH A . 
C 3 HOH 150 317 317 HOH HOH A . 
C 3 HOH 151 318 318 HOH HOH A . 
C 3 HOH 152 319 319 HOH HOH A . 
C 3 HOH 153 320 320 HOH HOH A . 
C 3 HOH 154 322 322 HOH HOH A . 
C 3 HOH 155 323 323 HOH HOH A . 
C 3 HOH 156 324 324 HOH HOH A . 
C 3 HOH 157 325 325 HOH HOH A . 
C 3 HOH 158 326 326 HOH HOH A . 
C 3 HOH 159 327 327 HOH HOH A . 
C 3 HOH 160 328 328 HOH HOH A . 
C 3 HOH 161 329 329 HOH HOH A . 
C 3 HOH 162 330 330 HOH HOH A . 
C 3 HOH 163 331 331 HOH HOH A . 
C 3 HOH 164 332 332 HOH HOH A . 
C 3 HOH 165 333 333 HOH HOH A . 
C 3 HOH 166 334 334 HOH HOH A . 
C 3 HOH 167 335 335 HOH HOH A . 
C 3 HOH 168 336 336 HOH HOH A . 
C 3 HOH 169 337 337 HOH HOH A . 
C 3 HOH 170 338 338 HOH HOH A . 
C 3 HOH 171 339 339 HOH HOH A . 
C 3 HOH 172 340 340 HOH HOH A . 
C 3 HOH 173 341 341 HOH HOH A . 
C 3 HOH 174 342 342 HOH HOH A . 
C 3 HOH 175 343 343 HOH HOH A . 
C 3 HOH 176 344 344 HOH HOH A . 
D 3 HOH 1   1   1   HOH HOH B . 
D 3 HOH 2   2   2   HOH HOH B . 
D 3 HOH 3   6   6   HOH HOH B . 
D 3 HOH 4   9   9   HOH HOH B . 
D 3 HOH 5   16  16  HOH HOH B . 
D 3 HOH 6   17  17  HOH HOH B . 
D 3 HOH 7   19  19  HOH HOH B . 
D 3 HOH 8   26  26  HOH HOH B . 
D 3 HOH 9   33  33  HOH HOH B . 
D 3 HOH 10  56  56  HOH HOH B . 
D 3 HOH 11  61  61  HOH HOH B . 
D 3 HOH 12  71  71  HOH HOH B . 
D 3 HOH 13  109 109 HOH HOH B . 
D 3 HOH 14  110 110 HOH HOH B . 
D 3 HOH 15  113 113 HOH HOH B . 
D 3 HOH 16  120 120 HOH HOH B . 
D 3 HOH 17  135 135 HOH HOH B . 
D 3 HOH 18  137 137 HOH HOH B . 
D 3 HOH 19  143 143 HOH HOH B . 
D 3 HOH 20  182 182 HOH HOH B . 
D 3 HOH 21  184 184 HOH HOH B . 
D 3 HOH 22  187 187 HOH HOH B . 
D 3 HOH 23  188 188 HOH HOH B . 
D 3 HOH 24  196 196 HOH HOH B . 
D 3 HOH 25  199 199 HOH HOH B . 
D 3 HOH 26  200 200 HOH HOH B . 
D 3 HOH 27  201 201 HOH HOH B . 
D 3 HOH 28  214 214 HOH HOH B . 
D 3 HOH 29  217 217 HOH HOH B . 
D 3 HOH 30  232 232 HOH HOH B . 
D 3 HOH 31  233 233 HOH HOH B . 
D 3 HOH 32  263 263 HOH HOH B . 
D 3 HOH 33  321 321 HOH HOH B . 
# 
loop_
_pdbx_struct_assembly.id 
_pdbx_struct_assembly.details 
_pdbx_struct_assembly.method_details 
_pdbx_struct_assembly.oligomeric_details 
_pdbx_struct_assembly.oligomeric_count 
1 author_and_software_defined_assembly PISA dimeric    2 
2 software_defined_assembly            PISA tetrameric 4 
# 
loop_
_pdbx_struct_assembly_gen.assembly_id 
_pdbx_struct_assembly_gen.oper_expression 
_pdbx_struct_assembly_gen.asym_id_list 
1 1   A,B,C,D 
2 1,2 A,B,C,D 
# 
loop_
_pdbx_struct_assembly_prop.biol_id 
_pdbx_struct_assembly_prop.type 
_pdbx_struct_assembly_prop.value 
_pdbx_struct_assembly_prop.details 
1 'ABSA (A^2)' 2170  ? 
1 MORE         -17   ? 
1 'SSA (A^2)'  10560 ? 
2 'ABSA (A^2)' 8540  ? 
2 MORE         -66   ? 
2 'SSA (A^2)'  16910 ? 
# 
loop_
_pdbx_struct_oper_list.id 
_pdbx_struct_oper_list.type 
_pdbx_struct_oper_list.name 
_pdbx_struct_oper_list.symmetry_operation 
_pdbx_struct_oper_list.matrix[1][1] 
_pdbx_struct_oper_list.matrix[1][2] 
_pdbx_struct_oper_list.matrix[1][3] 
_pdbx_struct_oper_list.vector[1] 
_pdbx_struct_oper_list.matrix[2][1] 
_pdbx_struct_oper_list.matrix[2][2] 
_pdbx_struct_oper_list.matrix[2][3] 
_pdbx_struct_oper_list.vector[2] 
_pdbx_struct_oper_list.matrix[3][1] 
_pdbx_struct_oper_list.matrix[3][2] 
_pdbx_struct_oper_list.matrix[3][3] 
_pdbx_struct_oper_list.vector[3] 
1 'identity operation'         1_555 x,y,z     1.0000000000  0.0000000000 0.0000000000 0.0000000000 0.0000000000 1.0000000000 0.0000000000 0.0000000000  0.0000000000 0.0000000000 1.0000000000  0.0000000000   
2 'crystal symmetry operation' 2_556 -x,y,-z+1 -0.9922834111 0.1022503269 0.0701320371 6.9467548110 0.1022503269 0.3548900347 0.9292997008 14.5083548416 0.0701320371 0.9292997008 -0.3626066236 -21.9170772650 
# 
loop_
_pdbx_audit_revision_history.ordinal 
_pdbx_audit_revision_history.data_content_type 
_pdbx_audit_revision_history.major_revision 
_pdbx_audit_revision_history.minor_revision 
_pdbx_audit_revision_history.revision_date 
1 'Structure model' 1 0 2009-03-10 
2 'Structure model' 1 1 2011-07-13 
3 'Structure model' 1 2 2017-08-09 
4 'Structure model' 1 3 2017-08-16 
5 'Structure model' 1 4 2023-11-01 
# 
_pdbx_audit_revision_details.ordinal             1 
_pdbx_audit_revision_details.revision_ordinal    1 
_pdbx_audit_revision_details.data_content_type   'Structure model' 
_pdbx_audit_revision_details.provider            repository 
_pdbx_audit_revision_details.type                'Initial release' 
_pdbx_audit_revision_details.description         ? 
_pdbx_audit_revision_details.details             ? 
# 
loop_
_pdbx_audit_revision_group.ordinal 
_pdbx_audit_revision_group.revision_ordinal 
_pdbx_audit_revision_group.data_content_type 
_pdbx_audit_revision_group.group 
1 2 'Structure model' 'Version format compliance' 
2 3 'Structure model' 'Refinement description'    
3 3 'Structure model' 'Source and taxonomy'       
4 4 'Structure model' 'Source and taxonomy'       
5 5 'Structure model' 'Data collection'           
6 5 'Structure model' 'Database references'       
7 5 'Structure model' 'Refinement description'    
# 
loop_
_pdbx_audit_revision_category.ordinal 
_pdbx_audit_revision_category.revision_ordinal 
_pdbx_audit_revision_category.data_content_type 
_pdbx_audit_revision_category.category 
1 3 'Structure model' entity_src_gen                
2 3 'Structure model' software                      
3 4 'Structure model' pdbx_entity_src_syn           
4 5 'Structure model' chem_comp_atom                
5 5 'Structure model' chem_comp_bond                
6 5 'Structure model' database_2                    
7 5 'Structure model' pdbx_initial_refinement_model 
8 5 'Structure model' struct_ref_seq_dif            
# 
loop_
_pdbx_audit_revision_item.ordinal 
_pdbx_audit_revision_item.revision_ordinal 
_pdbx_audit_revision_item.data_content_type 
_pdbx_audit_revision_item.item 
1 4 'Structure model' '_pdbx_entity_src_syn.ncbi_taxonomy_id'    
2 4 'Structure model' '_pdbx_entity_src_syn.organism_scientific' 
3 5 'Structure model' '_database_2.pdbx_DOI'                     
4 5 'Structure model' '_database_2.pdbx_database_accession'      
5 5 'Structure model' '_struct_ref_seq_dif.details'              
# 
loop_
_software.name 
_software.classification 
_software.version 
_software.citation_id 
_software.pdbx_ordinal 
CrystalClear 'data collection' .        ? 1 
PHASER       phasing           .        ? 2 
REFMAC       refinement        5.4.0067 ? 3 
HKL-2000     'data reduction'  .        ? 4 
HKL-2000     'data scaling'    .        ? 5 
# 
_pdbx_entry_details.entry_id                 3FDL 
_pdbx_entry_details.compound_details         ? 
_pdbx_entry_details.source_details           ? 
_pdbx_entry_details.nonpolymer_details       ? 
_pdbx_entry_details.sequence_details         
;BCL-XL WITH AMINO ACIDS 27 TO 82 DELETED AND A C-TERMINAL 
TRUNCATION OF THE LAST 24 RESIDUES
THE NUMBERING OF THE PROTEIN IS NON-SEQUENTIAL. THE NUMBER 
ZERO IS SKIPPED.
;
_pdbx_entry_details.has_ligand_of_interest   ? 
# 
_pdbx_validate_close_contact.id               1 
_pdbx_validate_close_contact.PDB_model_num    1 
_pdbx_validate_close_contact.auth_atom_id_1   O 
_pdbx_validate_close_contact.auth_asym_id_1   A 
_pdbx_validate_close_contact.auth_comp_id_1   HOH 
_pdbx_validate_close_contact.auth_seq_id_1    227 
_pdbx_validate_close_contact.PDB_ins_code_1   ? 
_pdbx_validate_close_contact.label_alt_id_1   ? 
_pdbx_validate_close_contact.auth_atom_id_2   O 
_pdbx_validate_close_contact.auth_asym_id_2   A 
_pdbx_validate_close_contact.auth_comp_id_2   HOH 
_pdbx_validate_close_contact.auth_seq_id_2    241 
_pdbx_validate_close_contact.PDB_ins_code_2   ? 
_pdbx_validate_close_contact.label_alt_id_2   ? 
_pdbx_validate_close_contact.dist             2.15 
# 
loop_
_pdbx_validate_symm_contact.id 
_pdbx_validate_symm_contact.PDB_model_num 
_pdbx_validate_symm_contact.auth_atom_id_1 
_pdbx_validate_symm_contact.auth_asym_id_1 
_pdbx_validate_symm_contact.auth_comp_id_1 
_pdbx_validate_symm_contact.auth_seq_id_1 
_pdbx_validate_symm_contact.PDB_ins_code_1 
_pdbx_validate_symm_contact.label_alt_id_1 
_pdbx_validate_symm_contact.site_symmetry_1 
_pdbx_validate_symm_contact.auth_atom_id_2 
_pdbx_validate_symm_contact.auth_asym_id_2 
_pdbx_validate_symm_contact.auth_comp_id_2 
_pdbx_validate_symm_contact.auth_seq_id_2 
_pdbx_validate_symm_contact.PDB_ins_code_2 
_pdbx_validate_symm_contact.label_alt_id_2 
_pdbx_validate_symm_contact.site_symmetry_2 
_pdbx_validate_symm_contact.dist 
1 1 O   A HOH 254 ? ? 1_555 O A HOH 255 ? ? 4_446 2.10 
2 1 OE1 A GLN 88  ? B 1_555 O A HOH 243 ? ? 2_556 2.10 
# 
loop_
_pdbx_validate_rmsd_angle.id 
_pdbx_validate_rmsd_angle.PDB_model_num 
_pdbx_validate_rmsd_angle.auth_atom_id_1 
_pdbx_validate_rmsd_angle.auth_asym_id_1 
_pdbx_validate_rmsd_angle.auth_comp_id_1 
_pdbx_validate_rmsd_angle.auth_seq_id_1 
_pdbx_validate_rmsd_angle.PDB_ins_code_1 
_pdbx_validate_rmsd_angle.label_alt_id_1 
_pdbx_validate_rmsd_angle.auth_atom_id_2 
_pdbx_validate_rmsd_angle.auth_asym_id_2 
_pdbx_validate_rmsd_angle.auth_comp_id_2 
_pdbx_validate_rmsd_angle.auth_seq_id_2 
_pdbx_validate_rmsd_angle.PDB_ins_code_2 
_pdbx_validate_rmsd_angle.label_alt_id_2 
_pdbx_validate_rmsd_angle.auth_atom_id_3 
_pdbx_validate_rmsd_angle.auth_asym_id_3 
_pdbx_validate_rmsd_angle.auth_comp_id_3 
_pdbx_validate_rmsd_angle.auth_seq_id_3 
_pdbx_validate_rmsd_angle.PDB_ins_code_3 
_pdbx_validate_rmsd_angle.label_alt_id_3 
_pdbx_validate_rmsd_angle.angle_value 
_pdbx_validate_rmsd_angle.angle_target_value 
_pdbx_validate_rmsd_angle.angle_deviation 
_pdbx_validate_rmsd_angle.angle_standard_deviation 
_pdbx_validate_rmsd_angle.linker_flag 
1 1 NE B ARG 108 ? ? CZ B ARG 108 ? ? NH1 B ARG 108 ? ? 125.09 120.30 4.79  0.50 N 
2 1 NE B ARG 108 ? ? CZ B ARG 108 ? ? NH2 B ARG 108 ? ? 116.18 120.30 -4.12 0.50 N 
# 
loop_
_pdbx_unobs_or_zero_occ_residues.id 
_pdbx_unobs_or_zero_occ_residues.PDB_model_num 
_pdbx_unobs_or_zero_occ_residues.polymer_flag 
_pdbx_unobs_or_zero_occ_residues.occupancy_flag 
_pdbx_unobs_or_zero_occ_residues.auth_asym_id 
_pdbx_unobs_or_zero_occ_residues.auth_comp_id 
_pdbx_unobs_or_zero_occ_residues.auth_seq_id 
_pdbx_unobs_or_zero_occ_residues.PDB_ins_code 
_pdbx_unobs_or_zero_occ_residues.label_asym_id 
_pdbx_unobs_or_zero_occ_residues.label_comp_id 
_pdbx_unobs_or_zero_occ_residues.label_seq_id 
1  1 Y 1 A TYR 195 ? A TYR 144 
2  1 Y 1 A GLY 196 ? A GLY 145 
3  1 Y 1 A ASN 197 ? A ASN 146 
4  1 Y 1 A ASN 198 ? A ASN 147 
5  1 Y 1 A ALA 199 ? A ALA 148 
6  1 Y 1 A ALA 200 ? A ALA 149 
7  1 Y 1 A ALA 201 ? A ALA 150 
8  1 Y 1 A GLU 202 ? A GLU 151 
9  1 Y 1 A SER 203 ? A SER 152 
10 1 Y 1 A ARG 204 ? A ARG 153 
11 1 Y 1 A LYS 205 ? A LYS 154 
12 1 Y 1 A GLY 206 ? A GLY 155 
13 1 Y 1 A GLN 207 ? A GLN 156 
14 1 Y 1 A GLU 208 ? A GLU 157 
15 1 Y 1 A ARG 209 ? A ARG 158 
16 1 Y 1 B ASP 83  ? B ASP 1   
# 
loop_
_chem_comp_atom.comp_id 
_chem_comp_atom.atom_id 
_chem_comp_atom.type_symbol 
_chem_comp_atom.pdbx_aromatic_flag 
_chem_comp_atom.pdbx_stereo_config 
_chem_comp_atom.pdbx_ordinal 
ALA N    N N N 1   
ALA CA   C N S 2   
ALA C    C N N 3   
ALA O    O N N 4   
ALA CB   C N N 5   
ALA OXT  O N N 6   
ALA H    H N N 7   
ALA H2   H N N 8   
ALA HA   H N N 9   
ALA HB1  H N N 10  
ALA HB2  H N N 11  
ALA HB3  H N N 12  
ALA HXT  H N N 13  
ARG N    N N N 14  
ARG CA   C N S 15  
ARG C    C N N 16  
ARG O    O N N 17  
ARG CB   C N N 18  
ARG CG   C N N 19  
ARG CD   C N N 20  
ARG NE   N N N 21  
ARG CZ   C N N 22  
ARG NH1  N N N 23  
ARG NH2  N N N 24  
ARG OXT  O N N 25  
ARG H    H N N 26  
ARG H2   H N N 27  
ARG HA   H N N 28  
ARG HB2  H N N 29  
ARG HB3  H N N 30  
ARG HG2  H N N 31  
ARG HG3  H N N 32  
ARG HD2  H N N 33  
ARG HD3  H N N 34  
ARG HE   H N N 35  
ARG HH11 H N N 36  
ARG HH12 H N N 37  
ARG HH21 H N N 38  
ARG HH22 H N N 39  
ARG HXT  H N N 40  
ASN N    N N N 41  
ASN CA   C N S 42  
ASN C    C N N 43  
ASN O    O N N 44  
ASN CB   C N N 45  
ASN CG   C N N 46  
ASN OD1  O N N 47  
ASN ND2  N N N 48  
ASN OXT  O N N 49  
ASN H    H N N 50  
ASN H2   H N N 51  
ASN HA   H N N 52  
ASN HB2  H N N 53  
ASN HB3  H N N 54  
ASN HD21 H N N 55  
ASN HD22 H N N 56  
ASN HXT  H N N 57  
ASP N    N N N 58  
ASP CA   C N S 59  
ASP C    C N N 60  
ASP O    O N N 61  
ASP CB   C N N 62  
ASP CG   C N N 63  
ASP OD1  O N N 64  
ASP OD2  O N N 65  
ASP OXT  O N N 66  
ASP H    H N N 67  
ASP H2   H N N 68  
ASP HA   H N N 69  
ASP HB2  H N N 70  
ASP HB3  H N N 71  
ASP HD2  H N N 72  
ASP HXT  H N N 73  
CYS N    N N N 74  
CYS CA   C N R 75  
CYS C    C N N 76  
CYS O    O N N 77  
CYS CB   C N N 78  
CYS SG   S N N 79  
CYS OXT  O N N 80  
CYS H    H N N 81  
CYS H2   H N N 82  
CYS HA   H N N 83  
CYS HB2  H N N 84  
CYS HB3  H N N 85  
CYS HG   H N N 86  
CYS HXT  H N N 87  
GLN N    N N N 88  
GLN CA   C N S 89  
GLN C    C N N 90  
GLN O    O N N 91  
GLN CB   C N N 92  
GLN CG   C N N 93  
GLN CD   C N N 94  
GLN OE1  O N N 95  
GLN NE2  N N N 96  
GLN OXT  O N N 97  
GLN H    H N N 98  
GLN H2   H N N 99  
GLN HA   H N N 100 
GLN HB2  H N N 101 
GLN HB3  H N N 102 
GLN HG2  H N N 103 
GLN HG3  H N N 104 
GLN HE21 H N N 105 
GLN HE22 H N N 106 
GLN HXT  H N N 107 
GLU N    N N N 108 
GLU CA   C N S 109 
GLU C    C N N 110 
GLU O    O N N 111 
GLU CB   C N N 112 
GLU CG   C N N 113 
GLU CD   C N N 114 
GLU OE1  O N N 115 
GLU OE2  O N N 116 
GLU OXT  O N N 117 
GLU H    H N N 118 
GLU H2   H N N 119 
GLU HA   H N N 120 
GLU HB2  H N N 121 
GLU HB3  H N N 122 
GLU HG2  H N N 123 
GLU HG3  H N N 124 
GLU HE2  H N N 125 
GLU HXT  H N N 126 
GLY N    N N N 127 
GLY CA   C N N 128 
GLY C    C N N 129 
GLY O    O N N 130 
GLY OXT  O N N 131 
GLY H    H N N 132 
GLY H2   H N N 133 
GLY HA2  H N N 134 
GLY HA3  H N N 135 
GLY HXT  H N N 136 
HIS N    N N N 137 
HIS CA   C N S 138 
HIS C    C N N 139 
HIS O    O N N 140 
HIS CB   C N N 141 
HIS CG   C Y N 142 
HIS ND1  N Y N 143 
HIS CD2  C Y N 144 
HIS CE1  C Y N 145 
HIS NE2  N Y N 146 
HIS OXT  O N N 147 
HIS H    H N N 148 
HIS H2   H N N 149 
HIS HA   H N N 150 
HIS HB2  H N N 151 
HIS HB3  H N N 152 
HIS HD1  H N N 153 
HIS HD2  H N N 154 
HIS HE1  H N N 155 
HIS HE2  H N N 156 
HIS HXT  H N N 157 
HOH O    O N N 158 
HOH H1   H N N 159 
HOH H2   H N N 160 
ILE N    N N N 161 
ILE CA   C N S 162 
ILE C    C N N 163 
ILE O    O N N 164 
ILE CB   C N S 165 
ILE CG1  C N N 166 
ILE CG2  C N N 167 
ILE CD1  C N N 168 
ILE OXT  O N N 169 
ILE H    H N N 170 
ILE H2   H N N 171 
ILE HA   H N N 172 
ILE HB   H N N 173 
ILE HG12 H N N 174 
ILE HG13 H N N 175 
ILE HG21 H N N 176 
ILE HG22 H N N 177 
ILE HG23 H N N 178 
ILE HD11 H N N 179 
ILE HD12 H N N 180 
ILE HD13 H N N 181 
ILE HXT  H N N 182 
LEU N    N N N 183 
LEU CA   C N S 184 
LEU C    C N N 185 
LEU O    O N N 186 
LEU CB   C N N 187 
LEU CG   C N N 188 
LEU CD1  C N N 189 
LEU CD2  C N N 190 
LEU OXT  O N N 191 
LEU H    H N N 192 
LEU H2   H N N 193 
LEU HA   H N N 194 
LEU HB2  H N N 195 
LEU HB3  H N N 196 
LEU HG   H N N 197 
LEU HD11 H N N 198 
LEU HD12 H N N 199 
LEU HD13 H N N 200 
LEU HD21 H N N 201 
LEU HD22 H N N 202 
LEU HD23 H N N 203 
LEU HXT  H N N 204 
LYS N    N N N 205 
LYS CA   C N S 206 
LYS C    C N N 207 
LYS O    O N N 208 
LYS CB   C N N 209 
LYS CG   C N N 210 
LYS CD   C N N 211 
LYS CE   C N N 212 
LYS NZ   N N N 213 
LYS OXT  O N N 214 
LYS H    H N N 215 
LYS H2   H N N 216 
LYS HA   H N N 217 
LYS HB2  H N N 218 
LYS HB3  H N N 219 
LYS HG2  H N N 220 
LYS HG3  H N N 221 
LYS HD2  H N N 222 
LYS HD3  H N N 223 
LYS HE2  H N N 224 
LYS HE3  H N N 225 
LYS HZ1  H N N 226 
LYS HZ2  H N N 227 
LYS HZ3  H N N 228 
LYS HXT  H N N 229 
MET N    N N N 230 
MET CA   C N S 231 
MET C    C N N 232 
MET O    O N N 233 
MET CB   C N N 234 
MET CG   C N N 235 
MET SD   S N N 236 
MET CE   C N N 237 
MET OXT  O N N 238 
MET H    H N N 239 
MET H2   H N N 240 
MET HA   H N N 241 
MET HB2  H N N 242 
MET HB3  H N N 243 
MET HG2  H N N 244 
MET HG3  H N N 245 
MET HE1  H N N 246 
MET HE2  H N N 247 
MET HE3  H N N 248 
MET HXT  H N N 249 
PHE N    N N N 250 
PHE CA   C N S 251 
PHE C    C N N 252 
PHE O    O N N 253 
PHE CB   C N N 254 
PHE CG   C Y N 255 
PHE CD1  C Y N 256 
PHE CD2  C Y N 257 
PHE CE1  C Y N 258 
PHE CE2  C Y N 259 
PHE CZ   C Y N 260 
PHE OXT  O N N 261 
PHE H    H N N 262 
PHE H2   H N N 263 
PHE HA   H N N 264 
PHE HB2  H N N 265 
PHE HB3  H N N 266 
PHE HD1  H N N 267 
PHE HD2  H N N 268 
PHE HE1  H N N 269 
PHE HE2  H N N 270 
PHE HZ   H N N 271 
PHE HXT  H N N 272 
PRO N    N N N 273 
PRO CA   C N S 274 
PRO C    C N N 275 
PRO O    O N N 276 
PRO CB   C N N 277 
PRO CG   C N N 278 
PRO CD   C N N 279 
PRO OXT  O N N 280 
PRO H    H N N 281 
PRO HA   H N N 282 
PRO HB2  H N N 283 
PRO HB3  H N N 284 
PRO HG2  H N N 285 
PRO HG3  H N N 286 
PRO HD2  H N N 287 
PRO HD3  H N N 288 
PRO HXT  H N N 289 
SER N    N N N 290 
SER CA   C N S 291 
SER C    C N N 292 
SER O    O N N 293 
SER CB   C N N 294 
SER OG   O N N 295 
SER OXT  O N N 296 
SER H    H N N 297 
SER H2   H N N 298 
SER HA   H N N 299 
SER HB2  H N N 300 
SER HB3  H N N 301 
SER HG   H N N 302 
SER HXT  H N N 303 
THR N    N N N 304 
THR CA   C N S 305 
THR C    C N N 306 
THR O    O N N 307 
THR CB   C N R 308 
THR OG1  O N N 309 
THR CG2  C N N 310 
THR OXT  O N N 311 
THR H    H N N 312 
THR H2   H N N 313 
THR HA   H N N 314 
THR HB   H N N 315 
THR HG1  H N N 316 
THR HG21 H N N 317 
THR HG22 H N N 318 
THR HG23 H N N 319 
THR HXT  H N N 320 
TRP N    N N N 321 
TRP CA   C N S 322 
TRP C    C N N 323 
TRP O    O N N 324 
TRP CB   C N N 325 
TRP CG   C Y N 326 
TRP CD1  C Y N 327 
TRP CD2  C Y N 328 
TRP NE1  N Y N 329 
TRP CE2  C Y N 330 
TRP CE3  C Y N 331 
TRP CZ2  C Y N 332 
TRP CZ3  C Y N 333 
TRP CH2  C Y N 334 
TRP OXT  O N N 335 
TRP H    H N N 336 
TRP H2   H N N 337 
TRP HA   H N N 338 
TRP HB2  H N N 339 
TRP HB3  H N N 340 
TRP HD1  H N N 341 
TRP HE1  H N N 342 
TRP HE3  H N N 343 
TRP HZ2  H N N 344 
TRP HZ3  H N N 345 
TRP HH2  H N N 346 
TRP HXT  H N N 347 
TYR N    N N N 348 
TYR CA   C N S 349 
TYR C    C N N 350 
TYR O    O N N 351 
TYR CB   C N N 352 
TYR CG   C Y N 353 
TYR CD1  C Y N 354 
TYR CD2  C Y N 355 
TYR CE1  C Y N 356 
TYR CE2  C Y N 357 
TYR CZ   C Y N 358 
TYR OH   O N N 359 
TYR OXT  O N N 360 
TYR H    H N N 361 
TYR H2   H N N 362 
TYR HA   H N N 363 
TYR HB2  H N N 364 
TYR HB3  H N N 365 
TYR HD1  H N N 366 
TYR HD2  H N N 367 
TYR HE1  H N N 368 
TYR HE2  H N N 369 
TYR HH   H N N 370 
TYR HXT  H N N 371 
VAL N    N N N 372 
VAL CA   C N S 373 
VAL C    C N N 374 
VAL O    O N N 375 
VAL CB   C N N 376 
VAL CG1  C N N 377 
VAL CG2  C N N 378 
VAL OXT  O N N 379 
VAL H    H N N 380 
VAL H2   H N N 381 
VAL HA   H N N 382 
VAL HB   H N N 383 
VAL HG11 H N N 384 
VAL HG12 H N N 385 
VAL HG13 H N N 386 
VAL HG21 H N N 387 
VAL HG22 H N N 388 
VAL HG23 H N N 389 
VAL HXT  H N N 390 
# 
loop_
_chem_comp_bond.comp_id 
_chem_comp_bond.atom_id_1 
_chem_comp_bond.atom_id_2 
_chem_comp_bond.value_order 
_chem_comp_bond.pdbx_aromatic_flag 
_chem_comp_bond.pdbx_stereo_config 
_chem_comp_bond.pdbx_ordinal 
ALA N   CA   sing N N 1   
ALA N   H    sing N N 2   
ALA N   H2   sing N N 3   
ALA CA  C    sing N N 4   
ALA CA  CB   sing N N 5   
ALA CA  HA   sing N N 6   
ALA C   O    doub N N 7   
ALA C   OXT  sing N N 8   
ALA CB  HB1  sing N N 9   
ALA CB  HB2  sing N N 10  
ALA CB  HB3  sing N N 11  
ALA OXT HXT  sing N N 12  
ARG N   CA   sing N N 13  
ARG N   H    sing N N 14  
ARG N   H2   sing N N 15  
ARG CA  C    sing N N 16  
ARG CA  CB   sing N N 17  
ARG CA  HA   sing N N 18  
ARG C   O    doub N N 19  
ARG C   OXT  sing N N 20  
ARG CB  CG   sing N N 21  
ARG CB  HB2  sing N N 22  
ARG CB  HB3  sing N N 23  
ARG CG  CD   sing N N 24  
ARG CG  HG2  sing N N 25  
ARG CG  HG3  sing N N 26  
ARG CD  NE   sing N N 27  
ARG CD  HD2  sing N N 28  
ARG CD  HD3  sing N N 29  
ARG NE  CZ   sing N N 30  
ARG NE  HE   sing N N 31  
ARG CZ  NH1  sing N N 32  
ARG CZ  NH2  doub N N 33  
ARG NH1 HH11 sing N N 34  
ARG NH1 HH12 sing N N 35  
ARG NH2 HH21 sing N N 36  
ARG NH2 HH22 sing N N 37  
ARG OXT HXT  sing N N 38  
ASN N   CA   sing N N 39  
ASN N   H    sing N N 40  
ASN N   H2   sing N N 41  
ASN CA  C    sing N N 42  
ASN CA  CB   sing N N 43  
ASN CA  HA   sing N N 44  
ASN C   O    doub N N 45  
ASN C   OXT  sing N N 46  
ASN CB  CG   sing N N 47  
ASN CB  HB2  sing N N 48  
ASN CB  HB3  sing N N 49  
ASN CG  OD1  doub N N 50  
ASN CG  ND2  sing N N 51  
ASN ND2 HD21 sing N N 52  
ASN ND2 HD22 sing N N 53  
ASN OXT HXT  sing N N 54  
ASP N   CA   sing N N 55  
ASP N   H    sing N N 56  
ASP N   H2   sing N N 57  
ASP CA  C    sing N N 58  
ASP CA  CB   sing N N 59  
ASP CA  HA   sing N N 60  
ASP C   O    doub N N 61  
ASP C   OXT  sing N N 62  
ASP CB  CG   sing N N 63  
ASP CB  HB2  sing N N 64  
ASP CB  HB3  sing N N 65  
ASP CG  OD1  doub N N 66  
ASP CG  OD2  sing N N 67  
ASP OD2 HD2  sing N N 68  
ASP OXT HXT  sing N N 69  
CYS N   CA   sing N N 70  
CYS N   H    sing N N 71  
CYS N   H2   sing N N 72  
CYS CA  C    sing N N 73  
CYS CA  CB   sing N N 74  
CYS CA  HA   sing N N 75  
CYS C   O    doub N N 76  
CYS C   OXT  sing N N 77  
CYS CB  SG   sing N N 78  
CYS CB  HB2  sing N N 79  
CYS CB  HB3  sing N N 80  
CYS SG  HG   sing N N 81  
CYS OXT HXT  sing N N 82  
GLN N   CA   sing N N 83  
GLN N   H    sing N N 84  
GLN N   H2   sing N N 85  
GLN CA  C    sing N N 86  
GLN CA  CB   sing N N 87  
GLN CA  HA   sing N N 88  
GLN C   O    doub N N 89  
GLN C   OXT  sing N N 90  
GLN CB  CG   sing N N 91  
GLN CB  HB2  sing N N 92  
GLN CB  HB3  sing N N 93  
GLN CG  CD   sing N N 94  
GLN CG  HG2  sing N N 95  
GLN CG  HG3  sing N N 96  
GLN CD  OE1  doub N N 97  
GLN CD  NE2  sing N N 98  
GLN NE2 HE21 sing N N 99  
GLN NE2 HE22 sing N N 100 
GLN OXT HXT  sing N N 101 
GLU N   CA   sing N N 102 
GLU N   H    sing N N 103 
GLU N   H2   sing N N 104 
GLU CA  C    sing N N 105 
GLU CA  CB   sing N N 106 
GLU CA  HA   sing N N 107 
GLU C   O    doub N N 108 
GLU C   OXT  sing N N 109 
GLU CB  CG   sing N N 110 
GLU CB  HB2  sing N N 111 
GLU CB  HB3  sing N N 112 
GLU CG  CD   sing N N 113 
GLU CG  HG2  sing N N 114 
GLU CG  HG3  sing N N 115 
GLU CD  OE1  doub N N 116 
GLU CD  OE2  sing N N 117 
GLU OE2 HE2  sing N N 118 
GLU OXT HXT  sing N N 119 
GLY N   CA   sing N N 120 
GLY N   H    sing N N 121 
GLY N   H2   sing N N 122 
GLY CA  C    sing N N 123 
GLY CA  HA2  sing N N 124 
GLY CA  HA3  sing N N 125 
GLY C   O    doub N N 126 
GLY C   OXT  sing N N 127 
GLY OXT HXT  sing N N 128 
HIS N   CA   sing N N 129 
HIS N   H    sing N N 130 
HIS N   H2   sing N N 131 
HIS CA  C    sing N N 132 
HIS CA  CB   sing N N 133 
HIS CA  HA   sing N N 134 
HIS C   O    doub N N 135 
HIS C   OXT  sing N N 136 
HIS CB  CG   sing N N 137 
HIS CB  HB2  sing N N 138 
HIS CB  HB3  sing N N 139 
HIS CG  ND1  sing Y N 140 
HIS CG  CD2  doub Y N 141 
HIS ND1 CE1  doub Y N 142 
HIS ND1 HD1  sing N N 143 
HIS CD2 NE2  sing Y N 144 
HIS CD2 HD2  sing N N 145 
HIS CE1 NE2  sing Y N 146 
HIS CE1 HE1  sing N N 147 
HIS NE2 HE2  sing N N 148 
HIS OXT HXT  sing N N 149 
HOH O   H1   sing N N 150 
HOH O   H2   sing N N 151 
ILE N   CA   sing N N 152 
ILE N   H    sing N N 153 
ILE N   H2   sing N N 154 
ILE CA  C    sing N N 155 
ILE CA  CB   sing N N 156 
ILE CA  HA   sing N N 157 
ILE C   O    doub N N 158 
ILE C   OXT  sing N N 159 
ILE CB  CG1  sing N N 160 
ILE CB  CG2  sing N N 161 
ILE CB  HB   sing N N 162 
ILE CG1 CD1  sing N N 163 
ILE CG1 HG12 sing N N 164 
ILE CG1 HG13 sing N N 165 
ILE CG2 HG21 sing N N 166 
ILE CG2 HG22 sing N N 167 
ILE CG2 HG23 sing N N 168 
ILE CD1 HD11 sing N N 169 
ILE CD1 HD12 sing N N 170 
ILE CD1 HD13 sing N N 171 
ILE OXT HXT  sing N N 172 
LEU N   CA   sing N N 173 
LEU N   H    sing N N 174 
LEU N   H2   sing N N 175 
LEU CA  C    sing N N 176 
LEU CA  CB   sing N N 177 
LEU CA  HA   sing N N 178 
LEU C   O    doub N N 179 
LEU C   OXT  sing N N 180 
LEU CB  CG   sing N N 181 
LEU CB  HB2  sing N N 182 
LEU CB  HB3  sing N N 183 
LEU CG  CD1  sing N N 184 
LEU CG  CD2  sing N N 185 
LEU CG  HG   sing N N 186 
LEU CD1 HD11 sing N N 187 
LEU CD1 HD12 sing N N 188 
LEU CD1 HD13 sing N N 189 
LEU CD2 HD21 sing N N 190 
LEU CD2 HD22 sing N N 191 
LEU CD2 HD23 sing N N 192 
LEU OXT HXT  sing N N 193 
LYS N   CA   sing N N 194 
LYS N   H    sing N N 195 
LYS N   H2   sing N N 196 
LYS CA  C    sing N N 197 
LYS CA  CB   sing N N 198 
LYS CA  HA   sing N N 199 
LYS C   O    doub N N 200 
LYS C   OXT  sing N N 201 
LYS CB  CG   sing N N 202 
LYS CB  HB2  sing N N 203 
LYS CB  HB3  sing N N 204 
LYS CG  CD   sing N N 205 
LYS CG  HG2  sing N N 206 
LYS CG  HG3  sing N N 207 
LYS CD  CE   sing N N 208 
LYS CD  HD2  sing N N 209 
LYS CD  HD3  sing N N 210 
LYS CE  NZ   sing N N 211 
LYS CE  HE2  sing N N 212 
LYS CE  HE3  sing N N 213 
LYS NZ  HZ1  sing N N 214 
LYS NZ  HZ2  sing N N 215 
LYS NZ  HZ3  sing N N 216 
LYS OXT HXT  sing N N 217 
MET N   CA   sing N N 218 
MET N   H    sing N N 219 
MET N   H2   sing N N 220 
MET CA  C    sing N N 221 
MET CA  CB   sing N N 222 
MET CA  HA   sing N N 223 
MET C   O    doub N N 224 
MET C   OXT  sing N N 225 
MET CB  CG   sing N N 226 
MET CB  HB2  sing N N 227 
MET CB  HB3  sing N N 228 
MET CG  SD   sing N N 229 
MET CG  HG2  sing N N 230 
MET CG  HG3  sing N N 231 
MET SD  CE   sing N N 232 
MET CE  HE1  sing N N 233 
MET CE  HE2  sing N N 234 
MET CE  HE3  sing N N 235 
MET OXT HXT  sing N N 236 
PHE N   CA   sing N N 237 
PHE N   H    sing N N 238 
PHE N   H2   sing N N 239 
PHE CA  C    sing N N 240 
PHE CA  CB   sing N N 241 
PHE CA  HA   sing N N 242 
PHE C   O    doub N N 243 
PHE C   OXT  sing N N 244 
PHE CB  CG   sing N N 245 
PHE CB  HB2  sing N N 246 
PHE CB  HB3  sing N N 247 
PHE CG  CD1  doub Y N 248 
PHE CG  CD2  sing Y N 249 
PHE CD1 CE1  sing Y N 250 
PHE CD1 HD1  sing N N 251 
PHE CD2 CE2  doub Y N 252 
PHE CD2 HD2  sing N N 253 
PHE CE1 CZ   doub Y N 254 
PHE CE1 HE1  sing N N 255 
PHE CE2 CZ   sing Y N 256 
PHE CE2 HE2  sing N N 257 
PHE CZ  HZ   sing N N 258 
PHE OXT HXT  sing N N 259 
PRO N   CA   sing N N 260 
PRO N   CD   sing N N 261 
PRO N   H    sing N N 262 
PRO CA  C    sing N N 263 
PRO CA  CB   sing N N 264 
PRO CA  HA   sing N N 265 
PRO C   O    doub N N 266 
PRO C   OXT  sing N N 267 
PRO CB  CG   sing N N 268 
PRO CB  HB2  sing N N 269 
PRO CB  HB3  sing N N 270 
PRO CG  CD   sing N N 271 
PRO CG  HG2  sing N N 272 
PRO CG  HG3  sing N N 273 
PRO CD  HD2  sing N N 274 
PRO CD  HD3  sing N N 275 
PRO OXT HXT  sing N N 276 
SER N   CA   sing N N 277 
SER N   H    sing N N 278 
SER N   H2   sing N N 279 
SER CA  C    sing N N 280 
SER CA  CB   sing N N 281 
SER CA  HA   sing N N 282 
SER C   O    doub N N 283 
SER C   OXT  sing N N 284 
SER CB  OG   sing N N 285 
SER CB  HB2  sing N N 286 
SER CB  HB3  sing N N 287 
SER OG  HG   sing N N 288 
SER OXT HXT  sing N N 289 
THR N   CA   sing N N 290 
THR N   H    sing N N 291 
THR N   H2   sing N N 292 
THR CA  C    sing N N 293 
THR CA  CB   sing N N 294 
THR CA  HA   sing N N 295 
THR C   O    doub N N 296 
THR C   OXT  sing N N 297 
THR CB  OG1  sing N N 298 
THR CB  CG2  sing N N 299 
THR CB  HB   sing N N 300 
THR OG1 HG1  sing N N 301 
THR CG2 HG21 sing N N 302 
THR CG2 HG22 sing N N 303 
THR CG2 HG23 sing N N 304 
THR OXT HXT  sing N N 305 
TRP N   CA   sing N N 306 
TRP N   H    sing N N 307 
TRP N   H2   sing N N 308 
TRP CA  C    sing N N 309 
TRP CA  CB   sing N N 310 
TRP CA  HA   sing N N 311 
TRP C   O    doub N N 312 
TRP C   OXT  sing N N 313 
TRP CB  CG   sing N N 314 
TRP CB  HB2  sing N N 315 
TRP CB  HB3  sing N N 316 
TRP CG  CD1  doub Y N 317 
TRP CG  CD2  sing Y N 318 
TRP CD1 NE1  sing Y N 319 
TRP CD1 HD1  sing N N 320 
TRP CD2 CE2  doub Y N 321 
TRP CD2 CE3  sing Y N 322 
TRP NE1 CE2  sing Y N 323 
TRP NE1 HE1  sing N N 324 
TRP CE2 CZ2  sing Y N 325 
TRP CE3 CZ3  doub Y N 326 
TRP CE3 HE3  sing N N 327 
TRP CZ2 CH2  doub Y N 328 
TRP CZ2 HZ2  sing N N 329 
TRP CZ3 CH2  sing Y N 330 
TRP CZ3 HZ3  sing N N 331 
TRP CH2 HH2  sing N N 332 
TRP OXT HXT  sing N N 333 
TYR N   CA   sing N N 334 
TYR N   H    sing N N 335 
TYR N   H2   sing N N 336 
TYR CA  C    sing N N 337 
TYR CA  CB   sing N N 338 
TYR CA  HA   sing N N 339 
TYR C   O    doub N N 340 
TYR C   OXT  sing N N 341 
TYR CB  CG   sing N N 342 
TYR CB  HB2  sing N N 343 
TYR CB  HB3  sing N N 344 
TYR CG  CD1  doub Y N 345 
TYR CG  CD2  sing Y N 346 
TYR CD1 CE1  sing Y N 347 
TYR CD1 HD1  sing N N 348 
TYR CD2 CE2  doub Y N 349 
TYR CD2 HD2  sing N N 350 
TYR CE1 CZ   doub Y N 351 
TYR CE1 HE1  sing N N 352 
TYR CE2 CZ   sing Y N 353 
TYR CE2 HE2  sing N N 354 
TYR CZ  OH   sing N N 355 
TYR OH  HH   sing N N 356 
TYR OXT HXT  sing N N 357 
VAL N   CA   sing N N 358 
VAL N   H    sing N N 359 
VAL N   H2   sing N N 360 
VAL CA  C    sing N N 361 
VAL CA  CB   sing N N 362 
VAL CA  HA   sing N N 363 
VAL C   O    doub N N 364 
VAL C   OXT  sing N N 365 
VAL CB  CG1  sing N N 366 
VAL CB  CG2  sing N N 367 
VAL CB  HB   sing N N 368 
VAL CG1 HG11 sing N N 369 
VAL CG1 HG12 sing N N 370 
VAL CG1 HG13 sing N N 371 
VAL CG2 HG21 sing N N 372 
VAL CG2 HG22 sing N N 373 
VAL CG2 HG23 sing N N 374 
VAL OXT HXT  sing N N 375 
# 
_pdbx_entity_nonpoly.entity_id   3 
_pdbx_entity_nonpoly.name        water 
_pdbx_entity_nonpoly.comp_id     HOH 
# 
_pdbx_initial_refinement_model.id               1 
_pdbx_initial_refinement_model.entity_id_list   ? 
_pdbx_initial_refinement_model.type             'experimental model' 
_pdbx_initial_refinement_model.source_name      PDB 
_pdbx_initial_refinement_model.accession_code   2P1L 
_pdbx_initial_refinement_model.details          'PDB ENTRY 2P1L without Beclin BH3 ligand' 
# 
